data_5DIV
# 
_entry.id   5DIV 
# 
_audit_conform.dict_name       mmcif_pdbx.dic 
_audit_conform.dict_version    5.391 
_audit_conform.dict_location   http://mmcif.pdb.org/dictionaries/ascii/mmcif_pdbx.dic 
# 
loop_
_database_2.database_id 
_database_2.database_code 
_database_2.pdbx_database_accession 
_database_2.pdbx_DOI 
PDB   5DIV         pdb_00005div 10.2210/pdb5div/pdb 
WWPDB D_1000213273 ?            ?                   
# 
loop_
_pdbx_audit_revision_history.ordinal 
_pdbx_audit_revision_history.data_content_type 
_pdbx_audit_revision_history.major_revision 
_pdbx_audit_revision_history.minor_revision 
_pdbx_audit_revision_history.revision_date 
1 'Structure model' 1 0 2016-03-23 
2 'Structure model' 1 1 2016-04-06 
3 'Structure model' 1 2 2024-05-08 
# 
_pdbx_audit_revision_details.ordinal             1 
_pdbx_audit_revision_details.revision_ordinal    1 
_pdbx_audit_revision_details.data_content_type   'Structure model' 
_pdbx_audit_revision_details.provider            repository 
_pdbx_audit_revision_details.type                'Initial release' 
_pdbx_audit_revision_details.description         ? 
_pdbx_audit_revision_details.details             ? 
# 
loop_
_pdbx_audit_revision_group.ordinal 
_pdbx_audit_revision_group.revision_ordinal 
_pdbx_audit_revision_group.data_content_type 
_pdbx_audit_revision_group.group 
1 2 'Structure model' 'Database references' 
2 3 'Structure model' 'Data collection'     
3 3 'Structure model' 'Database references' 
# 
loop_
_pdbx_audit_revision_category.ordinal 
_pdbx_audit_revision_category.revision_ordinal 
_pdbx_audit_revision_category.data_content_type 
_pdbx_audit_revision_category.category 
1 3 'Structure model' chem_comp_atom              
2 3 'Structure model' chem_comp_bond              
3 3 'Structure model' database_2                  
4 3 'Structure model' diffrn_radiation_wavelength 
# 
loop_
_pdbx_audit_revision_item.ordinal 
_pdbx_audit_revision_item.revision_ordinal 
_pdbx_audit_revision_item.data_content_type 
_pdbx_audit_revision_item.item 
1 3 'Structure model' '_database_2.pdbx_DOI'                
2 3 'Structure model' '_database_2.pdbx_database_accession' 
# 
_pdbx_database_status.status_code                     REL 
_pdbx_database_status.status_code_sf                  REL 
_pdbx_database_status.status_code_mr                  ? 
_pdbx_database_status.entry_id                        5DIV 
_pdbx_database_status.recvd_initial_deposition_date   2015-09-01 
_pdbx_database_status.SG_entry                        N 
_pdbx_database_status.deposit_site                    RCSB 
_pdbx_database_status.process_site                    PDBE 
_pdbx_database_status.status_code_cs                  ? 
_pdbx_database_status.methods_development_category    ? 
_pdbx_database_status.pdb_format_compatible           Y 
_pdbx_database_status.status_code_nmr_data            ? 
# 
loop_
_audit_author.name 
_audit_author.pdbx_ordinal 
'Gaali, S.'   1 
'Feng, X.'    2 
'Sippel, C.'  3 
'Bracher, A.' 4 
'Hausch, F.'  5 
# 
_citation.abstract                  ? 
_citation.abstract_id_CAS           ? 
_citation.book_id_ISBN              ? 
_citation.book_publisher            ? 
_citation.book_publisher_city       ? 
_citation.book_title                ? 
_citation.coordinate_linkage        ? 
_citation.country                   US 
_citation.database_id_Medline       ? 
_citation.details                   ? 
_citation.id                        primary 
_citation.journal_abbrev            J.Med.Chem. 
_citation.journal_id_ASTM           JMCMAR 
_citation.journal_id_CSD            0151 
_citation.journal_id_ISSN           0022-2623 
_citation.journal_full              ? 
_citation.journal_issue             ? 
_citation.journal_volume            59 
_citation.language                  ? 
_citation.page_first                2410 
_citation.page_last                 2422 
_citation.title                     
'Rapid, Structure-Based Exploration of Pipecolic Acid Amides as Novel Selective Antagonists of the FK506-Binding Protein 51.' 
_citation.year                      2016 
_citation.database_id_CSD           ? 
_citation.pdbx_database_id_DOI      10.1021/acs.jmedchem.5b01355 
_citation.pdbx_database_id_PubMed   26954324 
_citation.unpublished_flag          ? 
# 
loop_
_citation_author.citation_id 
_citation_author.name 
_citation_author.ordinal 
_citation_author.identifier_ORCID 
primary 'Gaali, S.'   1 ? 
primary 'Feng, X.'    2 ? 
primary 'Hahle, A.'   3 ? 
primary 'Sippel, C.'  4 ? 
primary 'Bracher, A.' 5 ? 
primary 'Hausch, F.'  6 ? 
# 
loop_
_entity.id 
_entity.type 
_entity.src_method 
_entity.pdbx_description 
_entity.formula_weight 
_entity.pdbx_number_of_molecules 
_entity.pdbx_ec 
_entity.pdbx_mutation 
_entity.pdbx_fragment 
_entity.details 
1 polymer     man 'Peptidyl-prolyl cis-trans isomerase FKBP5'                                                                      
13896.964 1  5.2.1.8 'additional N-terminal sequence GAP, cloning artefact, mutation A19T' 'Fk1 domain' ? 
2 non-polymer syn '(2S)-N-(1-carbamoylcyclopentyl)-1-[(2S)-2-cyclohexyl-2-(3,4,5-trimethoxyphenyl)acetyl]piperidine-2-carboxamide' 
529.668   1  ?       ?                                                                     ?            ? 
3 water       nat water                                                                                                            
18.015    63 ?       ?                                                                     ?            ? 
# 
_entity_name_com.entity_id   1 
_entity_name_com.name        
;PPIase FKBP5,51 kDa FK506-binding protein,FKBP-51,54 kDa progesterone receptor-associated immunophilin,Androgen-regulated protein 6,FF1 antigen,FK506-binding protein 5,FKBP-5,FKBP54,p54,HSP90-binding immunophilin,Rotamase
;
# 
_entity_poly.entity_id                      1 
_entity_poly.type                           'polypeptide(L)' 
_entity_poly.nstd_linkage                   no 
_entity_poly.nstd_monomer                   no 
_entity_poly.pdbx_seq_one_letter_code       
;GAPATVTEQGEDITSKKDRGVLKIVKRVGNGEETPMIGDKVYVHYKGKLSNGKKFDSSHDRNEPFVFSLGKGQVIKAWDI
GVATMKKGEICHLLCKPEYAYGSAGSLPKIPSNATLFFEIELLDFKG
;
_entity_poly.pdbx_seq_one_letter_code_can   
;GAPATVTEQGEDITSKKDRGVLKIVKRVGNGEETPMIGDKVYVHYKGKLSNGKKFDSSHDRNEPFVFSLGKGQVIKAWDI
GVATMKKGEICHLLCKPEYAYGSAGSLPKIPSNATLFFEIELLDFKG
;
_entity_poly.pdbx_strand_id                 A 
_entity_poly.pdbx_target_identifier         ? 
# 
loop_
_pdbx_entity_nonpoly.entity_id 
_pdbx_entity_nonpoly.name 
_pdbx_entity_nonpoly.comp_id 
2 '(2S)-N-(1-carbamoylcyclopentyl)-1-[(2S)-2-cyclohexyl-2-(3,4,5-trimethoxyphenyl)acetyl]piperidine-2-carboxamide' 5BH 
3 water                                                                                                            HOH 
# 
loop_
_entity_poly_seq.entity_id 
_entity_poly_seq.num 
_entity_poly_seq.mon_id 
_entity_poly_seq.hetero 
1 1   GLY n 
1 2   ALA n 
1 3   PRO n 
1 4   ALA n 
1 5   THR n 
1 6   VAL n 
1 7   THR n 
1 8   GLU n 
1 9   GLN n 
1 10  GLY n 
1 11  GLU n 
1 12  ASP n 
1 13  ILE n 
1 14  THR n 
1 15  SER n 
1 16  LYS n 
1 17  LYS n 
1 18  ASP n 
1 19  ARG n 
1 20  GLY n 
1 21  VAL n 
1 22  LEU n 
1 23  LYS n 
1 24  ILE n 
1 25  VAL n 
1 26  LYS n 
1 27  ARG n 
1 28  VAL n 
1 29  GLY n 
1 30  ASN n 
1 31  GLY n 
1 32  GLU n 
1 33  GLU n 
1 34  THR n 
1 35  PRO n 
1 36  MET n 
1 37  ILE n 
1 38  GLY n 
1 39  ASP n 
1 40  LYS n 
1 41  VAL n 
1 42  TYR n 
1 43  VAL n 
1 44  HIS n 
1 45  TYR n 
1 46  LYS n 
1 47  GLY n 
1 48  LYS n 
1 49  LEU n 
1 50  SER n 
1 51  ASN n 
1 52  GLY n 
1 53  LYS n 
1 54  LYS n 
1 55  PHE n 
1 56  ASP n 
1 57  SER n 
1 58  SER n 
1 59  HIS n 
1 60  ASP n 
1 61  ARG n 
1 62  ASN n 
1 63  GLU n 
1 64  PRO n 
1 65  PHE n 
1 66  VAL n 
1 67  PHE n 
1 68  SER n 
1 69  LEU n 
1 70  GLY n 
1 71  LYS n 
1 72  GLY n 
1 73  GLN n 
1 74  VAL n 
1 75  ILE n 
1 76  LYS n 
1 77  ALA n 
1 78  TRP n 
1 79  ASP n 
1 80  ILE n 
1 81  GLY n 
1 82  VAL n 
1 83  ALA n 
1 84  THR n 
1 85  MET n 
1 86  LYS n 
1 87  LYS n 
1 88  GLY n 
1 89  GLU n 
1 90  ILE n 
1 91  CYS n 
1 92  HIS n 
1 93  LEU n 
1 94  LEU n 
1 95  CYS n 
1 96  LYS n 
1 97  PRO n 
1 98  GLU n 
1 99  TYR n 
1 100 ALA n 
1 101 TYR n 
1 102 GLY n 
1 103 SER n 
1 104 ALA n 
1 105 GLY n 
1 106 SER n 
1 107 LEU n 
1 108 PRO n 
1 109 LYS n 
1 110 ILE n 
1 111 PRO n 
1 112 SER n 
1 113 ASN n 
1 114 ALA n 
1 115 THR n 
1 116 LEU n 
1 117 PHE n 
1 118 PHE n 
1 119 GLU n 
1 120 ILE n 
1 121 GLU n 
1 122 LEU n 
1 123 LEU n 
1 124 ASP n 
1 125 PHE n 
1 126 LYS n 
1 127 GLY n 
# 
_entity_src_gen.entity_id                          1 
_entity_src_gen.pdbx_src_id                        1 
_entity_src_gen.pdbx_alt_source_flag               sample 
_entity_src_gen.pdbx_seq_type                      'Biological sequence' 
_entity_src_gen.pdbx_beg_seq_num                   1 
_entity_src_gen.pdbx_end_seq_num                   127 
_entity_src_gen.gene_src_common_name               Human 
_entity_src_gen.gene_src_genus                     ? 
_entity_src_gen.pdbx_gene_src_gene                 'FKBP5, AIG6, FKBP51' 
_entity_src_gen.gene_src_species                   ? 
_entity_src_gen.gene_src_strain                    ? 
_entity_src_gen.gene_src_tissue                    ? 
_entity_src_gen.gene_src_tissue_fraction           ? 
_entity_src_gen.gene_src_details                   ? 
_entity_src_gen.pdbx_gene_src_fragment             ? 
_entity_src_gen.pdbx_gene_src_scientific_name      'Homo sapiens' 
_entity_src_gen.pdbx_gene_src_ncbi_taxonomy_id     9606 
_entity_src_gen.pdbx_gene_src_variant              ? 
_entity_src_gen.pdbx_gene_src_cell_line            ? 
_entity_src_gen.pdbx_gene_src_atcc                 ? 
_entity_src_gen.pdbx_gene_src_organ                ? 
_entity_src_gen.pdbx_gene_src_organelle            ? 
_entity_src_gen.pdbx_gene_src_cell                 ? 
_entity_src_gen.pdbx_gene_src_cellular_location    ? 
_entity_src_gen.host_org_common_name               ? 
_entity_src_gen.pdbx_host_org_scientific_name      'Escherichia coli BL21(DE3)' 
_entity_src_gen.pdbx_host_org_ncbi_taxonomy_id     469008 
_entity_src_gen.host_org_genus                     ? 
_entity_src_gen.pdbx_host_org_gene                 ? 
_entity_src_gen.pdbx_host_org_organ                ? 
_entity_src_gen.host_org_species                   ? 
_entity_src_gen.pdbx_host_org_tissue               ? 
_entity_src_gen.pdbx_host_org_tissue_fraction      ? 
_entity_src_gen.pdbx_host_org_strain               ? 
_entity_src_gen.pdbx_host_org_variant              'codon+ RIL' 
_entity_src_gen.pdbx_host_org_cell_line            ? 
_entity_src_gen.pdbx_host_org_atcc                 ? 
_entity_src_gen.pdbx_host_org_culture_collection   ? 
_entity_src_gen.pdbx_host_org_cell                 ? 
_entity_src_gen.pdbx_host_org_organelle            ? 
_entity_src_gen.pdbx_host_org_cellular_location    ? 
_entity_src_gen.pdbx_host_org_vector_type          plasmid 
_entity_src_gen.pdbx_host_org_vector               ? 
_entity_src_gen.host_org_details                   ? 
_entity_src_gen.expression_system_id               ? 
_entity_src_gen.plasmid_name                       pProEx-HtB 
_entity_src_gen.plasmid_details                    ? 
_entity_src_gen.pdbx_description                   ? 
# 
loop_
_chem_comp.id 
_chem_comp.type 
_chem_comp.mon_nstd_flag 
_chem_comp.name 
_chem_comp.pdbx_synonyms 
_chem_comp.formula 
_chem_comp.formula_weight 
5BH non-polymer         . 
'(2S)-N-(1-carbamoylcyclopentyl)-1-[(2S)-2-cyclohexyl-2-(3,4,5-trimethoxyphenyl)acetyl]piperidine-2-carboxamide' ? 'C29 H43 N3 O6' 
529.668 
ALA 'L-peptide linking' y ALANINE ? 'C3 H7 N O2'     89.093  
ARG 'L-peptide linking' y ARGININE ? 'C6 H15 N4 O2 1' 175.209 
ASN 'L-peptide linking' y ASPARAGINE ? 'C4 H8 N2 O3'    132.118 
ASP 'L-peptide linking' y 'ASPARTIC ACID' ? 'C4 H7 N O4'     133.103 
CYS 'L-peptide linking' y CYSTEINE ? 'C3 H7 N O2 S'   121.158 
GLN 'L-peptide linking' y GLUTAMINE ? 'C5 H10 N2 O3'   146.144 
GLU 'L-peptide linking' y 'GLUTAMIC ACID' ? 'C5 H9 N O4'     147.129 
GLY 'peptide linking'   y GLYCINE ? 'C2 H5 N O2'     75.067  
HIS 'L-peptide linking' y HISTIDINE ? 'C6 H10 N3 O2 1' 156.162 
HOH non-polymer         . WATER ? 'H2 O'           18.015  
ILE 'L-peptide linking' y ISOLEUCINE ? 'C6 H13 N O2'    131.173 
LEU 'L-peptide linking' y LEUCINE ? 'C6 H13 N O2'    131.173 
LYS 'L-peptide linking' y LYSINE ? 'C6 H15 N2 O2 1' 147.195 
MET 'L-peptide linking' y METHIONINE ? 'C5 H11 N O2 S'  149.211 
PHE 'L-peptide linking' y PHENYLALANINE ? 'C9 H11 N O2'    165.189 
PRO 'L-peptide linking' y PROLINE ? 'C5 H9 N O2'     115.130 
SER 'L-peptide linking' y SERINE ? 'C3 H7 N O3'     105.093 
THR 'L-peptide linking' y THREONINE ? 'C4 H9 N O3'     119.119 
TRP 'L-peptide linking' y TRYPTOPHAN ? 'C11 H12 N2 O2'  204.225 
TYR 'L-peptide linking' y TYROSINE ? 'C9 H11 N O3'    181.189 
VAL 'L-peptide linking' y VALINE ? 'C5 H11 N O2'    117.146 
# 
loop_
_pdbx_poly_seq_scheme.asym_id 
_pdbx_poly_seq_scheme.entity_id 
_pdbx_poly_seq_scheme.seq_id 
_pdbx_poly_seq_scheme.mon_id 
_pdbx_poly_seq_scheme.ndb_seq_num 
_pdbx_poly_seq_scheme.pdb_seq_num 
_pdbx_poly_seq_scheme.auth_seq_num 
_pdbx_poly_seq_scheme.pdb_mon_id 
_pdbx_poly_seq_scheme.auth_mon_id 
_pdbx_poly_seq_scheme.pdb_strand_id 
_pdbx_poly_seq_scheme.pdb_ins_code 
_pdbx_poly_seq_scheme.hetero 
A 1 1   GLY 1   13  13  GLY GLY A . n 
A 1 2   ALA 2   14  14  ALA ALA A . n 
A 1 3   PRO 3   15  15  PRO PRO A . n 
A 1 4   ALA 4   16  16  ALA ALA A . n 
A 1 5   THR 5   17  17  THR THR A . n 
A 1 6   VAL 6   18  18  VAL VAL A . n 
A 1 7   THR 7   19  19  THR THR A . n 
A 1 8   GLU 8   20  20  GLU GLU A . n 
A 1 9   GLN 9   21  21  GLN GLN A . n 
A 1 10  GLY 10  22  22  GLY GLY A . n 
A 1 11  GLU 11  23  23  GLU GLU A . n 
A 1 12  ASP 12  24  24  ASP ASP A . n 
A 1 13  ILE 13  25  25  ILE ILE A . n 
A 1 14  THR 14  26  26  THR THR A . n 
A 1 15  SER 15  27  27  SER SER A . n 
A 1 16  LYS 16  28  28  LYS LYS A . n 
A 1 17  LYS 17  29  29  LYS LYS A . n 
A 1 18  ASP 18  30  30  ASP ASP A . n 
A 1 19  ARG 19  31  31  ARG ARG A . n 
A 1 20  GLY 20  32  32  GLY GLY A . n 
A 1 21  VAL 21  33  33  VAL VAL A . n 
A 1 22  LEU 22  34  34  LEU LEU A . n 
A 1 23  LYS 23  35  35  LYS LYS A . n 
A 1 24  ILE 24  36  36  ILE ILE A . n 
A 1 25  VAL 25  37  37  VAL VAL A . n 
A 1 26  LYS 26  38  38  LYS LYS A . n 
A 1 27  ARG 27  39  39  ARG ARG A . n 
A 1 28  VAL 28  40  40  VAL VAL A . n 
A 1 29  GLY 29  41  41  GLY GLY A . n 
A 1 30  ASN 30  42  42  ASN ASN A . n 
A 1 31  GLY 31  43  43  GLY GLY A . n 
A 1 32  GLU 32  44  44  GLU GLU A . n 
A 1 33  GLU 33  45  45  GLU GLU A . n 
A 1 34  THR 34  46  46  THR THR A . n 
A 1 35  PRO 35  47  47  PRO PRO A . n 
A 1 36  MET 36  48  48  MET MET A . n 
A 1 37  ILE 37  49  49  ILE ILE A . n 
A 1 38  GLY 38  50  50  GLY GLY A . n 
A 1 39  ASP 39  51  51  ASP ASP A . n 
A 1 40  LYS 40  52  52  LYS LYS A . n 
A 1 41  VAL 41  53  53  VAL VAL A . n 
A 1 42  TYR 42  54  54  TYR TYR A . n 
A 1 43  VAL 43  55  55  VAL VAL A . n 
A 1 44  HIS 44  56  56  HIS HIS A . n 
A 1 45  TYR 45  57  57  TYR TYR A . n 
A 1 46  LYS 46  58  58  LYS LYS A . n 
A 1 47  GLY 47  59  59  GLY GLY A . n 
A 1 48  LYS 48  60  60  LYS LYS A . n 
A 1 49  LEU 49  61  61  LEU LEU A . n 
A 1 50  SER 50  62  62  SER SER A . n 
A 1 51  ASN 51  63  63  ASN ASN A . n 
A 1 52  GLY 52  64  64  GLY GLY A . n 
A 1 53  LYS 53  65  65  LYS LYS A . n 
A 1 54  LYS 54  66  66  LYS LYS A . n 
A 1 55  PHE 55  67  67  PHE PHE A . n 
A 1 56  ASP 56  68  68  ASP ASP A . n 
A 1 57  SER 57  69  69  SER SER A . n 
A 1 58  SER 58  70  70  SER SER A . n 
A 1 59  HIS 59  71  71  HIS HIS A . n 
A 1 60  ASP 60  72  72  ASP ALA A . n 
A 1 61  ARG 61  73  73  ARG ARG A . n 
A 1 62  ASN 62  74  74  ASN ALA A . n 
A 1 63  GLU 63  75  75  GLU GLU A . n 
A 1 64  PRO 64  76  76  PRO PRO A . n 
A 1 65  PHE 65  77  77  PHE PHE A . n 
A 1 66  VAL 66  78  78  VAL VAL A . n 
A 1 67  PHE 67  79  79  PHE PHE A . n 
A 1 68  SER 68  80  80  SER SER A . n 
A 1 69  LEU 69  81  81  LEU LEU A . n 
A 1 70  GLY 70  82  82  GLY GLY A . n 
A 1 71  LYS 71  83  83  LYS LYS A . n 
A 1 72  GLY 72  84  84  GLY GLY A . n 
A 1 73  GLN 73  85  85  GLN GLN A . n 
A 1 74  VAL 74  86  86  VAL VAL A . n 
A 1 75  ILE 75  87  87  ILE ILE A . n 
A 1 76  LYS 76  88  88  LYS LYS A . n 
A 1 77  ALA 77  89  89  ALA ALA A . n 
A 1 78  TRP 78  90  90  TRP TRP A . n 
A 1 79  ASP 79  91  91  ASP ASP A . n 
A 1 80  ILE 80  92  92  ILE ILE A . n 
A 1 81  GLY 81  93  93  GLY GLY A . n 
A 1 82  VAL 82  94  94  VAL VAL A . n 
A 1 83  ALA 83  95  95  ALA ALA A . n 
A 1 84  THR 84  96  96  THR THR A . n 
A 1 85  MET 85  97  97  MET MET A . n 
A 1 86  LYS 86  98  98  LYS LYS A . n 
A 1 87  LYS 87  99  99  LYS LYS A . n 
A 1 88  GLY 88  100 100 GLY GLY A . n 
A 1 89  GLU 89  101 101 GLU GLU A . n 
A 1 90  ILE 90  102 102 ILE ILE A . n 
A 1 91  CYS 91  103 103 CYS CYS A . n 
A 1 92  HIS 92  104 104 HIS HIS A . n 
A 1 93  LEU 93  105 105 LEU LEU A . n 
A 1 94  LEU 94  106 106 LEU LEU A . n 
A 1 95  CYS 95  107 107 CYS CYS A . n 
A 1 96  LYS 96  108 108 LYS LYS A . n 
A 1 97  PRO 97  109 109 PRO PRO A . n 
A 1 98  GLU 98  110 110 GLU GLU A . n 
A 1 99  TYR 99  111 111 TYR TYR A . n 
A 1 100 ALA 100 112 112 ALA ALA A . n 
A 1 101 TYR 101 113 113 TYR TYR A . n 
A 1 102 GLY 102 114 114 GLY GLY A . n 
A 1 103 SER 103 115 115 SER SER A . n 
A 1 104 ALA 104 116 116 ALA ALA A . n 
A 1 105 GLY 105 117 117 GLY GLY A . n 
A 1 106 SER 106 118 118 SER SER A . n 
A 1 107 LEU 107 119 119 LEU LEU A . n 
A 1 108 PRO 108 120 120 PRO PRO A . n 
A 1 109 LYS 109 121 121 LYS LYS A . n 
A 1 110 ILE 110 122 122 ILE ILE A . n 
A 1 111 PRO 111 123 123 PRO PRO A . n 
A 1 112 SER 112 124 124 SER SER A . n 
A 1 113 ASN 113 125 125 ASN ASN A . n 
A 1 114 ALA 114 126 126 ALA ALA A . n 
A 1 115 THR 115 127 127 THR THR A . n 
A 1 116 LEU 116 128 128 LEU LEU A . n 
A 1 117 PHE 117 129 129 PHE PHE A . n 
A 1 118 PHE 118 130 130 PHE PHE A . n 
A 1 119 GLU 119 131 131 GLU GLU A . n 
A 1 120 ILE 120 132 132 ILE ILE A . n 
A 1 121 GLU 121 133 133 GLU GLU A . n 
A 1 122 LEU 122 134 134 LEU LEU A . n 
A 1 123 LEU 123 135 135 LEU LEU A . n 
A 1 124 ASP 124 136 136 ASP ASP A . n 
A 1 125 PHE 125 137 137 PHE PHE A . n 
A 1 126 LYS 126 138 138 LYS LYS A . n 
A 1 127 GLY 127 139 139 GLY GLY A . n 
# 
loop_
_pdbx_nonpoly_scheme.asym_id 
_pdbx_nonpoly_scheme.entity_id 
_pdbx_nonpoly_scheme.mon_id 
_pdbx_nonpoly_scheme.ndb_seq_num 
_pdbx_nonpoly_scheme.pdb_seq_num 
_pdbx_nonpoly_scheme.auth_seq_num 
_pdbx_nonpoly_scheme.pdb_mon_id 
_pdbx_nonpoly_scheme.auth_mon_id 
_pdbx_nonpoly_scheme.pdb_strand_id 
_pdbx_nonpoly_scheme.pdb_ins_code 
B 2 5BH 1  201 1  5BH DRG A . 
C 3 HOH 1  301 47 HOH HOH A . 
C 3 HOH 2  302 34 HOH HOH A . 
C 3 HOH 3  303 46 HOH HOH A . 
C 3 HOH 4  304 22 HOH HOH A . 
C 3 HOH 5  305 26 HOH HOH A . 
C 3 HOH 6  306 20 HOH HOH A . 
C 3 HOH 7  307 11 HOH HOH A . 
C 3 HOH 8  308 2  HOH HOH A . 
C 3 HOH 9  309 8  HOH HOH A . 
C 3 HOH 10 310 37 HOH HOH A . 
C 3 HOH 11 311 41 HOH HOH A . 
C 3 HOH 12 312 30 HOH HOH A . 
C 3 HOH 13 313 4  HOH HOH A . 
C 3 HOH 14 314 40 HOH HOH A . 
C 3 HOH 15 315 55 HOH HOH A . 
C 3 HOH 16 316 14 HOH HOH A . 
C 3 HOH 17 317 3  HOH HOH A . 
C 3 HOH 18 318 6  HOH HOH A . 
C 3 HOH 19 319 60 HOH HOH A . 
C 3 HOH 20 320 1  HOH HOH A . 
C 3 HOH 21 321 57 HOH HOH A . 
C 3 HOH 22 322 51 HOH HOH A . 
C 3 HOH 23 323 48 HOH HOH A . 
C 3 HOH 24 324 15 HOH HOH A . 
C 3 HOH 25 325 7  HOH HOH A . 
C 3 HOH 26 326 5  HOH HOH A . 
C 3 HOH 27 327 38 HOH HOH A . 
C 3 HOH 28 328 12 HOH HOH A . 
C 3 HOH 29 329 31 HOH HOH A . 
C 3 HOH 30 330 21 HOH HOH A . 
C 3 HOH 31 331 29 HOH HOH A . 
C 3 HOH 32 332 23 HOH HOH A . 
C 3 HOH 33 333 18 HOH HOH A . 
C 3 HOH 34 334 33 HOH HOH A . 
C 3 HOH 35 335 9  HOH HOH A . 
C 3 HOH 36 336 19 HOH HOH A . 
C 3 HOH 37 337 28 HOH HOH A . 
C 3 HOH 38 338 42 HOH HOH A . 
C 3 HOH 39 339 43 HOH HOH A . 
C 3 HOH 40 340 52 HOH HOH A . 
C 3 HOH 41 341 58 HOH HOH A . 
C 3 HOH 42 342 39 HOH HOH A . 
C 3 HOH 43 343 27 HOH HOH A . 
C 3 HOH 44 344 56 HOH HOH A . 
C 3 HOH 45 345 13 HOH HOH A . 
C 3 HOH 46 346 10 HOH HOH A . 
C 3 HOH 47 347 25 HOH HOH A . 
C 3 HOH 48 348 50 HOH HOH A . 
C 3 HOH 49 349 35 HOH HOH A . 
C 3 HOH 50 350 53 HOH HOH A . 
C 3 HOH 51 351 61 HOH HOH A . 
C 3 HOH 52 352 32 HOH HOH A . 
C 3 HOH 53 353 59 HOH HOH A . 
C 3 HOH 54 354 16 HOH HOH A . 
C 3 HOH 55 355 36 HOH HOH A . 
C 3 HOH 56 356 49 HOH HOH A . 
C 3 HOH 57 357 54 HOH HOH A . 
C 3 HOH 58 358 17 HOH HOH A . 
C 3 HOH 59 359 24 HOH HOH A . 
C 3 HOH 60 360 44 HOH HOH A . 
C 3 HOH 61 361 45 HOH HOH A . 
C 3 HOH 62 362 63 HOH HOH A . 
C 3 HOH 63 363 62 HOH HOH A . 
# 
loop_
_pdbx_unobs_or_zero_occ_atoms.id 
_pdbx_unobs_or_zero_occ_atoms.PDB_model_num 
_pdbx_unobs_or_zero_occ_atoms.polymer_flag 
_pdbx_unobs_or_zero_occ_atoms.occupancy_flag 
_pdbx_unobs_or_zero_occ_atoms.auth_asym_id 
_pdbx_unobs_or_zero_occ_atoms.auth_comp_id 
_pdbx_unobs_or_zero_occ_atoms.auth_seq_id 
_pdbx_unobs_or_zero_occ_atoms.PDB_ins_code 
_pdbx_unobs_or_zero_occ_atoms.auth_atom_id 
_pdbx_unobs_or_zero_occ_atoms.label_alt_id 
_pdbx_unobs_or_zero_occ_atoms.label_asym_id 
_pdbx_unobs_or_zero_occ_atoms.label_comp_id 
_pdbx_unobs_or_zero_occ_atoms.label_seq_id 
_pdbx_unobs_or_zero_occ_atoms.label_atom_id 
1  1 Y 1 A LYS 65 ? CG  ? A LYS 53 CG  
2  1 Y 1 A LYS 65 ? CD  ? A LYS 53 CD  
3  1 Y 1 A LYS 65 ? CE  ? A LYS 53 CE  
4  1 Y 1 A LYS 65 ? NZ  ? A LYS 53 NZ  
5  1 Y 1 A ASP 72 ? CG  ? A ASP 60 CG  
6  1 Y 1 A ASP 72 ? OD1 ? A ASP 60 OD1 
7  1 Y 1 A ASP 72 ? OD2 ? A ASP 60 OD2 
8  1 Y 1 A ASN 74 ? CG  ? A ASN 62 CG  
9  1 Y 1 A ASN 74 ? OD1 ? A ASN 62 OD1 
10 1 Y 1 A ASN 74 ? ND2 ? A ASN 62 ND2 
# 
loop_
_software.citation_id 
_software.classification 
_software.compiler_name 
_software.compiler_version 
_software.contact_author 
_software.contact_author_email 
_software.date 
_software.description 
_software.dependencies 
_software.hardware 
_software.language 
_software.location 
_software.mods 
_software.name 
_software.os 
_software.os_version 
_software.type 
_software.version 
_software.pdbx_ordinal 
? 'data scaling'    ? ? ? ? ? ? ? ? ? ? ? Aimless     ? ? ? 0.1.27             1 
? phasing           ? ? ? ? ? ? ? ? ? ? ? MOLREP      ? ? ? 11.0.05            2 
? refinement        ? ? ? ? ? ? ? ? ? ? ? REFMAC      ? ? ? 5.7.0029           3 
? 'data extraction' ? ? ? ? ? ? ? ? ? ? ? PDB_EXTRACT ? ? ? 3.15               4 
? 'data reduction'  ? ? ? ? ? ? ? ? ? ? ? XDS         ? ? ? 'January 10, 2014' 5 
# 
_cell.angle_alpha                  90.000 
_cell.angle_alpha_esd              ? 
_cell.angle_beta                   90.000 
_cell.angle_beta_esd               ? 
_cell.angle_gamma                  120.000 
_cell.angle_gamma_esd              ? 
_cell.entry_id                     5DIV 
_cell.details                      ? 
_cell.formula_units_Z              ? 
_cell.length_a                     82.160 
_cell.length_a_esd                 ? 
_cell.length_b                     82.160 
_cell.length_b_esd                 ? 
_cell.length_c                     50.194 
_cell.length_c_esd                 ? 
_cell.volume                       ? 
_cell.volume_esd                   ? 
_cell.Z_PDB                        6 
_cell.reciprocal_angle_alpha       ? 
_cell.reciprocal_angle_beta        ? 
_cell.reciprocal_angle_gamma       ? 
_cell.reciprocal_angle_alpha_esd   ? 
_cell.reciprocal_angle_beta_esd    ? 
_cell.reciprocal_angle_gamma_esd   ? 
_cell.reciprocal_length_a          ? 
_cell.reciprocal_length_b          ? 
_cell.reciprocal_length_c          ? 
_cell.reciprocal_length_a_esd      ? 
_cell.reciprocal_length_b_esd      ? 
_cell.reciprocal_length_c_esd      ? 
_cell.pdbx_unique_axis             ? 
# 
_symmetry.entry_id                         5DIV 
_symmetry.cell_setting                     ? 
_symmetry.Int_Tables_number                173 
_symmetry.space_group_name_Hall            ? 
_symmetry.space_group_name_H-M             'P 63' 
_symmetry.pdbx_full_space_group_name_H-M   ? 
# 
_exptl.absorpt_coefficient_mu     ? 
_exptl.absorpt_correction_T_max   ? 
_exptl.absorpt_correction_T_min   ? 
_exptl.absorpt_correction_type    ? 
_exptl.absorpt_process_details    ? 
_exptl.entry_id                   5DIV 
_exptl.crystals_number            1 
_exptl.details                    ? 
_exptl.method                     'X-RAY DIFFRACTION' 
_exptl.method_details             ? 
# 
_exptl_crystal.colour                      ? 
_exptl_crystal.density_diffrn              ? 
_exptl_crystal.density_Matthews            3.54 
_exptl_crystal.density_method              ? 
_exptl_crystal.density_percent_sol         65.27 
_exptl_crystal.description                 ? 
_exptl_crystal.F_000                       ? 
_exptl_crystal.id                          1 
_exptl_crystal.preparation                 ? 
_exptl_crystal.size_max                    ? 
_exptl_crystal.size_mid                    ? 
_exptl_crystal.size_min                    ? 
_exptl_crystal.size_rad                    ? 
_exptl_crystal.colour_lustre               ? 
_exptl_crystal.colour_modifier             ? 
_exptl_crystal.colour_primary              ? 
_exptl_crystal.density_meas                ? 
_exptl_crystal.density_meas_esd            ? 
_exptl_crystal.density_meas_gt             ? 
_exptl_crystal.density_meas_lt             ? 
_exptl_crystal.density_meas_temp           ? 
_exptl_crystal.density_meas_temp_esd       ? 
_exptl_crystal.density_meas_temp_gt        ? 
_exptl_crystal.density_meas_temp_lt        ? 
_exptl_crystal.pdbx_crystal_image_url      ? 
_exptl_crystal.pdbx_crystal_image_format   ? 
_exptl_crystal.pdbx_mosaicity              ? 
_exptl_crystal.pdbx_mosaicity_esd          ? 
# 
_exptl_crystal_grow.apparatus       ? 
_exptl_crystal_grow.atmosphere      ? 
_exptl_crystal_grow.crystal_id      1 
_exptl_crystal_grow.details         ? 
_exptl_crystal_grow.method          'VAPOR DIFFUSION, HANGING DROP' 
_exptl_crystal_grow.method_ref      ? 
_exptl_crystal_grow.pH              7.5 
_exptl_crystal_grow.pressure        ? 
_exptl_crystal_grow.pressure_esd    ? 
_exptl_crystal_grow.seeding         ? 
_exptl_crystal_grow.seeding_ref     ? 
_exptl_crystal_grow.temp            293 
_exptl_crystal_grow.temp_details    ? 
_exptl_crystal_grow.temp_esd        ? 
_exptl_crystal_grow.time            ? 
_exptl_crystal_grow.pdbx_details    '16 % PEG-3350, 0.2 M NH4-acetate and 0.1 M HEPES-NaOH pH 7.5' 
_exptl_crystal_grow.pdbx_pH_range   ? 
# 
_diffrn.ambient_environment    ? 
_diffrn.ambient_temp           100 
_diffrn.ambient_temp_details   ? 
_diffrn.ambient_temp_esd       ? 
_diffrn.crystal_id             1 
_diffrn.crystal_support        ? 
_diffrn.crystal_treatment      ? 
_diffrn.details                ? 
_diffrn.id                     1 
_diffrn.ambient_pressure       ? 
_diffrn.ambient_pressure_esd   ? 
_diffrn.ambient_pressure_gt    ? 
_diffrn.ambient_pressure_lt    ? 
_diffrn.ambient_temp_gt        ? 
_diffrn.ambient_temp_lt        ? 
# 
_diffrn_detector.details                      ? 
_diffrn_detector.detector                     PIXEL 
_diffrn_detector.diffrn_id                    1 
_diffrn_detector.type                         'DECTRIS PILATUS 6M' 
_diffrn_detector.area_resol_mean              ? 
_diffrn_detector.dtime                        ? 
_diffrn_detector.pdbx_frames_total            ? 
_diffrn_detector.pdbx_collection_time_total   ? 
_diffrn_detector.pdbx_collection_date         2014-07-14 
# 
_diffrn_radiation.collimation                      ? 
_diffrn_radiation.diffrn_id                        1 
_diffrn_radiation.filter_edge                      ? 
_diffrn_radiation.inhomogeneity                    ? 
_diffrn_radiation.monochromator                    ? 
_diffrn_radiation.polarisn_norm                    ? 
_diffrn_radiation.polarisn_ratio                   ? 
_diffrn_radiation.probe                            ? 
_diffrn_radiation.type                             ? 
_diffrn_radiation.xray_symbol                      ? 
_diffrn_radiation.wavelength_id                    1 
_diffrn_radiation.pdbx_monochromatic_or_laue_m_l   M 
_diffrn_radiation.pdbx_wavelength_list             ? 
_diffrn_radiation.pdbx_wavelength                  ? 
_diffrn_radiation.pdbx_diffrn_protocol             'SINGLE WAVELENGTH' 
_diffrn_radiation.pdbx_analyzer                    ? 
_diffrn_radiation.pdbx_scattering_type             x-ray 
# 
_diffrn_radiation_wavelength.id           1 
_diffrn_radiation_wavelength.wavelength   0.97895 
_diffrn_radiation_wavelength.wt           1.0 
# 
_diffrn_source.current                     ? 
_diffrn_source.details                     ? 
_diffrn_source.diffrn_id                   1 
_diffrn_source.power                       ? 
_diffrn_source.size                        ? 
_diffrn_source.source                      SYNCHROTRON 
_diffrn_source.target                      ? 
_diffrn_source.type                        'ESRF BEAMLINE ID29' 
_diffrn_source.voltage                     ? 
_diffrn_source.take-off_angle              ? 
_diffrn_source.pdbx_wavelength_list        0.97895 
_diffrn_source.pdbx_wavelength             ? 
_diffrn_source.pdbx_synchrotron_beamline   ID29 
_diffrn_source.pdbx_synchrotron_site       ESRF 
# 
_reflns.B_iso_Wilson_estimate            ? 
_reflns.entry_id                         5DIV 
_reflns.data_reduction_details           ? 
_reflns.data_reduction_method            ? 
_reflns.d_resolution_high                1.650 
_reflns.d_resolution_low                 41.080 
_reflns.details                          ? 
_reflns.limit_h_max                      ? 
_reflns.limit_h_min                      ? 
_reflns.limit_k_max                      ? 
_reflns.limit_k_min                      ? 
_reflns.limit_l_max                      ? 
_reflns.limit_l_min                      ? 
_reflns.number_all                       ? 
_reflns.number_obs                       23142 
_reflns.observed_criterion               ? 
_reflns.observed_criterion_F_max         ? 
_reflns.observed_criterion_F_min         ? 
_reflns.observed_criterion_I_max         ? 
_reflns.observed_criterion_I_min         ? 
_reflns.observed_criterion_sigma_F       ? 
_reflns.observed_criterion_sigma_I       ? 
_reflns.percent_possible_obs             99.100 
_reflns.R_free_details                   ? 
_reflns.Rmerge_F_all                     ? 
_reflns.Rmerge_F_obs                     ? 
_reflns.Friedel_coverage                 ? 
_reflns.number_gt                        ? 
_reflns.threshold_expression             ? 
_reflns.pdbx_redundancy                  4.800 
_reflns.pdbx_Rmerge_I_obs                0.077 
_reflns.pdbx_Rmerge_I_all                ? 
_reflns.pdbx_Rsym_value                  ? 
_reflns.pdbx_netI_over_av_sigmaI         ? 
_reflns.pdbx_netI_over_sigmaI            12.100 
_reflns.pdbx_res_netI_over_av_sigmaI_2   ? 
_reflns.pdbx_res_netI_over_sigmaI_2      ? 
_reflns.pdbx_chi_squared                 ? 
_reflns.pdbx_scaling_rejects             ? 
_reflns.pdbx_d_res_high_opt              ? 
_reflns.pdbx_d_res_low_opt               ? 
_reflns.pdbx_d_res_opt_method            ? 
_reflns.phase_calculation_details        ? 
_reflns.pdbx_Rrim_I_all                  ? 
_reflns.pdbx_Rpim_I_all                  0.038 
_reflns.pdbx_d_opt                       ? 
_reflns.pdbx_number_measured_all         111865 
_reflns.pdbx_diffrn_id                   1 
_reflns.pdbx_ordinal                     1 
_reflns.pdbx_CC_half                     0.998 
_reflns.pdbx_R_split                     ? 
# 
loop_
_reflns_shell.d_res_high 
_reflns_shell.d_res_low 
_reflns_shell.meanI_over_sigI_all 
_reflns_shell.meanI_over_sigI_obs 
_reflns_shell.number_measured_all 
_reflns_shell.number_measured_obs 
_reflns_shell.number_possible 
_reflns_shell.number_unique_all 
_reflns_shell.number_unique_obs 
_reflns_shell.percent_possible_all 
_reflns_shell.percent_possible_obs 
_reflns_shell.Rmerge_F_all 
_reflns_shell.Rmerge_F_obs 
_reflns_shell.Rmerge_I_all 
_reflns_shell.Rmerge_I_obs 
_reflns_shell.meanI_over_sigI_gt 
_reflns_shell.meanI_over_uI_all 
_reflns_shell.meanI_over_uI_gt 
_reflns_shell.number_measured_gt 
_reflns_shell.number_unique_gt 
_reflns_shell.percent_possible_gt 
_reflns_shell.Rmerge_F_gt 
_reflns_shell.Rmerge_I_gt 
_reflns_shell.pdbx_redundancy 
_reflns_shell.pdbx_Rsym_value 
_reflns_shell.pdbx_chi_squared 
_reflns_shell.pdbx_netI_over_sigmaI_all 
_reflns_shell.pdbx_netI_over_sigmaI_obs 
_reflns_shell.pdbx_Rrim_I_all 
_reflns_shell.pdbx_Rpim_I_all 
_reflns_shell.pdbx_rejects 
_reflns_shell.pdbx_ordinal 
_reflns_shell.pdbx_diffrn_id 
_reflns_shell.pdbx_CC_half 
_reflns_shell.pdbx_R_split 
1.650 1.680  ? 1.300  3118 ? ? 1031 ? 89.600 ? ? ? ? 0.922 ? ? ? ? ? ? ? ? 3.000 ? ? ? ? ? 0.577 0 1 1 0.559 ? 
9.040 41.080 ? 32.100 771  ? ? 151  ? 97.100 ? ? ? ? 0.049 ? ? ? ? ? ? ? ? 5.100 ? ? ? ? ? 0.024 0 2 1 0.997 ? 
# 
_refine.aniso_B[1][1]                            0.4500 
_refine.aniso_B[1][2]                            0.4500 
_refine.aniso_B[1][3]                            -0.0000 
_refine.aniso_B[2][2]                            0.4500 
_refine.aniso_B[2][3]                            -0.0000 
_refine.aniso_B[3][3]                            -1.4600 
_refine.B_iso_max                                59.110 
_refine.B_iso_mean                               26.3660 
_refine.B_iso_min                                13.210 
_refine.correlation_coeff_Fo_to_Fc               0.9170 
_refine.correlation_coeff_Fo_to_Fc_free          0.8950 
_refine.details                                  
'HYDROGENS HAVE BEEN ADDED IN THE RIDING POSITIONS U VALUES      : REFINED INDIVIDUALLY' 
_refine.diff_density_max                         ? 
_refine.diff_density_max_esd                     ? 
_refine.diff_density_min                         ? 
_refine.diff_density_min_esd                     ? 
_refine.diff_density_rms                         ? 
_refine.diff_density_rms_esd                     ? 
_refine.entry_id                                 5DIV 
_refine.pdbx_refine_id                           'X-RAY DIFFRACTION' 
_refine.ls_abs_structure_details                 ? 
_refine.ls_abs_structure_Flack                   ? 
_refine.ls_abs_structure_Flack_esd               ? 
_refine.ls_abs_structure_Rogers                  ? 
_refine.ls_abs_structure_Rogers_esd              ? 
_refine.ls_d_res_high                            1.6500 
_refine.ls_d_res_low                             30.0000 
_refine.ls_extinction_coef                       ? 
_refine.ls_extinction_coef_esd                   ? 
_refine.ls_extinction_expression                 ? 
_refine.ls_extinction_method                     ? 
_refine.ls_goodness_of_fit_all                   ? 
_refine.ls_goodness_of_fit_all_esd               ? 
_refine.ls_goodness_of_fit_obs                   ? 
_refine.ls_goodness_of_fit_obs_esd               ? 
_refine.ls_hydrogen_treatment                    ? 
_refine.ls_matrix_type                           ? 
_refine.ls_number_constraints                    ? 
_refine.ls_number_parameters                     ? 
_refine.ls_number_reflns_all                     ? 
_refine.ls_number_reflns_obs                     21944 
_refine.ls_number_reflns_R_free                  1193 
_refine.ls_number_reflns_R_work                  ? 
_refine.ls_number_restraints                     ? 
_refine.ls_percent_reflns_obs                    98.9800 
_refine.ls_percent_reflns_R_free                 5.2000 
_refine.ls_R_factor_all                          ? 
_refine.ls_R_factor_obs                          0.2626 
_refine.ls_R_factor_R_free                       0.2967 
_refine.ls_R_factor_R_free_error                 ? 
_refine.ls_R_factor_R_free_error_details         ? 
_refine.ls_R_factor_R_work                       0.2608 
_refine.ls_R_Fsqd_factor_obs                     ? 
_refine.ls_R_I_factor_obs                        ? 
_refine.ls_redundancy_reflns_all                 ? 
_refine.ls_redundancy_reflns_obs                 ? 
_refine.ls_restrained_S_all                      ? 
_refine.ls_restrained_S_obs                      ? 
_refine.ls_shift_over_esd_max                    ? 
_refine.ls_shift_over_esd_mean                   ? 
_refine.ls_structure_factor_coef                 ? 
_refine.ls_weighting_details                     ? 
_refine.ls_weighting_scheme                      ? 
_refine.ls_wR_factor_all                         ? 
_refine.ls_wR_factor_obs                         ? 
_refine.ls_wR_factor_R_free                      0.3071 
_refine.ls_wR_factor_R_work                      0.2682 
_refine.occupancy_max                            ? 
_refine.occupancy_min                            ? 
_refine.solvent_model_details                    MASK 
_refine.solvent_model_param_bsol                 ? 
_refine.solvent_model_param_ksol                 ? 
_refine.ls_R_factor_gt                           ? 
_refine.ls_goodness_of_fit_gt                    ? 
_refine.ls_goodness_of_fit_ref                   ? 
_refine.ls_shift_over_su_max                     ? 
_refine.ls_shift_over_su_max_lt                  ? 
_refine.ls_shift_over_su_mean                    ? 
_refine.ls_shift_over_su_mean_lt                 ? 
_refine.pdbx_ls_sigma_I                          ? 
_refine.pdbx_ls_sigma_F                          0.000 
_refine.pdbx_ls_sigma_Fsqd                       ? 
_refine.pdbx_data_cutoff_high_absF               ? 
_refine.pdbx_data_cutoff_high_rms_absF           ? 
_refine.pdbx_data_cutoff_low_absF                ? 
_refine.pdbx_isotropic_thermal_model             ? 
_refine.pdbx_ls_cross_valid_method               THROUGHOUT 
_refine.pdbx_method_to_determine_struct          'MOLECULAR REPLACEMENT' 
_refine.pdbx_starting_model                      ? 
_refine.pdbx_stereochemistry_target_values       'MAXIMUM LIKELIHOOD' 
_refine.pdbx_R_Free_selection_details            RANDOM 
_refine.pdbx_stereochem_target_val_spec_case     ? 
_refine.pdbx_overall_ESU_R                       0.1080 
_refine.pdbx_overall_ESU_R_Free                  0.1100 
_refine.pdbx_solvent_vdw_probe_radii             1.2000 
_refine.pdbx_solvent_ion_probe_radii             0.8000 
_refine.pdbx_solvent_shrinkage_radii             0.8000 
_refine.pdbx_real_space_R                        ? 
_refine.pdbx_density_correlation                 ? 
_refine.pdbx_pd_number_of_powder_patterns        ? 
_refine.pdbx_pd_number_of_points                 ? 
_refine.pdbx_pd_meas_number_of_points            ? 
_refine.pdbx_pd_proc_ls_prof_R_factor            ? 
_refine.pdbx_pd_proc_ls_prof_wR_factor           ? 
_refine.pdbx_pd_Marquardt_correlation_coeff      ? 
_refine.pdbx_pd_Fsqrd_R_factor                   ? 
_refine.pdbx_pd_ls_matrix_band_width             ? 
_refine.pdbx_overall_phase_error                 ? 
_refine.pdbx_overall_SU_R_free_Cruickshank_DPI   ? 
_refine.pdbx_overall_SU_R_free_Blow_DPI          ? 
_refine.pdbx_overall_SU_R_Blow_DPI               ? 
_refine.pdbx_TLS_residual_ADP_flag               ? 
_refine.pdbx_diffrn_id                           1 
_refine.overall_SU_B                             2.7640 
_refine.overall_SU_ML                            0.0950 
_refine.overall_SU_R_Cruickshank_DPI             0.1080 
_refine.overall_SU_R_free                        0.1103 
_refine.overall_FOM_free_R_set                   ? 
_refine.overall_FOM_work_R_set                   0.7776 
_refine.pdbx_average_fsc_overall                 ? 
_refine.pdbx_average_fsc_work                    ? 
_refine.pdbx_average_fsc_free                    ? 
# 
_refine_hist.cycle_id                         final 
_refine_hist.pdbx_refine_id                   'X-RAY DIFFRACTION' 
_refine_hist.d_res_high                       1.6500 
_refine_hist.d_res_low                        30.0000 
_refine_hist.pdbx_number_atoms_ligand         38 
_refine_hist.number_atoms_solvent             63 
_refine_hist.number_atoms_total               1067 
_refine_hist.pdbx_number_residues_total       127 
_refine_hist.pdbx_B_iso_mean_ligand           18.72 
_refine_hist.pdbx_B_iso_mean_solvent          33.32 
_refine_hist.pdbx_number_atoms_protein        966 
_refine_hist.pdbx_number_atoms_nucleic_acid   0 
# 
loop_
_refine_ls_restr.pdbx_refine_id 
_refine_ls_restr.criterion 
_refine_ls_restr.dev_ideal 
_refine_ls_restr.dev_ideal_target 
_refine_ls_restr.number 
_refine_ls_restr.rejects 
_refine_ls_restr.type 
_refine_ls_restr.weight 
_refine_ls_restr.pdbx_restraint_function 
'X-RAY DIFFRACTION' ? 0.011  0.020  1027 ? r_bond_refined_d       ? ? 
'X-RAY DIFFRACTION' ? 0.004  0.020  1008 ? r_bond_other_d         ? ? 
'X-RAY DIFFRACTION' ? 1.513  2.012  1383 ? r_angle_refined_deg    ? ? 
'X-RAY DIFFRACTION' ? 0.937  3.015  2341 ? r_angle_other_deg      ? ? 
'X-RAY DIFFRACTION' ? 6.639  5.000  126  ? r_dihedral_angle_1_deg ? ? 
'X-RAY DIFFRACTION' ? 28.180 24.595 37   ? r_dihedral_angle_2_deg ? ? 
'X-RAY DIFFRACTION' ? 14.196 15.000 179  ? r_dihedral_angle_3_deg ? ? 
'X-RAY DIFFRACTION' ? 10.925 15.000 3    ? r_dihedral_angle_4_deg ? ? 
'X-RAY DIFFRACTION' ? 0.085  0.200  148  ? r_chiral_restr         ? ? 
'X-RAY DIFFRACTION' ? 0.007  0.021  1120 ? r_gen_planes_refined   ? ? 
'X-RAY DIFFRACTION' ? 0.001  0.020  211  ? r_gen_planes_other     ? ? 
# 
_refine_ls_shell.pdbx_refine_id                   'X-RAY DIFFRACTION' 
_refine_ls_shell.d_res_high                       1.6500 
_refine_ls_shell.d_res_low                        1.6930 
_refine_ls_shell.number_reflns_all                1549 
_refine_ls_shell.number_reflns_obs                ? 
_refine_ls_shell.number_reflns_R_free             79 
_refine_ls_shell.number_reflns_R_work             1470 
_refine_ls_shell.percent_reflns_obs               91.1200 
_refine_ls_shell.percent_reflns_R_free            ? 
_refine_ls_shell.R_factor_all                     ? 
_refine_ls_shell.R_factor_obs                     ? 
_refine_ls_shell.R_factor_R_free                  0.3870 
_refine_ls_shell.R_factor_R_free_error            ? 
_refine_ls_shell.R_factor_R_work                  0.3440 
_refine_ls_shell.redundancy_reflns_all            ? 
_refine_ls_shell.redundancy_reflns_obs            ? 
_refine_ls_shell.wR_factor_all                    ? 
_refine_ls_shell.wR_factor_obs                    ? 
_refine_ls_shell.wR_factor_R_free                 ? 
_refine_ls_shell.wR_factor_R_work                 ? 
_refine_ls_shell.pdbx_total_number_of_bins_used   20 
_refine_ls_shell.pdbx_phase_error                 ? 
_refine_ls_shell.pdbx_fsc_work                    ? 
_refine_ls_shell.pdbx_fsc_free                    ? 
# 
_struct.entry_id                     5DIV 
_struct.title                        
;The Fk1 domain of FKBP51 in complex with the new synthetic ligand (S)-N-(1-carbamoylcyclopentyl)-1-((S)-2-cyclohexyl-2-(3,4,5-trimethoxyphenyl)acetyl)piperidine-2-carboxamide
;
_struct.pdbx_model_details           ? 
_struct.pdbx_formula_weight          ? 
_struct.pdbx_formula_weight_method   ? 
_struct.pdbx_model_type_details      ? 
_struct.pdbx_CASP_flag               ? 
# 
_struct_keywords.entry_id        5DIV 
_struct_keywords.text            
'Fk-506 binding domain, Hsp90 cochaperone, immunophiline, peptidyl-prolyl isomerase, ligand selectivity, isomerase' 
_struct_keywords.pdbx_keywords   ISOMERASE 
# 
loop_
_struct_asym.id 
_struct_asym.pdbx_blank_PDB_chainid_flag 
_struct_asym.pdbx_modified 
_struct_asym.entity_id 
_struct_asym.details 
A N N 1 ? 
B N N 2 ? 
C N N 3 ? 
# 
_struct_ref.id                         1 
_struct_ref.db_name                    UNP 
_struct_ref.db_code                    FKBP5_HUMAN 
_struct_ref.pdbx_db_accession          Q13451 
_struct_ref.pdbx_db_isoform            ? 
_struct_ref.entity_id                  1 
_struct_ref.pdbx_seq_one_letter_code   
;ATVAEQGEDITSKKDRGVLKIVKRVGNGEETPMIGDKVYVHYKGKLSNGKKFDSSHDRNEPFVFSLGKGQVIKAWDIGVA
TMKKGEICHLLCKPEYAYGSAGSLPKIPSNATLFFEIELLDFKG
;
_struct_ref.pdbx_align_begin           16 
# 
_struct_ref_seq.align_id                      1 
_struct_ref_seq.ref_id                        1 
_struct_ref_seq.pdbx_PDB_id_code              5DIV 
_struct_ref_seq.pdbx_strand_id                A 
_struct_ref_seq.seq_align_beg                 4 
_struct_ref_seq.pdbx_seq_align_beg_ins_code   ? 
_struct_ref_seq.seq_align_end                 127 
_struct_ref_seq.pdbx_seq_align_end_ins_code   ? 
_struct_ref_seq.pdbx_db_accession             Q13451 
_struct_ref_seq.db_align_beg                  16 
_struct_ref_seq.pdbx_db_align_beg_ins_code    ? 
_struct_ref_seq.db_align_end                  139 
_struct_ref_seq.pdbx_db_align_end_ins_code    ? 
_struct_ref_seq.pdbx_auth_seq_align_beg       16 
_struct_ref_seq.pdbx_auth_seq_align_end       139 
# 
loop_
_struct_ref_seq_dif.align_id 
_struct_ref_seq_dif.pdbx_pdb_id_code 
_struct_ref_seq_dif.mon_id 
_struct_ref_seq_dif.pdbx_pdb_strand_id 
_struct_ref_seq_dif.seq_num 
_struct_ref_seq_dif.pdbx_pdb_ins_code 
_struct_ref_seq_dif.pdbx_seq_db_name 
_struct_ref_seq_dif.pdbx_seq_db_accession_code 
_struct_ref_seq_dif.db_mon_id 
_struct_ref_seq_dif.pdbx_seq_db_seq_num 
_struct_ref_seq_dif.details 
_struct_ref_seq_dif.pdbx_auth_seq_num 
_struct_ref_seq_dif.pdbx_ordinal 
1 5DIV GLY A 1 ? UNP Q13451 ?   ?  'expression tag'      13 1 
1 5DIV ALA A 2 ? UNP Q13451 ?   ?  'expression tag'      14 2 
1 5DIV PRO A 3 ? UNP Q13451 ?   ?  'expression tag'      15 3 
1 5DIV THR A 7 ? UNP Q13451 ALA 19 'engineered mutation' 19 4 
# 
_pdbx_struct_assembly.id                   1 
_pdbx_struct_assembly.details              software_defined_assembly 
_pdbx_struct_assembly.method_details       PISA 
_pdbx_struct_assembly.oligomeric_details   monomeric 
_pdbx_struct_assembly.oligomeric_count     1 
# 
loop_
_pdbx_struct_assembly_prop.biol_id 
_pdbx_struct_assembly_prop.type 
_pdbx_struct_assembly_prop.value 
_pdbx_struct_assembly_prop.details 
1 'ABSA (A^2)' 0    ? 
1 MORE         0    ? 
1 'SSA (A^2)'  6830 ? 
# 
_pdbx_struct_assembly_gen.assembly_id       1 
_pdbx_struct_assembly_gen.oper_expression   1 
_pdbx_struct_assembly_gen.asym_id_list      A,B,C 
# 
_pdbx_struct_oper_list.id                   1 
_pdbx_struct_oper_list.type                 'identity operation' 
_pdbx_struct_oper_list.name                 1_555 
_pdbx_struct_oper_list.symmetry_operation   x,y,z 
_pdbx_struct_oper_list.matrix[1][1]         1.0000000000 
_pdbx_struct_oper_list.matrix[1][2]         0.0000000000 
_pdbx_struct_oper_list.matrix[1][3]         0.0000000000 
_pdbx_struct_oper_list.vector[1]            0.0000000000 
_pdbx_struct_oper_list.matrix[2][1]         0.0000000000 
_pdbx_struct_oper_list.matrix[2][2]         1.0000000000 
_pdbx_struct_oper_list.matrix[2][3]         0.0000000000 
_pdbx_struct_oper_list.vector[2]            0.0000000000 
_pdbx_struct_oper_list.matrix[3][1]         0.0000000000 
_pdbx_struct_oper_list.matrix[3][2]         0.0000000000 
_pdbx_struct_oper_list.matrix[3][3]         1.0000000000 
_pdbx_struct_oper_list.vector[3]            0.0000000000 
# 
loop_
_struct_conf.conf_type_id 
_struct_conf.id 
_struct_conf.pdbx_PDB_helix_id 
_struct_conf.beg_label_comp_id 
_struct_conf.beg_label_asym_id 
_struct_conf.beg_label_seq_id 
_struct_conf.pdbx_beg_PDB_ins_code 
_struct_conf.end_label_comp_id 
_struct_conf.end_label_asym_id 
_struct_conf.end_label_seq_id 
_struct_conf.pdbx_end_PDB_ins_code 
_struct_conf.beg_auth_comp_id 
_struct_conf.beg_auth_asym_id 
_struct_conf.beg_auth_seq_id 
_struct_conf.end_auth_comp_id 
_struct_conf.end_auth_asym_id 
_struct_conf.end_auth_seq_id 
_struct_conf.pdbx_PDB_helix_class 
_struct_conf.details 
_struct_conf.pdbx_PDB_helix_length 
HELX_P HELX_P1 AA1 GLY A 1  ? GLY A 10  ? GLY A 13  GLY A 22  1 ? 10 
HELX_P HELX_P2 AA2 HIS A 59 ? ASN A 62  ? HIS A 71  ASN A 74  5 ? 4  
HELX_P HELX_P3 AA3 ILE A 75 ? ALA A 83  ? ILE A 87  ALA A 95  1 ? 9  
HELX_P HELX_P4 AA4 PRO A 97 ? ALA A 100 ? PRO A 109 ALA A 112 5 ? 4  
# 
_struct_conf_type.id          HELX_P 
_struct_conf_type.criteria    ? 
_struct_conf_type.reference   ? 
# 
_struct_mon_prot_cis.pdbx_id                1 
_struct_mon_prot_cis.label_comp_id          LEU 
_struct_mon_prot_cis.label_seq_id           107 
_struct_mon_prot_cis.label_asym_id          A 
_struct_mon_prot_cis.label_alt_id           . 
_struct_mon_prot_cis.pdbx_PDB_ins_code      ? 
_struct_mon_prot_cis.auth_comp_id           LEU 
_struct_mon_prot_cis.auth_seq_id            119 
_struct_mon_prot_cis.auth_asym_id           A 
_struct_mon_prot_cis.pdbx_label_comp_id_2   PRO 
_struct_mon_prot_cis.pdbx_label_seq_id_2    108 
_struct_mon_prot_cis.pdbx_label_asym_id_2   A 
_struct_mon_prot_cis.pdbx_PDB_ins_code_2    ? 
_struct_mon_prot_cis.pdbx_auth_comp_id_2    PRO 
_struct_mon_prot_cis.pdbx_auth_seq_id_2     120 
_struct_mon_prot_cis.pdbx_auth_asym_id_2    A 
_struct_mon_prot_cis.pdbx_PDB_model_num     1 
_struct_mon_prot_cis.pdbx_omega_angle       -0.49 
# 
loop_
_struct_sheet.id 
_struct_sheet.type 
_struct_sheet.number_strands 
_struct_sheet.details 
AA1 ? 6 ? 
AA2 ? 6 ? 
# 
loop_
_struct_sheet_order.sheet_id 
_struct_sheet_order.range_id_1 
_struct_sheet_order.range_id_2 
_struct_sheet_order.offset 
_struct_sheet_order.sense 
AA1 1 2 ? anti-parallel 
AA1 2 3 ? anti-parallel 
AA1 3 4 ? anti-parallel 
AA1 4 5 ? anti-parallel 
AA1 5 6 ? anti-parallel 
AA2 1 2 ? anti-parallel 
AA2 2 3 ? anti-parallel 
AA2 3 4 ? anti-parallel 
AA2 4 5 ? anti-parallel 
AA2 5 6 ? anti-parallel 
# 
loop_
_struct_sheet_range.sheet_id 
_struct_sheet_range.id 
_struct_sheet_range.beg_label_comp_id 
_struct_sheet_range.beg_label_asym_id 
_struct_sheet_range.beg_label_seq_id 
_struct_sheet_range.pdbx_beg_PDB_ins_code 
_struct_sheet_range.end_label_comp_id 
_struct_sheet_range.end_label_asym_id 
_struct_sheet_range.end_label_seq_id 
_struct_sheet_range.pdbx_end_PDB_ins_code 
_struct_sheet_range.beg_auth_comp_id 
_struct_sheet_range.beg_auth_asym_id 
_struct_sheet_range.beg_auth_seq_id 
_struct_sheet_range.end_auth_comp_id 
_struct_sheet_range.end_auth_asym_id 
_struct_sheet_range.end_auth_seq_id 
AA1 1 GLU A 11  ? ASP A 12  ? GLU A 23  ASP A 24  
AA1 2 VAL A 21  ? ARG A 27  ? VAL A 33  ARG A 39  
AA1 3 ILE A 90  ? CYS A 95  ? ILE A 102 CYS A 107 
AA1 4 LEU A 116 ? LYS A 126 ? LEU A 128 LYS A 138 
AA1 5 LYS A 40  ? LEU A 49  ? LYS A 52  LEU A 61  
AA1 6 PHE A 55  ? SER A 57  ? PHE A 67  SER A 69  
AA2 1 GLU A 11  ? ASP A 12  ? GLU A 23  ASP A 24  
AA2 2 VAL A 21  ? ARG A 27  ? VAL A 33  ARG A 39  
AA2 3 ILE A 90  ? CYS A 95  ? ILE A 102 CYS A 107 
AA2 4 LEU A 116 ? LYS A 126 ? LEU A 128 LYS A 138 
AA2 5 LYS A 40  ? LEU A 49  ? LYS A 52  LEU A 61  
AA2 6 PHE A 65  ? SER A 68  ? PHE A 77  SER A 80  
# 
loop_
_pdbx_struct_sheet_hbond.sheet_id 
_pdbx_struct_sheet_hbond.range_id_1 
_pdbx_struct_sheet_hbond.range_id_2 
_pdbx_struct_sheet_hbond.range_1_label_atom_id 
_pdbx_struct_sheet_hbond.range_1_label_comp_id 
_pdbx_struct_sheet_hbond.range_1_label_asym_id 
_pdbx_struct_sheet_hbond.range_1_label_seq_id 
_pdbx_struct_sheet_hbond.range_1_PDB_ins_code 
_pdbx_struct_sheet_hbond.range_1_auth_atom_id 
_pdbx_struct_sheet_hbond.range_1_auth_comp_id 
_pdbx_struct_sheet_hbond.range_1_auth_asym_id 
_pdbx_struct_sheet_hbond.range_1_auth_seq_id 
_pdbx_struct_sheet_hbond.range_2_label_atom_id 
_pdbx_struct_sheet_hbond.range_2_label_comp_id 
_pdbx_struct_sheet_hbond.range_2_label_asym_id 
_pdbx_struct_sheet_hbond.range_2_label_seq_id 
_pdbx_struct_sheet_hbond.range_2_PDB_ins_code 
_pdbx_struct_sheet_hbond.range_2_auth_atom_id 
_pdbx_struct_sheet_hbond.range_2_auth_comp_id 
_pdbx_struct_sheet_hbond.range_2_auth_asym_id 
_pdbx_struct_sheet_hbond.range_2_auth_seq_id 
AA1 1 2 N GLU A 11  ? N GLU A 23  O LYS A 23  ? O LYS A 35  
AA1 2 3 N ILE A 24  ? N ILE A 36  O HIS A 92  ? O HIS A 104 
AA1 3 4 N CYS A 95  ? N CYS A 107 O LEU A 116 ? O LEU A 128 
AA1 4 5 O GLU A 121 ? O GLU A 133 N HIS A 44  ? N HIS A 56  
AA1 5 6 N GLY A 47  ? N GLY A 59  O ASP A 56  ? O ASP A 68  
AA2 1 2 N GLU A 11  ? N GLU A 23  O LYS A 23  ? O LYS A 35  
AA2 2 3 N ILE A 24  ? N ILE A 36  O HIS A 92  ? O HIS A 104 
AA2 3 4 N CYS A 95  ? N CYS A 107 O LEU A 116 ? O LEU A 128 
AA2 4 5 O GLU A 121 ? O GLU A 133 N HIS A 44  ? N HIS A 56  
AA2 5 6 N VAL A 41  ? N VAL A 53  O PHE A 67  ? O PHE A 79  
# 
_struct_site.id                   AC1 
_struct_site.pdbx_evidence_code   Software 
_struct_site.pdbx_auth_asym_id    A 
_struct_site.pdbx_auth_comp_id    5BH 
_struct_site.pdbx_auth_seq_id     201 
_struct_site.pdbx_auth_ins_code   ? 
_struct_site.pdbx_num_residues    11 
_struct_site.details              'binding site for residue 5BH A 201' 
# 
loop_
_struct_site_gen.id 
_struct_site_gen.site_id 
_struct_site_gen.pdbx_num_res 
_struct_site_gen.label_comp_id 
_struct_site_gen.label_asym_id 
_struct_site_gen.label_seq_id 
_struct_site_gen.pdbx_auth_ins_code 
_struct_site_gen.auth_comp_id 
_struct_site_gen.auth_asym_id 
_struct_site_gen.auth_seq_id 
_struct_site_gen.label_atom_id 
_struct_site_gen.label_alt_id 
_struct_site_gen.symmetry 
_struct_site_gen.details 
1  AC1 11 TYR A 45  ? TYR A 57  . ? 1_555 ? 
2  AC1 11 ASP A 56  ? ASP A 68  . ? 1_555 ? 
3  AC1 11 ARG A 61  ? ARG A 73  . ? 1_555 ? 
4  AC1 11 PHE A 65  ? PHE A 77  . ? 1_555 ? 
5  AC1 11 GLN A 73  ? GLN A 85  . ? 1_555 ? 
6  AC1 11 VAL A 74  ? VAL A 86  . ? 1_555 ? 
7  AC1 11 ILE A 75  ? ILE A 87  . ? 1_555 ? 
8  AC1 11 TRP A 78  ? TRP A 90  . ? 1_555 ? 
9  AC1 11 TYR A 101 ? TYR A 113 . ? 1_555 ? 
10 AC1 11 SER A 106 ? SER A 118 . ? 1_555 ? 
11 AC1 11 LEU A 107 ? LEU A 119 . ? 2_545 ? 
# 
_pdbx_validate_torsion.id              1 
_pdbx_validate_torsion.PDB_model_num   1 
_pdbx_validate_torsion.auth_comp_id    ALA 
_pdbx_validate_torsion.auth_asym_id    A 
_pdbx_validate_torsion.auth_seq_id     112 
_pdbx_validate_torsion.PDB_ins_code    ? 
_pdbx_validate_torsion.label_alt_id    ? 
_pdbx_validate_torsion.phi             -133.02 
_pdbx_validate_torsion.psi             -107.76 
# 
_pdbx_phasing_MR.entry_id                     5DIV 
_pdbx_phasing_MR.method_rotation              ? 
_pdbx_phasing_MR.method_translation           ? 
_pdbx_phasing_MR.model_details                ? 
_pdbx_phasing_MR.R_factor                     ? 
_pdbx_phasing_MR.R_rigid_body                 ? 
_pdbx_phasing_MR.correlation_coeff_Fo_to_Fc   ? 
_pdbx_phasing_MR.correlation_coeff_Io_to_Ic   ? 
_pdbx_phasing_MR.d_res_high_rotation          41.080 
_pdbx_phasing_MR.d_res_low_rotation           2.900 
_pdbx_phasing_MR.d_res_high_translation       ? 
_pdbx_phasing_MR.d_res_low_translation        ? 
_pdbx_phasing_MR.packing                      ? 
_pdbx_phasing_MR.reflns_percent_rotation      ? 
_pdbx_phasing_MR.reflns_percent_translation   ? 
_pdbx_phasing_MR.sigma_F_rotation             ? 
_pdbx_phasing_MR.sigma_F_translation          ? 
_pdbx_phasing_MR.sigma_I_rotation             ? 
_pdbx_phasing_MR.sigma_I_translation          ? 
# 
_phasing.method   MR 
# 
loop_
_chem_comp_atom.comp_id 
_chem_comp_atom.atom_id 
_chem_comp_atom.type_symbol 
_chem_comp_atom.pdbx_aromatic_flag 
_chem_comp_atom.pdbx_stereo_config 
_chem_comp_atom.pdbx_ordinal 
5BH CAU  C N N 1   
5BH CAO  C N N 2   
5BH CAP  C N N 3   
5BH CAV  C N N 4   
5BH CBL  C N N 5   
5BH CBA  C N N 6   
5BH OAE  O N N 7   
5BH NAD  N N N 8   
5BH NAW  N N N 9   
5BH C    C N N 10  
5BH O    O N N 11  
5BH CA   C N S 12  
5BH CB   C N N 13  
5BH CAM  C N N 14  
5BH CAN  C N N 15  
5BH CAT  C N N 16  
5BH N    N N N 17  
5BH CBC  C N N 18  
5BH OAG  O N N 19  
5BH CBJ  C N S 20  
5BH CBH  C N N 21  
5BH CAQ  C N N 22  
5BH CAK  C N N 23  
5BH CAJ  C N N 24  
5BH CAL  C N N 25  
5BH CAR  C N N 26  
5BH CBD  C Y N 27  
5BH CAI  C Y N 28  
5BH CAH  C Y N 29  
5BH CBE  C Y N 30  
5BH OAX  O N N 31  
5BH CAA  C N N 32  
5BH CBG  C Y N 33  
5BH OAZ  O N N 34  
5BH CAC  C N N 35  
5BH CBF  C Y N 36  
5BH OAY  O N N 37  
5BH CAB  C N N 38  
5BH H1   H N N 39  
5BH H2   H N N 40  
5BH H3   H N N 41  
5BH H4   H N N 42  
5BH H5   H N N 43  
5BH H6   H N N 44  
5BH H7   H N N 45  
5BH H8   H N N 46  
5BH H9   H N N 47  
5BH H10  H N N 48  
5BH H11  H N N 49  
5BH H12  H N N 50  
5BH H13  H N N 51  
5BH H14  H N N 52  
5BH H15  H N N 53  
5BH H16  H N N 54  
5BH H17  H N N 55  
5BH H18  H N N 56  
5BH H19  H N N 57  
5BH H20  H N N 58  
5BH H21  H N N 59  
5BH H22  H N N 60  
5BH H23  H N N 61  
5BH H24  H N N 62  
5BH H25  H N N 63  
5BH H26  H N N 64  
5BH H27  H N N 65  
5BH H28  H N N 66  
5BH H29  H N N 67  
5BH H30  H N N 68  
5BH H31  H N N 69  
5BH H32  H N N 70  
5BH H33  H N N 71  
5BH H34  H N N 72  
5BH H35  H N N 73  
5BH H36  H N N 74  
5BH H37  H N N 75  
5BH H38  H N N 76  
5BH H39  H N N 77  
5BH H40  H N N 78  
5BH H41  H N N 79  
5BH H42  H N N 80  
5BH H43  H N N 81  
ALA N    N N N 82  
ALA CA   C N S 83  
ALA C    C N N 84  
ALA O    O N N 85  
ALA CB   C N N 86  
ALA OXT  O N N 87  
ALA H    H N N 88  
ALA H2   H N N 89  
ALA HA   H N N 90  
ALA HB1  H N N 91  
ALA HB2  H N N 92  
ALA HB3  H N N 93  
ALA HXT  H N N 94  
ARG N    N N N 95  
ARG CA   C N S 96  
ARG C    C N N 97  
ARG O    O N N 98  
ARG CB   C N N 99  
ARG CG   C N N 100 
ARG CD   C N N 101 
ARG NE   N N N 102 
ARG CZ   C N N 103 
ARG NH1  N N N 104 
ARG NH2  N N N 105 
ARG OXT  O N N 106 
ARG H    H N N 107 
ARG H2   H N N 108 
ARG HA   H N N 109 
ARG HB2  H N N 110 
ARG HB3  H N N 111 
ARG HG2  H N N 112 
ARG HG3  H N N 113 
ARG HD2  H N N 114 
ARG HD3  H N N 115 
ARG HE   H N N 116 
ARG HH11 H N N 117 
ARG HH12 H N N 118 
ARG HH21 H N N 119 
ARG HH22 H N N 120 
ARG HXT  H N N 121 
ASN N    N N N 122 
ASN CA   C N S 123 
ASN C    C N N 124 
ASN O    O N N 125 
ASN CB   C N N 126 
ASN CG   C N N 127 
ASN OD1  O N N 128 
ASN ND2  N N N 129 
ASN OXT  O N N 130 
ASN H    H N N 131 
ASN H2   H N N 132 
ASN HA   H N N 133 
ASN HB2  H N N 134 
ASN HB3  H N N 135 
ASN HD21 H N N 136 
ASN HD22 H N N 137 
ASN HXT  H N N 138 
ASP N    N N N 139 
ASP CA   C N S 140 
ASP C    C N N 141 
ASP O    O N N 142 
ASP CB   C N N 143 
ASP CG   C N N 144 
ASP OD1  O N N 145 
ASP OD2  O N N 146 
ASP OXT  O N N 147 
ASP H    H N N 148 
ASP H2   H N N 149 
ASP HA   H N N 150 
ASP HB2  H N N 151 
ASP HB3  H N N 152 
ASP HD2  H N N 153 
ASP HXT  H N N 154 
CYS N    N N N 155 
CYS CA   C N R 156 
CYS C    C N N 157 
CYS O    O N N 158 
CYS CB   C N N 159 
CYS SG   S N N 160 
CYS OXT  O N N 161 
CYS H    H N N 162 
CYS H2   H N N 163 
CYS HA   H N N 164 
CYS HB2  H N N 165 
CYS HB3  H N N 166 
CYS HG   H N N 167 
CYS HXT  H N N 168 
GLN N    N N N 169 
GLN CA   C N S 170 
GLN C    C N N 171 
GLN O    O N N 172 
GLN CB   C N N 173 
GLN CG   C N N 174 
GLN CD   C N N 175 
GLN OE1  O N N 176 
GLN NE2  N N N 177 
GLN OXT  O N N 178 
GLN H    H N N 179 
GLN H2   H N N 180 
GLN HA   H N N 181 
GLN HB2  H N N 182 
GLN HB3  H N N 183 
GLN HG2  H N N 184 
GLN HG3  H N N 185 
GLN HE21 H N N 186 
GLN HE22 H N N 187 
GLN HXT  H N N 188 
GLU N    N N N 189 
GLU CA   C N S 190 
GLU C    C N N 191 
GLU O    O N N 192 
GLU CB   C N N 193 
GLU CG   C N N 194 
GLU CD   C N N 195 
GLU OE1  O N N 196 
GLU OE2  O N N 197 
GLU OXT  O N N 198 
GLU H    H N N 199 
GLU H2   H N N 200 
GLU HA   H N N 201 
GLU HB2  H N N 202 
GLU HB3  H N N 203 
GLU HG2  H N N 204 
GLU HG3  H N N 205 
GLU HE2  H N N 206 
GLU HXT  H N N 207 
GLY N    N N N 208 
GLY CA   C N N 209 
GLY C    C N N 210 
GLY O    O N N 211 
GLY OXT  O N N 212 
GLY H    H N N 213 
GLY H2   H N N 214 
GLY HA2  H N N 215 
GLY HA3  H N N 216 
GLY HXT  H N N 217 
HIS N    N N N 218 
HIS CA   C N S 219 
HIS C    C N N 220 
HIS O    O N N 221 
HIS CB   C N N 222 
HIS CG   C Y N 223 
HIS ND1  N Y N 224 
HIS CD2  C Y N 225 
HIS CE1  C Y N 226 
HIS NE2  N Y N 227 
HIS OXT  O N N 228 
HIS H    H N N 229 
HIS H2   H N N 230 
HIS HA   H N N 231 
HIS HB2  H N N 232 
HIS HB3  H N N 233 
HIS HD1  H N N 234 
HIS HD2  H N N 235 
HIS HE1  H N N 236 
HIS HE2  H N N 237 
HIS HXT  H N N 238 
HOH O    O N N 239 
HOH H1   H N N 240 
HOH H2   H N N 241 
ILE N    N N N 242 
ILE CA   C N S 243 
ILE C    C N N 244 
ILE O    O N N 245 
ILE CB   C N S 246 
ILE CG1  C N N 247 
ILE CG2  C N N 248 
ILE CD1  C N N 249 
ILE OXT  O N N 250 
ILE H    H N N 251 
ILE H2   H N N 252 
ILE HA   H N N 253 
ILE HB   H N N 254 
ILE HG12 H N N 255 
ILE HG13 H N N 256 
ILE HG21 H N N 257 
ILE HG22 H N N 258 
ILE HG23 H N N 259 
ILE HD11 H N N 260 
ILE HD12 H N N 261 
ILE HD13 H N N 262 
ILE HXT  H N N 263 
LEU N    N N N 264 
LEU CA   C N S 265 
LEU C    C N N 266 
LEU O    O N N 267 
LEU CB   C N N 268 
LEU CG   C N N 269 
LEU CD1  C N N 270 
LEU CD2  C N N 271 
LEU OXT  O N N 272 
LEU H    H N N 273 
LEU H2   H N N 274 
LEU HA   H N N 275 
LEU HB2  H N N 276 
LEU HB3  H N N 277 
LEU HG   H N N 278 
LEU HD11 H N N 279 
LEU HD12 H N N 280 
LEU HD13 H N N 281 
LEU HD21 H N N 282 
LEU HD22 H N N 283 
LEU HD23 H N N 284 
LEU HXT  H N N 285 
LYS N    N N N 286 
LYS CA   C N S 287 
LYS C    C N N 288 
LYS O    O N N 289 
LYS CB   C N N 290 
LYS CG   C N N 291 
LYS CD   C N N 292 
LYS CE   C N N 293 
LYS NZ   N N N 294 
LYS OXT  O N N 295 
LYS H    H N N 296 
LYS H2   H N N 297 
LYS HA   H N N 298 
LYS HB2  H N N 299 
LYS HB3  H N N 300 
LYS HG2  H N N 301 
LYS HG3  H N N 302 
LYS HD2  H N N 303 
LYS HD3  H N N 304 
LYS HE2  H N N 305 
LYS HE3  H N N 306 
LYS HZ1  H N N 307 
LYS HZ2  H N N 308 
LYS HZ3  H N N 309 
LYS HXT  H N N 310 
MET N    N N N 311 
MET CA   C N S 312 
MET C    C N N 313 
MET O    O N N 314 
MET CB   C N N 315 
MET CG   C N N 316 
MET SD   S N N 317 
MET CE   C N N 318 
MET OXT  O N N 319 
MET H    H N N 320 
MET H2   H N N 321 
MET HA   H N N 322 
MET HB2  H N N 323 
MET HB3  H N N 324 
MET HG2  H N N 325 
MET HG3  H N N 326 
MET HE1  H N N 327 
MET HE2  H N N 328 
MET HE3  H N N 329 
MET HXT  H N N 330 
PHE N    N N N 331 
PHE CA   C N S 332 
PHE C    C N N 333 
PHE O    O N N 334 
PHE CB   C N N 335 
PHE CG   C Y N 336 
PHE CD1  C Y N 337 
PHE CD2  C Y N 338 
PHE CE1  C Y N 339 
PHE CE2  C Y N 340 
PHE CZ   C Y N 341 
PHE OXT  O N N 342 
PHE H    H N N 343 
PHE H2   H N N 344 
PHE HA   H N N 345 
PHE HB2  H N N 346 
PHE HB3  H N N 347 
PHE HD1  H N N 348 
PHE HD2  H N N 349 
PHE HE1  H N N 350 
PHE HE2  H N N 351 
PHE HZ   H N N 352 
PHE HXT  H N N 353 
PRO N    N N N 354 
PRO CA   C N S 355 
PRO C    C N N 356 
PRO O    O N N 357 
PRO CB   C N N 358 
PRO CG   C N N 359 
PRO CD   C N N 360 
PRO OXT  O N N 361 
PRO H    H N N 362 
PRO HA   H N N 363 
PRO HB2  H N N 364 
PRO HB3  H N N 365 
PRO HG2  H N N 366 
PRO HG3  H N N 367 
PRO HD2  H N N 368 
PRO HD3  H N N 369 
PRO HXT  H N N 370 
SER N    N N N 371 
SER CA   C N S 372 
SER C    C N N 373 
SER O    O N N 374 
SER CB   C N N 375 
SER OG   O N N 376 
SER OXT  O N N 377 
SER H    H N N 378 
SER H2   H N N 379 
SER HA   H N N 380 
SER HB2  H N N 381 
SER HB3  H N N 382 
SER HG   H N N 383 
SER HXT  H N N 384 
THR N    N N N 385 
THR CA   C N S 386 
THR C    C N N 387 
THR O    O N N 388 
THR CB   C N R 389 
THR OG1  O N N 390 
THR CG2  C N N 391 
THR OXT  O N N 392 
THR H    H N N 393 
THR H2   H N N 394 
THR HA   H N N 395 
THR HB   H N N 396 
THR HG1  H N N 397 
THR HG21 H N N 398 
THR HG22 H N N 399 
THR HG23 H N N 400 
THR HXT  H N N 401 
TRP N    N N N 402 
TRP CA   C N S 403 
TRP C    C N N 404 
TRP O    O N N 405 
TRP CB   C N N 406 
TRP CG   C Y N 407 
TRP CD1  C Y N 408 
TRP CD2  C Y N 409 
TRP NE1  N Y N 410 
TRP CE2  C Y N 411 
TRP CE3  C Y N 412 
TRP CZ2  C Y N 413 
TRP CZ3  C Y N 414 
TRP CH2  C Y N 415 
TRP OXT  O N N 416 
TRP H    H N N 417 
TRP H2   H N N 418 
TRP HA   H N N 419 
TRP HB2  H N N 420 
TRP HB3  H N N 421 
TRP HD1  H N N 422 
TRP HE1  H N N 423 
TRP HE3  H N N 424 
TRP HZ2  H N N 425 
TRP HZ3  H N N 426 
TRP HH2  H N N 427 
TRP HXT  H N N 428 
TYR N    N N N 429 
TYR CA   C N S 430 
TYR C    C N N 431 
TYR O    O N N 432 
TYR CB   C N N 433 
TYR CG   C Y N 434 
TYR CD1  C Y N 435 
TYR CD2  C Y N 436 
TYR CE1  C Y N 437 
TYR CE2  C Y N 438 
TYR CZ   C Y N 439 
TYR OH   O N N 440 
TYR OXT  O N N 441 
TYR H    H N N 442 
TYR H2   H N N 443 
TYR HA   H N N 444 
TYR HB2  H N N 445 
TYR HB3  H N N 446 
TYR HD1  H N N 447 
TYR HD2  H N N 448 
TYR HE1  H N N 449 
TYR HE2  H N N 450 
TYR HH   H N N 451 
TYR HXT  H N N 452 
VAL N    N N N 453 
VAL CA   C N S 454 
VAL C    C N N 455 
VAL O    O N N 456 
VAL CB   C N N 457 
VAL CG1  C N N 458 
VAL CG2  C N N 459 
VAL OXT  O N N 460 
VAL H    H N N 461 
VAL H2   H N N 462 
VAL HA   H N N 463 
VAL HB   H N N 464 
VAL HG11 H N N 465 
VAL HG12 H N N 466 
VAL HG13 H N N 467 
VAL HG21 H N N 468 
VAL HG22 H N N 469 
VAL HG23 H N N 470 
VAL HXT  H N N 471 
# 
loop_
_chem_comp_bond.comp_id 
_chem_comp_bond.atom_id_1 
_chem_comp_bond.atom_id_2 
_chem_comp_bond.value_order 
_chem_comp_bond.pdbx_aromatic_flag 
_chem_comp_bond.pdbx_stereo_config 
_chem_comp_bond.pdbx_ordinal 
5BH CAJ CAK  sing N N 1   
5BH CAJ CAL  sing N N 2   
5BH CAK CAQ  sing N N 3   
5BH CAA OAX  sing N N 4   
5BH CAQ CBH  sing N N 5   
5BH CAL CAR  sing N N 6   
5BH OAX CBE  sing N N 7   
5BH CAR CBH  sing N N 8   
5BH CBE CAH  doub Y N 9   
5BH CBE CBG  sing Y N 10  
5BH CAH CBD  sing Y N 11  
5BH CBH CBJ  sing N N 12  
5BH OAZ CBG  sing N N 13  
5BH OAZ CAC  sing N N 14  
5BH CBG CBF  doub Y N 15  
5BH CBJ CBD  sing N N 16  
5BH CBJ CBC  sing N N 17  
5BH CBD CAI  doub Y N 18  
5BH CBF CAI  sing Y N 19  
5BH CBF OAY  sing N N 20  
5BH CBC OAG  doub N N 21  
5BH CBC N    sing N N 22  
5BH OAY CAB  sing N N 23  
5BH CAT CAN  sing N N 24  
5BH CAT N    sing N N 25  
5BH CAN CAM  sing N N 26  
5BH N   CA   sing N N 27  
5BH CAP CAV  sing N N 28  
5BH CAP CAO  sing N N 29  
5BH CAM CB   sing N N 30  
5BH CA  CB   sing N N 31  
5BH CA  C    sing N N 32  
5BH CAV CBL  sing N N 33  
5BH NAW C    sing N N 34  
5BH NAW CBL  sing N N 35  
5BH CAO CAU  sing N N 36  
5BH C   O    doub N N 37  
5BH CBL CAU  sing N N 38  
5BH CBL CBA  sing N N 39  
5BH NAD CBA  sing N N 40  
5BH CBA OAE  doub N N 41  
5BH CAU H1   sing N N 42  
5BH CAU H2   sing N N 43  
5BH CAO H3   sing N N 44  
5BH CAO H4   sing N N 45  
5BH CAP H5   sing N N 46  
5BH CAP H6   sing N N 47  
5BH CAV H7   sing N N 48  
5BH CAV H8   sing N N 49  
5BH NAD H9   sing N N 50  
5BH NAD H10  sing N N 51  
5BH NAW H11  sing N N 52  
5BH CA  H12  sing N N 53  
5BH CB  H13  sing N N 54  
5BH CB  H14  sing N N 55  
5BH CAM H15  sing N N 56  
5BH CAM H16  sing N N 57  
5BH CAN H17  sing N N 58  
5BH CAN H18  sing N N 59  
5BH CAT H19  sing N N 60  
5BH CAT H20  sing N N 61  
5BH CBJ H21  sing N N 62  
5BH CBH H22  sing N N 63  
5BH CAQ H23  sing N N 64  
5BH CAQ H24  sing N N 65  
5BH CAK H25  sing N N 66  
5BH CAK H26  sing N N 67  
5BH CAJ H27  sing N N 68  
5BH CAJ H28  sing N N 69  
5BH CAL H29  sing N N 70  
5BH CAL H30  sing N N 71  
5BH CAR H31  sing N N 72  
5BH CAR H32  sing N N 73  
5BH CAI H33  sing N N 74  
5BH CAH H34  sing N N 75  
5BH CAA H35  sing N N 76  
5BH CAA H36  sing N N 77  
5BH CAA H37  sing N N 78  
5BH CAC H38  sing N N 79  
5BH CAC H39  sing N N 80  
5BH CAC H40  sing N N 81  
5BH CAB H41  sing N N 82  
5BH CAB H42  sing N N 83  
5BH CAB H43  sing N N 84  
ALA N   CA   sing N N 85  
ALA N   H    sing N N 86  
ALA N   H2   sing N N 87  
ALA CA  C    sing N N 88  
ALA CA  CB   sing N N 89  
ALA CA  HA   sing N N 90  
ALA C   O    doub N N 91  
ALA C   OXT  sing N N 92  
ALA CB  HB1  sing N N 93  
ALA CB  HB2  sing N N 94  
ALA CB  HB3  sing N N 95  
ALA OXT HXT  sing N N 96  
ARG N   CA   sing N N 97  
ARG N   H    sing N N 98  
ARG N   H2   sing N N 99  
ARG CA  C    sing N N 100 
ARG CA  CB   sing N N 101 
ARG CA  HA   sing N N 102 
ARG C   O    doub N N 103 
ARG C   OXT  sing N N 104 
ARG CB  CG   sing N N 105 
ARG CB  HB2  sing N N 106 
ARG CB  HB3  sing N N 107 
ARG CG  CD   sing N N 108 
ARG CG  HG2  sing N N 109 
ARG CG  HG3  sing N N 110 
ARG CD  NE   sing N N 111 
ARG CD  HD2  sing N N 112 
ARG CD  HD3  sing N N 113 
ARG NE  CZ   sing N N 114 
ARG NE  HE   sing N N 115 
ARG CZ  NH1  sing N N 116 
ARG CZ  NH2  doub N N 117 
ARG NH1 HH11 sing N N 118 
ARG NH1 HH12 sing N N 119 
ARG NH2 HH21 sing N N 120 
ARG NH2 HH22 sing N N 121 
ARG OXT HXT  sing N N 122 
ASN N   CA   sing N N 123 
ASN N   H    sing N N 124 
ASN N   H2   sing N N 125 
ASN CA  C    sing N N 126 
ASN CA  CB   sing N N 127 
ASN CA  HA   sing N N 128 
ASN C   O    doub N N 129 
ASN C   OXT  sing N N 130 
ASN CB  CG   sing N N 131 
ASN CB  HB2  sing N N 132 
ASN CB  HB3  sing N N 133 
ASN CG  OD1  doub N N 134 
ASN CG  ND2  sing N N 135 
ASN ND2 HD21 sing N N 136 
ASN ND2 HD22 sing N N 137 
ASN OXT HXT  sing N N 138 
ASP N   CA   sing N N 139 
ASP N   H    sing N N 140 
ASP N   H2   sing N N 141 
ASP CA  C    sing N N 142 
ASP CA  CB   sing N N 143 
ASP CA  HA   sing N N 144 
ASP C   O    doub N N 145 
ASP C   OXT  sing N N 146 
ASP CB  CG   sing N N 147 
ASP CB  HB2  sing N N 148 
ASP CB  HB3  sing N N 149 
ASP CG  OD1  doub N N 150 
ASP CG  OD2  sing N N 151 
ASP OD2 HD2  sing N N 152 
ASP OXT HXT  sing N N 153 
CYS N   CA   sing N N 154 
CYS N   H    sing N N 155 
CYS N   H2   sing N N 156 
CYS CA  C    sing N N 157 
CYS CA  CB   sing N N 158 
CYS CA  HA   sing N N 159 
CYS C   O    doub N N 160 
CYS C   OXT  sing N N 161 
CYS CB  SG   sing N N 162 
CYS CB  HB2  sing N N 163 
CYS CB  HB3  sing N N 164 
CYS SG  HG   sing N N 165 
CYS OXT HXT  sing N N 166 
GLN N   CA   sing N N 167 
GLN N   H    sing N N 168 
GLN N   H2   sing N N 169 
GLN CA  C    sing N N 170 
GLN CA  CB   sing N N 171 
GLN CA  HA   sing N N 172 
GLN C   O    doub N N 173 
GLN C   OXT  sing N N 174 
GLN CB  CG   sing N N 175 
GLN CB  HB2  sing N N 176 
GLN CB  HB3  sing N N 177 
GLN CG  CD   sing N N 178 
GLN CG  HG2  sing N N 179 
GLN CG  HG3  sing N N 180 
GLN CD  OE1  doub N N 181 
GLN CD  NE2  sing N N 182 
GLN NE2 HE21 sing N N 183 
GLN NE2 HE22 sing N N 184 
GLN OXT HXT  sing N N 185 
GLU N   CA   sing N N 186 
GLU N   H    sing N N 187 
GLU N   H2   sing N N 188 
GLU CA  C    sing N N 189 
GLU CA  CB   sing N N 190 
GLU CA  HA   sing N N 191 
GLU C   O    doub N N 192 
GLU C   OXT  sing N N 193 
GLU CB  CG   sing N N 194 
GLU CB  HB2  sing N N 195 
GLU CB  HB3  sing N N 196 
GLU CG  CD   sing N N 197 
GLU CG  HG2  sing N N 198 
GLU CG  HG3  sing N N 199 
GLU CD  OE1  doub N N 200 
GLU CD  OE2  sing N N 201 
GLU OE2 HE2  sing N N 202 
GLU OXT HXT  sing N N 203 
GLY N   CA   sing N N 204 
GLY N   H    sing N N 205 
GLY N   H2   sing N N 206 
GLY CA  C    sing N N 207 
GLY CA  HA2  sing N N 208 
GLY CA  HA3  sing N N 209 
GLY C   O    doub N N 210 
GLY C   OXT  sing N N 211 
GLY OXT HXT  sing N N 212 
HIS N   CA   sing N N 213 
HIS N   H    sing N N 214 
HIS N   H2   sing N N 215 
HIS CA  C    sing N N 216 
HIS CA  CB   sing N N 217 
HIS CA  HA   sing N N 218 
HIS C   O    doub N N 219 
HIS C   OXT  sing N N 220 
HIS CB  CG   sing N N 221 
HIS CB  HB2  sing N N 222 
HIS CB  HB3  sing N N 223 
HIS CG  ND1  sing Y N 224 
HIS CG  CD2  doub Y N 225 
HIS ND1 CE1  doub Y N 226 
HIS ND1 HD1  sing N N 227 
HIS CD2 NE2  sing Y N 228 
HIS CD2 HD2  sing N N 229 
HIS CE1 NE2  sing Y N 230 
HIS CE1 HE1  sing N N 231 
HIS NE2 HE2  sing N N 232 
HIS OXT HXT  sing N N 233 
HOH O   H1   sing N N 234 
HOH O   H2   sing N N 235 
ILE N   CA   sing N N 236 
ILE N   H    sing N N 237 
ILE N   H2   sing N N 238 
ILE CA  C    sing N N 239 
ILE CA  CB   sing N N 240 
ILE CA  HA   sing N N 241 
ILE C   O    doub N N 242 
ILE C   OXT  sing N N 243 
ILE CB  CG1  sing N N 244 
ILE CB  CG2  sing N N 245 
ILE CB  HB   sing N N 246 
ILE CG1 CD1  sing N N 247 
ILE CG1 HG12 sing N N 248 
ILE CG1 HG13 sing N N 249 
ILE CG2 HG21 sing N N 250 
ILE CG2 HG22 sing N N 251 
ILE CG2 HG23 sing N N 252 
ILE CD1 HD11 sing N N 253 
ILE CD1 HD12 sing N N 254 
ILE CD1 HD13 sing N N 255 
ILE OXT HXT  sing N N 256 
LEU N   CA   sing N N 257 
LEU N   H    sing N N 258 
LEU N   H2   sing N N 259 
LEU CA  C    sing N N 260 
LEU CA  CB   sing N N 261 
LEU CA  HA   sing N N 262 
LEU C   O    doub N N 263 
LEU C   OXT  sing N N 264 
LEU CB  CG   sing N N 265 
LEU CB  HB2  sing N N 266 
LEU CB  HB3  sing N N 267 
LEU CG  CD1  sing N N 268 
LEU CG  CD2  sing N N 269 
LEU CG  HG   sing N N 270 
LEU CD1 HD11 sing N N 271 
LEU CD1 HD12 sing N N 272 
LEU CD1 HD13 sing N N 273 
LEU CD2 HD21 sing N N 274 
LEU CD2 HD22 sing N N 275 
LEU CD2 HD23 sing N N 276 
LEU OXT HXT  sing N N 277 
LYS N   CA   sing N N 278 
LYS N   H    sing N N 279 
LYS N   H2   sing N N 280 
LYS CA  C    sing N N 281 
LYS CA  CB   sing N N 282 
LYS CA  HA   sing N N 283 
LYS C   O    doub N N 284 
LYS C   OXT  sing N N 285 
LYS CB  CG   sing N N 286 
LYS CB  HB2  sing N N 287 
LYS CB  HB3  sing N N 288 
LYS CG  CD   sing N N 289 
LYS CG  HG2  sing N N 290 
LYS CG  HG3  sing N N 291 
LYS CD  CE   sing N N 292 
LYS CD  HD2  sing N N 293 
LYS CD  HD3  sing N N 294 
LYS CE  NZ   sing N N 295 
LYS CE  HE2  sing N N 296 
LYS CE  HE3  sing N N 297 
LYS NZ  HZ1  sing N N 298 
LYS NZ  HZ2  sing N N 299 
LYS NZ  HZ3  sing N N 300 
LYS OXT HXT  sing N N 301 
MET N   CA   sing N N 302 
MET N   H    sing N N 303 
MET N   H2   sing N N 304 
MET CA  C    sing N N 305 
MET CA  CB   sing N N 306 
MET CA  HA   sing N N 307 
MET C   O    doub N N 308 
MET C   OXT  sing N N 309 
MET CB  CG   sing N N 310 
MET CB  HB2  sing N N 311 
MET CB  HB3  sing N N 312 
MET CG  SD   sing N N 313 
MET CG  HG2  sing N N 314 
MET CG  HG3  sing N N 315 
MET SD  CE   sing N N 316 
MET CE  HE1  sing N N 317 
MET CE  HE2  sing N N 318 
MET CE  HE3  sing N N 319 
MET OXT HXT  sing N N 320 
PHE N   CA   sing N N 321 
PHE N   H    sing N N 322 
PHE N   H2   sing N N 323 
PHE CA  C    sing N N 324 
PHE CA  CB   sing N N 325 
PHE CA  HA   sing N N 326 
PHE C   O    doub N N 327 
PHE C   OXT  sing N N 328 
PHE CB  CG   sing N N 329 
PHE CB  HB2  sing N N 330 
PHE CB  HB3  sing N N 331 
PHE CG  CD1  doub Y N 332 
PHE CG  CD2  sing Y N 333 
PHE CD1 CE1  sing Y N 334 
PHE CD1 HD1  sing N N 335 
PHE CD2 CE2  doub Y N 336 
PHE CD2 HD2  sing N N 337 
PHE CE1 CZ   doub Y N 338 
PHE CE1 HE1  sing N N 339 
PHE CE2 CZ   sing Y N 340 
PHE CE2 HE2  sing N N 341 
PHE CZ  HZ   sing N N 342 
PHE OXT HXT  sing N N 343 
PRO N   CA   sing N N 344 
PRO N   CD   sing N N 345 
PRO N   H    sing N N 346 
PRO CA  C    sing N N 347 
PRO CA  CB   sing N N 348 
PRO CA  HA   sing N N 349 
PRO C   O    doub N N 350 
PRO C   OXT  sing N N 351 
PRO CB  CG   sing N N 352 
PRO CB  HB2  sing N N 353 
PRO CB  HB3  sing N N 354 
PRO CG  CD   sing N N 355 
PRO CG  HG2  sing N N 356 
PRO CG  HG3  sing N N 357 
PRO CD  HD2  sing N N 358 
PRO CD  HD3  sing N N 359 
PRO OXT HXT  sing N N 360 
SER N   CA   sing N N 361 
SER N   H    sing N N 362 
SER N   H2   sing N N 363 
SER CA  C    sing N N 364 
SER CA  CB   sing N N 365 
SER CA  HA   sing N N 366 
SER C   O    doub N N 367 
SER C   OXT  sing N N 368 
SER CB  OG   sing N N 369 
SER CB  HB2  sing N N 370 
SER CB  HB3  sing N N 371 
SER OG  HG   sing N N 372 
SER OXT HXT  sing N N 373 
THR N   CA   sing N N 374 
THR N   H    sing N N 375 
THR N   H2   sing N N 376 
THR CA  C    sing N N 377 
THR CA  CB   sing N N 378 
THR CA  HA   sing N N 379 
THR C   O    doub N N 380 
THR C   OXT  sing N N 381 
THR CB  OG1  sing N N 382 
THR CB  CG2  sing N N 383 
THR CB  HB   sing N N 384 
THR OG1 HG1  sing N N 385 
THR CG2 HG21 sing N N 386 
THR CG2 HG22 sing N N 387 
THR CG2 HG23 sing N N 388 
THR OXT HXT  sing N N 389 
TRP N   CA   sing N N 390 
TRP N   H    sing N N 391 
TRP N   H2   sing N N 392 
TRP CA  C    sing N N 393 
TRP CA  CB   sing N N 394 
TRP CA  HA   sing N N 395 
TRP C   O    doub N N 396 
TRP C   OXT  sing N N 397 
TRP CB  CG   sing N N 398 
TRP CB  HB2  sing N N 399 
TRP CB  HB3  sing N N 400 
TRP CG  CD1  doub Y N 401 
TRP CG  CD2  sing Y N 402 
TRP CD1 NE1  sing Y N 403 
TRP CD1 HD1  sing N N 404 
TRP CD2 CE2  doub Y N 405 
TRP CD2 CE3  sing Y N 406 
TRP NE1 CE2  sing Y N 407 
TRP NE1 HE1  sing N N 408 
TRP CE2 CZ2  sing Y N 409 
TRP CE3 CZ3  doub Y N 410 
TRP CE3 HE3  sing N N 411 
TRP CZ2 CH2  doub Y N 412 
TRP CZ2 HZ2  sing N N 413 
TRP CZ3 CH2  sing Y N 414 
TRP CZ3 HZ3  sing N N 415 
TRP CH2 HH2  sing N N 416 
TRP OXT HXT  sing N N 417 
TYR N   CA   sing N N 418 
TYR N   H    sing N N 419 
TYR N   H2   sing N N 420 
TYR CA  C    sing N N 421 
TYR CA  CB   sing N N 422 
TYR CA  HA   sing N N 423 
TYR C   O    doub N N 424 
TYR C   OXT  sing N N 425 
TYR CB  CG   sing N N 426 
TYR CB  HB2  sing N N 427 
TYR CB  HB3  sing N N 428 
TYR CG  CD1  doub Y N 429 
TYR CG  CD2  sing Y N 430 
TYR CD1 CE1  sing Y N 431 
TYR CD1 HD1  sing N N 432 
TYR CD2 CE2  doub Y N 433 
TYR CD2 HD2  sing N N 434 
TYR CE1 CZ   doub Y N 435 
TYR CE1 HE1  sing N N 436 
TYR CE2 CZ   sing Y N 437 
TYR CE2 HE2  sing N N 438 
TYR CZ  OH   sing N N 439 
TYR OH  HH   sing N N 440 
TYR OXT HXT  sing N N 441 
VAL N   CA   sing N N 442 
VAL N   H    sing N N 443 
VAL N   H2   sing N N 444 
VAL CA  C    sing N N 445 
VAL CA  CB   sing N N 446 
VAL CA  HA   sing N N 447 
VAL C   O    doub N N 448 
VAL C   OXT  sing N N 449 
VAL CB  CG1  sing N N 450 
VAL CB  CG2  sing N N 451 
VAL CB  HB   sing N N 452 
VAL CG1 HG11 sing N N 453 
VAL CG1 HG12 sing N N 454 
VAL CG1 HG13 sing N N 455 
VAL CG2 HG21 sing N N 456 
VAL CG2 HG22 sing N N 457 
VAL CG2 HG23 sing N N 458 
VAL OXT HXT  sing N N 459 
# 
_atom_sites.entry_id                    5DIV 
_atom_sites.fract_transf_matrix[1][1]   0.01386719 
_atom_sites.fract_transf_matrix[1][2]   -0.00218038 
_atom_sites.fract_transf_matrix[1][3]   -0.00067746 
_atom_sites.fract_transf_matrix[2][1]   0.00771300 
_atom_sites.fract_transf_matrix[2][2]   0.00011074 
_atom_sites.fract_transf_matrix[2][3]   0.01174786 
_atom_sites.fract_transf_matrix[3][1]   -0.00297472 
_atom_sites.fract_transf_matrix[3][2]   -0.01958335 
_atom_sites.fract_transf_matrix[3][3]   0.00213764 
_atom_sites.fract_transf_vector[1]      0.062613 
_atom_sites.fract_transf_vector[2]      -0.414140 
_atom_sites.fract_transf_vector[3]      -0.001375 
# 
loop_
_atom_type.symbol 
C 
N 
O 
S 
# 
loop_
_atom_site.group_PDB 
_atom_site.id 
_atom_site.type_symbol 
_atom_site.label_atom_id 
_atom_site.label_alt_id 
_atom_site.label_comp_id 
_atom_site.label_asym_id 
_atom_site.label_entity_id 
_atom_site.label_seq_id 
_atom_site.pdbx_PDB_ins_code 
_atom_site.Cartn_x 
_atom_site.Cartn_y 
_atom_site.Cartn_z 
_atom_site.occupancy 
_atom_site.B_iso_or_equiv 
_atom_site.pdbx_formal_charge 
_atom_site.auth_seq_id 
_atom_site.auth_comp_id 
_atom_site.auth_asym_id 
_atom_site.auth_atom_id 
_atom_site.pdbx_PDB_model_num 
ATOM   1    N N   . GLY A 1 1   ? -2.646  14.328  10.880  1.00 59.00 ? 13  GLY A N   1 
ATOM   2    C CA  . GLY A 1 1   ? -2.442  14.111  9.414   1.00 57.34 ? 13  GLY A CA  1 
ATOM   3    C C   . GLY A 1 1   ? -3.224  12.933  8.866   1.00 54.55 ? 13  GLY A C   1 
ATOM   4    O O   . GLY A 1 1   ? -4.115  12.399  9.531   1.00 54.45 ? 13  GLY A O   1 
ATOM   5    N N   . ALA A 1 2   ? -2.897  12.534  7.639   1.00 53.92 ? 14  ALA A N   1 
ATOM   6    C CA  . ALA A 1 2   ? -3.485  11.336  7.037   1.00 50.74 ? 14  ALA A CA  1 
ATOM   7    C C   . ALA A 1 2   ? -3.048  10.051  7.767   1.00 49.83 ? 14  ALA A C   1 
ATOM   8    O O   . ALA A 1 2   ? -3.872  9.154   7.968   1.00 51.68 ? 14  ALA A O   1 
ATOM   9    C CB  . ALA A 1 2   ? -3.168  11.265  5.545   1.00 49.55 ? 14  ALA A CB  1 
ATOM   10   N N   . PRO A 1 3   ? -1.755  9.951   8.164   1.00 48.47 ? 15  PRO A N   1 
ATOM   11   C CA  . PRO A 1 3   ? -1.296  8.811   8.986   1.00 46.67 ? 15  PRO A CA  1 
ATOM   12   C C   . PRO A 1 3   ? -2.072  8.621   10.295  1.00 45.60 ? 15  PRO A C   1 
ATOM   13   O O   . PRO A 1 3   ? -2.468  7.501   10.615  1.00 44.37 ? 15  PRO A O   1 
ATOM   14   C CB  . PRO A 1 3   ? 0.159   9.160   9.289   1.00 47.28 ? 15  PRO A CB  1 
ATOM   15   C CG  . PRO A 1 3   ? 0.591   10.003  8.142   1.00 46.74 ? 15  PRO A CG  1 
ATOM   16   C CD  . PRO A 1 3   ? -0.619  10.779  7.711   1.00 48.77 ? 15  PRO A CD  1 
ATOM   17   N N   . ALA A 1 4   ? -2.278  9.707   11.040  1.00 44.22 ? 16  ALA A N   1 
ATOM   18   C CA  . ALA A 1 4   ? -3.037  9.659   12.291  1.00 44.15 ? 16  ALA A CA  1 
ATOM   19   C C   . ALA A 1 4   ? -4.507  9.301   12.079  1.00 41.57 ? 16  ALA A C   1 
ATOM   20   O O   . ALA A 1 4   ? -5.103  8.634   12.923  1.00 42.58 ? 16  ALA A O   1 
ATOM   21   C CB  . ALA A 1 4   ? -2.923  10.986  13.031  1.00 44.87 ? 16  ALA A CB  1 
ATOM   22   N N   . THR A 1 5   ? -5.089  9.770   10.973  1.00 40.78 ? 17  THR A N   1 
ATOM   23   C CA  . THR A 1 5   ? -6.481  9.470   10.605  1.00 39.58 ? 17  THR A CA  1 
ATOM   24   C C   . THR A 1 5   ? -6.671  7.967   10.361  1.00 38.26 ? 17  THR A C   1 
ATOM   25   O O   . THR A 1 5   ? -7.690  7.373   10.755  1.00 36.10 ? 17  THR A O   1 
ATOM   26   C CB  . THR A 1 5   ? -6.887  10.224  9.312   1.00 41.92 ? 17  THR A CB  1 
ATOM   27   O OG1 . THR A 1 5   ? -6.453  11.591  9.391   1.00 41.10 ? 17  THR A OG1 1 
ATOM   28   C CG2 . THR A 1 5   ? -8.408  10.174  9.076   1.00 41.89 ? 17  THR A CG2 1 
ATOM   29   N N   . VAL A 1 6   ? -5.692  7.372   9.683   1.00 37.24 ? 18  VAL A N   1 
ATOM   30   C CA  . VAL A 1 6   ? -5.704  5.937   9.392   1.00 38.14 ? 18  VAL A CA  1 
ATOM   31   C C   . VAL A 1 6   ? -5.555  5.125   10.682  1.00 40.42 ? 18  VAL A C   1 
ATOM   32   O O   . VAL A 1 6   ? -6.202  4.087   10.834  1.00 39.14 ? 18  VAL A O   1 
ATOM   33   C CB  . VAL A 1 6   ? -4.609  5.548   8.359   1.00 37.71 ? 18  VAL A CB  1 
ATOM   34   C CG1 . VAL A 1 6   ? -4.473  4.039   8.224   1.00 37.61 ? 18  VAL A CG1 1 
ATOM   35   C CG2 . VAL A 1 6   ? -4.936  6.150   6.994   1.00 37.95 ? 18  VAL A CG2 1 
ATOM   36   N N   . THR A 1 7   ? -4.711  5.589   11.603  1.00 43.16 ? 19  THR A N   1 
ATOM   37   C CA  . THR A 1 7   ? -4.582  4.922   12.900  1.00 43.00 ? 19  THR A CA  1 
ATOM   38   C C   . THR A 1 7   ? -5.933  4.887   13.613  1.00 41.70 ? 19  THR A C   1 
ATOM   39   O O   . THR A 1 7   ? -6.337  3.844   14.108  1.00 39.54 ? 19  THR A O   1 
ATOM   40   C CB  . THR A 1 7   ? -3.536  5.595   13.812  1.00 44.52 ? 19  THR A CB  1 
ATOM   41   O OG1 . THR A 1 7   ? -2.321  5.825   13.089  1.00 43.23 ? 19  THR A OG1 1 
ATOM   42   C CG2 . THR A 1 7   ? -3.234  4.717   15.035  1.00 44.21 ? 19  THR A CG2 1 
ATOM   43   N N   . GLU A 1 8   ? -6.627  6.022   13.645  1.00 44.78 ? 20  GLU A N   1 
ATOM   44   C CA  . GLU A 1 8   ? -7.904  6.151   14.352  1.00 46.73 ? 20  GLU A CA  1 
ATOM   45   C C   . GLU A 1 8   ? -9.033  5.382   13.666  1.00 44.93 ? 20  GLU A C   1 
ATOM   46   O O   . GLU A 1 8   ? -9.734  4.603   14.307  1.00 48.83 ? 20  GLU A O   1 
ATOM   47   C CB  . GLU A 1 8   ? -8.336  7.623   14.429  1.00 49.90 ? 20  GLU A CB  1 
ATOM   48   C CG  . GLU A 1 8   ? -7.409  8.550   15.199  1.00 52.70 ? 20  GLU A CG  1 
ATOM   49   C CD  . GLU A 1 8   ? -7.627  10.011  14.823  1.00 56.55 ? 20  GLU A CD  1 
ATOM   50   O OE1 . GLU A 1 8   ? -8.788  10.481  14.917  1.00 59.11 ? 20  GLU A OE1 1 
ATOM   51   O OE2 . GLU A 1 8   ? -6.647  10.687  14.421  1.00 51.21 ? 20  GLU A OE2 1 
ATOM   52   N N   . GLN A 1 9   ? -9.202  5.623   12.367  1.00 39.12 ? 21  GLN A N   1 
ATOM   53   C CA  . GLN A 1 9   ? -10.362 5.145   11.610  1.00 40.62 ? 21  GLN A CA  1 
ATOM   54   C C   . GLN A 1 9   ? -10.085 3.986   10.637  1.00 36.60 ? 21  GLN A C   1 
ATOM   55   O O   . GLN A 1 9   ? -11.014 3.462   10.018  1.00 37.39 ? 21  GLN A O   1 
ATOM   56   C CB  . GLN A 1 9   ? -10.953 6.314   10.822  1.00 42.31 ? 21  GLN A CB  1 
ATOM   57   C CG  . GLN A 1 9   ? -11.173 7.571   11.653  1.00 45.80 ? 21  GLN A CG  1 
ATOM   58   C CD  . GLN A 1 9   ? -11.862 8.671   10.871  1.00 48.36 ? 21  GLN A CD  1 
ATOM   59   O OE1 . GLN A 1 9   ? -12.807 8.419   10.122  1.00 49.39 ? 21  GLN A OE1 1 
ATOM   60   N NE2 . GLN A 1 9   ? -11.397 9.907   11.047  1.00 51.26 ? 21  GLN A NE2 1 
ATOM   61   N N   . GLY A 1 10  ? -8.824  3.578   10.507  1.00 37.06 ? 22  GLY A N   1 
ATOM   62   C CA  . GLY A 1 10  ? -8.464  2.565   9.526   1.00 34.97 ? 22  GLY A CA  1 
ATOM   63   C C   . GLY A 1 10  ? -8.982  1.185   9.882   1.00 34.61 ? 22  GLY A C   1 
ATOM   64   O O   . GLY A 1 10  ? -9.037  0.822   11.061  1.00 34.28 ? 22  GLY A O   1 
ATOM   65   N N   . GLU A 1 11  ? -9.352  0.420   8.859   1.00 32.43 ? 23  GLU A N   1 
ATOM   66   C CA  . GLU A 1 11  ? -9.687  -0.995  9.025   1.00 33.25 ? 23  GLU A CA  1 
ATOM   67   C C   . GLU A 1 11  ? -8.440  -1.874  9.064   1.00 32.46 ? 23  GLU A C   1 
ATOM   68   O O   . GLU A 1 11  ? -7.587  -1.769  8.190   1.00 27.33 ? 23  GLU A O   1 
ATOM   69   C CB  . GLU A 1 11  ? -10.578 -1.461  7.876   1.00 36.29 ? 23  GLU A CB  1 
ATOM   70   C CG  . GLU A 1 11  ? -11.989 -0.901  7.942   1.00 42.29 ? 23  GLU A CG  1 
ATOM   71   C CD  . GLU A 1 11  ? -12.933 -1.589  6.966   1.00 45.59 ? 23  GLU A CD  1 
ATOM   72   O OE1 . GLU A 1 11  ? -14.153 -1.320  7.043   1.00 48.45 ? 23  GLU A OE1 1 
ATOM   73   O OE2 . GLU A 1 11  ? -12.456 -2.396  6.129   1.00 46.71 ? 23  GLU A OE2 1 
ATOM   74   N N   . ASP A 1 12  ? -8.360  -2.775  10.042  1.00 30.29 ? 24  ASP A N   1 
ATOM   75   C CA  . ASP A 1 12  ? -7.269  -3.749  10.111  1.00 30.49 ? 24  ASP A CA  1 
ATOM   76   C C   . ASP A 1 12  ? -7.550  -4.835  9.074   1.00 29.72 ? 24  ASP A C   1 
ATOM   77   O O   . ASP A 1 12  ? -8.555  -5.570  9.186   1.00 28.76 ? 24  ASP A O   1 
ATOM   78   C CB  . ASP A 1 12  ? -7.191  -4.364  11.524  1.00 31.69 ? 24  ASP A CB  1 
ATOM   79   C CG  . ASP A 1 12  ? -5.921  -5.167  11.765  1.00 34.32 ? 24  ASP A CG  1 
ATOM   80   O OD1 . ASP A 1 12  ? -5.199  -5.526  10.810  1.00 30.66 ? 24  ASP A OD1 1 
ATOM   81   O OD2 . ASP A 1 12  ? -5.625  -5.442  12.962  1.00 34.14 ? 24  ASP A OD2 1 
ATOM   82   N N   . ILE A 1 13  ? -6.688  -4.919  8.055   1.00 26.07 ? 25  ILE A N   1 
ATOM   83   C CA  . ILE A 1 13  ? -6.875  -5.918  6.997   1.00 25.08 ? 25  ILE A CA  1 
ATOM   84   C C   . ILE A 1 13  ? -5.910  -7.111  7.054   1.00 24.29 ? 25  ILE A C   1 
ATOM   85   O O   . ILE A 1 13  ? -5.847  -7.898  6.114   1.00 26.05 ? 25  ILE A O   1 
ATOM   86   C CB  . ILE A 1 13  ? -6.848  -5.258  5.599   1.00 24.64 ? 25  ILE A CB  1 
ATOM   87   C CG1 . ILE A 1 13  ? -5.512  -4.527  5.352   1.00 23.43 ? 25  ILE A CG1 1 
ATOM   88   C CG2 . ILE A 1 13  ? -8.034  -4.321  5.474   1.00 25.96 ? 25  ILE A CG2 1 
ATOM   89   C CD1 . ILE A 1 13  ? -5.334  -4.125  3.896   1.00 22.88 ? 25  ILE A CD1 1 
ATOM   90   N N   . THR A 1 14  ? -5.173  -7.252  8.156   1.00 26.59 ? 26  THR A N   1 
ATOM   91   C CA  . THR A 1 14  ? -4.249  -8.391  8.339   1.00 27.18 ? 26  THR A CA  1 
ATOM   92   C C   . THR A 1 14  ? -5.015  -9.646  8.761   1.00 29.76 ? 26  THR A C   1 
ATOM   93   O O   . THR A 1 14  ? -6.038  -9.533  9.444   1.00 33.06 ? 26  THR A O   1 
ATOM   94   C CB  . THR A 1 14  ? -3.239  -8.114  9.466   1.00 27.63 ? 26  THR A CB  1 
ATOM   95   O OG1 . THR A 1 14  ? -3.954  -7.917  10.693  1.00 26.10 ? 26  THR A OG1 1 
ATOM   96   C CG2 . THR A 1 14  ? -2.404  -6.889  9.159   1.00 28.07 ? 26  THR A CG2 1 
ATOM   97   N N   . SER A 1 15  ? -4.506  -10.820 8.383   1.00 32.39 ? 27  SER A N   1 
ATOM   98   C CA  . SER A 1 15  ? -5.066  -12.110 8.840   1.00 35.30 ? 27  SER A CA  1 
ATOM   99   C C   . SER A 1 15  ? -4.946  -12.215 10.354  1.00 36.08 ? 27  SER A C   1 
ATOM   100  O O   . SER A 1 15  ? -5.895  -12.604 11.035  1.00 35.08 ? 27  SER A O   1 
ATOM   101  C CB  . SER A 1 15  ? -4.307  -13.296 8.235   1.00 35.75 ? 27  SER A CB  1 
ATOM   102  O OG  . SER A 1 15  ? -4.287  -13.268 6.822   1.00 39.75 ? 27  SER A OG  1 
ATOM   103  N N   . LYS A 1 16  ? -3.766  -11.879 10.874  1.00 34.70 ? 28  LYS A N   1 
ATOM   104  C CA  . LYS A 1 16  ? -3.511  -11.972 12.311  1.00 38.34 ? 28  LYS A CA  1 
ATOM   105  C C   . LYS A 1 16  ? -4.204  -10.892 13.159  1.00 36.45 ? 28  LYS A C   1 
ATOM   106  O O   . LYS A 1 16  ? -4.259  -11.032 14.371  1.00 33.56 ? 28  LYS A O   1 
ATOM   107  C CB  . LYS A 1 16  ? -2.013  -11.950 12.603  1.00 41.27 ? 28  LYS A CB  1 
ATOM   108  C CG  . LYS A 1 16  ? -1.285  -13.225 12.215  1.00 44.48 ? 28  LYS A CG  1 
ATOM   109  C CD  . LYS A 1 16  ? 0.124   -13.256 12.795  1.00 47.05 ? 28  LYS A CD  1 
ATOM   110  C CE  . LYS A 1 16  ? 1.085   -12.360 12.029  1.00 49.91 ? 28  LYS A CE  1 
ATOM   111  N NZ  . LYS A 1 16  ? 2.158   -11.818 12.910  1.00 51.05 ? 28  LYS A NZ  1 
ATOM   112  N N   . LYS A 1 17  ? -4.735  -9.837  12.541  1.00 36.02 ? 29  LYS A N   1 
ATOM   113  C CA  . LYS A 1 17  ? -5.412  -8.757  13.285  1.00 35.60 ? 29  LYS A CA  1 
ATOM   114  C C   . LYS A 1 17  ? -4.489  -8.063  14.317  1.00 35.28 ? 29  LYS A C   1 
ATOM   115  O O   . LYS A 1 17  ? -4.888  -7.753  15.450  1.00 34.78 ? 29  LYS A O   1 
ATOM   116  C CB  . LYS A 1 17  ? -6.700  -9.287  13.946  1.00 37.89 ? 29  LYS A CB  1 
ATOM   117  C CG  . LYS A 1 17  ? -7.785  -9.693  12.964  1.00 40.78 ? 29  LYS A CG  1 
ATOM   118  C CD  . LYS A 1 17  ? -8.348  -8.471  12.251  1.00 42.58 ? 29  LYS A CD  1 
ATOM   119  C CE  . LYS A 1 17  ? -9.518  -8.805  11.342  1.00 43.56 ? 29  LYS A CE  1 
ATOM   120  N NZ  . LYS A 1 17  ? -9.070  -9.334  10.029  1.00 45.38 ? 29  LYS A NZ  1 
ATOM   121  N N   . ASP A 1 18  ? -3.256  -7.796  13.899  1.00 32.96 ? 30  ASP A N   1 
ATOM   122  C CA  . ASP A 1 18  ? -2.256  -7.128  14.735  1.00 32.41 ? 30  ASP A CA  1 
ATOM   123  C C   . ASP A 1 18  ? -2.088  -5.625  14.409  1.00 31.62 ? 30  ASP A C   1 
ATOM   124  O O   . ASP A 1 18  ? -1.132  -4.982  14.862  1.00 33.68 ? 30  ASP A O   1 
ATOM   125  C CB  . ASP A 1 18  ? -0.909  -7.862  14.612  1.00 31.38 ? 30  ASP A CB  1 
ATOM   126  C CG  . ASP A 1 18  ? -0.400  -7.948  13.171  1.00 31.42 ? 30  ASP A CG  1 
ATOM   127  O OD1 . ASP A 1 18  ? 0.521   -8.753  12.909  1.00 30.43 ? 30  ASP A OD1 1 
ATOM   128  O OD2 . ASP A 1 18  ? -0.915  -7.215  12.296  1.00 31.43 ? 30  ASP A OD2 1 
ATOM   129  N N   . ARG A 1 19  ? -3.022  -5.079  13.639  1.00 32.19 ? 31  ARG A N   1 
ATOM   130  C CA  . ARG A 1 19  ? -2.996  -3.682  13.186  1.00 31.54 ? 31  ARG A CA  1 
ATOM   131  C C   . ARG A 1 19  ? -1.775  -3.325  12.346  1.00 29.58 ? 31  ARG A C   1 
ATOM   132  O O   . ARG A 1 19  ? -1.458  -2.153  12.193  1.00 29.16 ? 31  ARG A O   1 
ATOM   133  C CB  . ARG A 1 19  ? -3.168  -2.720  14.362  1.00 31.88 ? 31  ARG A CB  1 
ATOM   134  C CG  . ARG A 1 19  ? -4.568  -2.802  14.955  1.00 32.97 ? 31  ARG A CG  1 
ATOM   135  C CD  . ARG A 1 19  ? -4.676  -2.002  16.244  1.00 34.81 ? 31  ARG A CD  1 
ATOM   136  N NE  . ARG A 1 19  ? -4.432  -0.573  16.061  1.00 36.06 ? 31  ARG A NE  1 
ATOM   137  C CZ  . ARG A 1 19  ? -5.270  0.295   15.486  1.00 36.33 ? 31  ARG A CZ  1 
ATOM   138  N NH1 . ARG A 1 19  ? -6.436  -0.100  14.974  1.00 36.27 ? 31  ARG A NH1 1 
ATOM   139  N NH2 . ARG A 1 19  ? -4.924  1.585   15.397  1.00 35.75 ? 31  ARG A NH2 1 
ATOM   140  N N   . GLY A 1 20  ? -1.135  -4.333  11.766  1.00 28.23 ? 32  GLY A N   1 
ATOM   141  C CA  . GLY A 1 20  ? 0.074   -4.132  10.969  1.00 27.75 ? 32  GLY A CA  1 
ATOM   142  C C   . GLY A 1 20  ? -0.150  -3.421  9.648   1.00 27.46 ? 32  GLY A C   1 
ATOM   143  O O   . GLY A 1 20  ? 0.758   -2.784  9.126   1.00 26.41 ? 32  GLY A O   1 
ATOM   144  N N   . VAL A 1 21  ? -1.365  -3.554  9.125   1.00 23.78 ? 33  VAL A N   1 
ATOM   145  C CA  . VAL A 1 21  ? -1.792  -2.924  7.894   1.00 23.05 ? 33  VAL A CA  1 
ATOM   146  C C   . VAL A 1 21  ? -3.200  -2.385  8.116   1.00 22.11 ? 33  VAL A C   1 
ATOM   147  O O   . VAL A 1 21  ? -4.140  -3.155  8.314   1.00 21.95 ? 33  VAL A O   1 
ATOM   148  C CB  . VAL A 1 21  ? -1.804  -3.902  6.711   1.00 22.63 ? 33  VAL A CB  1 
ATOM   149  C CG1 . VAL A 1 21  ? -2.021  -3.133  5.410   1.00 23.06 ? 33  VAL A CG1 1 
ATOM   150  C CG2 . VAL A 1 21  ? -0.499  -4.686  6.655   1.00 23.02 ? 33  VAL A CG2 1 
ATOM   151  N N   . LEU A 1 22  ? -3.321  -1.060  8.092   1.00 20.72 ? 34  LEU A N   1 
ATOM   152  C CA  . LEU A 1 22  ? -4.591  -0.349  8.275   1.00 22.90 ? 34  LEU A CA  1 
ATOM   153  C C   . LEU A 1 22  ? -4.987  0.434   7.027   1.00 23.55 ? 34  LEU A C   1 
ATOM   154  O O   . LEU A 1 22  ? -4.162  1.143   6.430   1.00 22.08 ? 34  LEU A O   1 
ATOM   155  C CB  . LEU A 1 22  ? -4.480  0.622   9.466   1.00 24.03 ? 34  LEU A CB  1 
ATOM   156  C CG  . LEU A 1 22  ? -4.285  0.039   10.865  1.00 26.33 ? 34  LEU A CG  1 
ATOM   157  C CD1 . LEU A 1 22  ? -3.876  1.130   11.858  1.00 26.30 ? 34  LEU A CD1 1 
ATOM   158  C CD2 . LEU A 1 22  ? -5.576  -0.637  11.304  1.00 27.17 ? 34  LEU A CD2 1 
ATOM   159  N N   . LYS A 1 23  ? -6.263  0.345   6.655   1.00 21.34 ? 35  LYS A N   1 
ATOM   160  C CA  . LYS A 1 23  ? -6.745  0.889   5.396   1.00 21.34 ? 35  LYS A CA  1 
ATOM   161  C C   . LYS A 1 23  ? -7.918  1.822   5.621   1.00 23.52 ? 35  LYS A C   1 
ATOM   162  O O   . LYS A 1 23  ? -8.757  1.572   6.492   1.00 25.58 ? 35  LYS A O   1 
ATOM   163  C CB  . LYS A 1 23  ? -7.161  -0.255  4.467   1.00 21.10 ? 35  LYS A CB  1 
ATOM   164  C CG  . LYS A 1 23  ? -7.723  0.169   3.130   1.00 21.08 ? 35  LYS A CG  1 
ATOM   165  C CD  . LYS A 1 23  ? -8.271  -1.008  2.332   1.00 20.74 ? 35  LYS A CD  1 
ATOM   166  C CE  . LYS A 1 23  ? -8.823  -0.525  1.015   1.00 21.79 ? 35  LYS A CE  1 
ATOM   167  N NZ  . LYS A 1 23  ? -9.580  -1.547  0.251   1.00 22.61 ? 35  LYS A NZ  1 
ATOM   168  N N   . ILE A 1 24  ? -7.933  2.930   4.891   1.00 22.98 ? 36  ILE A N   1 
ATOM   169  C CA  . ILE A 1 24  ? -9.125  3.729   4.716   1.00 23.21 ? 36  ILE A CA  1 
ATOM   170  C C   . ILE A 1 24  ? -9.351  3.928   3.234   1.00 22.38 ? 36  ILE A C   1 
ATOM   171  O O   . ILE A 1 24  ? -8.423  4.366   2.536   1.00 20.76 ? 36  ILE A O   1 
ATOM   172  C CB  . ILE A 1 24  ? -8.986  5.143   5.298   1.00 23.90 ? 36  ILE A CB  1 
ATOM   173  C CG1 . ILE A 1 24  ? -8.754  5.066   6.816   1.00 26.74 ? 36  ILE A CG1 1 
ATOM   174  C CG2 . ILE A 1 24  ? -10.244 5.934   4.925   1.00 23.46 ? 36  ILE A CG2 1 
ATOM   175  C CD1 . ILE A 1 24  ? -8.949  6.373   7.545   1.00 28.96 ? 36  ILE A CD1 1 
ATOM   176  N N   . VAL A 1 25  ? -10.569 3.643   2.767   1.00 21.60 ? 37  VAL A N   1 
ATOM   177  C CA  . VAL A 1 25  ? -10.943 3.915   1.386   1.00 21.29 ? 37  VAL A CA  1 
ATOM   178  C C   . VAL A 1 25  ? -11.204 5.423   1.273   1.00 22.92 ? 37  VAL A C   1 
ATOM   179  O O   . VAL A 1 25  ? -12.022 5.962   2.014   1.00 22.83 ? 37  VAL A O   1 
ATOM   180  C CB  . VAL A 1 25  ? -12.180 3.117   0.929   1.00 21.27 ? 37  VAL A CB  1 
ATOM   181  C CG1 . VAL A 1 25  ? -12.628 3.585   -0.426  1.00 20.57 ? 37  VAL A CG1 1 
ATOM   182  C CG2 . VAL A 1 25  ? -11.881 1.617   0.858   1.00 20.58 ? 37  VAL A CG2 1 
ATOM   183  N N   . LYS A 1 26  ? -10.493 6.100   0.363   1.00 22.86 ? 38  LYS A N   1 
ATOM   184  C CA  . LYS A 1 26  ? -10.664 7.551   0.125   1.00 22.06 ? 38  LYS A CA  1 
ATOM   185  C C   . LYS A 1 26  ? -11.543 7.836   -1.097  1.00 21.90 ? 38  LYS A C   1 
ATOM   186  O O   . LYS A 1 26  ? -12.209 8.892   -1.186  1.00 23.80 ? 38  LYS A O   1 
ATOM   187  C CB  . LYS A 1 26  ? -9.300  8.222   -0.076  1.00 21.80 ? 38  LYS A CB  1 
ATOM   188  C CG  . LYS A 1 26  ? -8.258  8.009   1.022   1.00 23.10 ? 38  LYS A CG  1 
ATOM   189  C CD  . LYS A 1 26  ? -8.716  8.433   2.405   1.00 25.03 ? 38  LYS A CD  1 
ATOM   190  C CE  . LYS A 1 26  ? -9.023  9.909   2.442   1.00 25.89 ? 38  LYS A CE  1 
ATOM   191  N NZ  . LYS A 1 26  ? -9.546  10.311  3.770   1.00 28.46 ? 38  LYS A NZ  1 
ATOM   192  N N   . ARG A 1 27  ? -11.531 6.919   -2.057  1.00 21.18 ? 39  ARG A N   1 
ATOM   193  C CA  . ARG A 1 27  ? -12.399 6.975   -3.203  1.00 20.50 ? 39  ARG A CA  1 
ATOM   194  C C   . ARG A 1 27  ? -12.859 5.564   -3.502  1.00 21.52 ? 39  ARG A C   1 
ATOM   195  O O   . ARG A 1 27  ? -12.061 4.662   -3.634  1.00 19.33 ? 39  ARG A O   1 
ATOM   196  C CB  . ARG A 1 27  ? -11.717 7.593   -4.424  1.00 22.12 ? 39  ARG A CB  1 
ATOM   197  C CG  . ARG A 1 27  ? -12.619 7.743   -5.645  1.00 23.04 ? 39  ARG A CG  1 
ATOM   198  C CD  . ARG A 1 27  ? -11.850 8.391   -6.790  1.00 24.78 ? 39  ARG A CD  1 
ATOM   199  N NE  . ARG A 1 27  ? -11.447 9.760   -6.481  1.00 24.75 ? 39  ARG A NE  1 
ATOM   200  C CZ  . ARG A 1 27  ? -10.625 10.500  -7.227  1.00 25.98 ? 39  ARG A CZ  1 
ATOM   201  N NH1 . ARG A 1 27  ? -10.052 10.001  -8.332  1.00 27.43 ? 39  ARG A NH1 1 
ATOM   202  N NH2 . ARG A 1 27  ? -10.346 11.738  -6.850  1.00 25.58 ? 39  ARG A NH2 1 
ATOM   203  N N   . VAL A 1 28  ? -14.165 5.392   -3.616  1.00 22.20 ? 40  VAL A N   1 
ATOM   204  C CA  . VAL A 1 28  ? -14.747 4.099   -3.911  1.00 24.18 ? 40  VAL A CA  1 
ATOM   205  C C   . VAL A 1 28  ? -14.568 3.754   -5.386  1.00 23.24 ? 40  VAL A C   1 
ATOM   206  O O   . VAL A 1 28  ? -14.716 4.614   -6.282  1.00 22.47 ? 40  VAL A O   1 
ATOM   207  C CB  . VAL A 1 28  ? -16.250 4.073   -3.493  1.00 24.98 ? 40  VAL A CB  1 
ATOM   208  C CG1 . VAL A 1 28  ? -16.937 2.819   -3.983  1.00 26.43 ? 40  VAL A CG1 1 
ATOM   209  C CG2 . VAL A 1 28  ? -16.367 4.194   -1.987  1.00 25.35 ? 40  VAL A CG2 1 
ATOM   210  N N   . GLY A 1 29  ? -14.186 2.496   -5.643  1.00 23.47 ? 41  GLY A N   1 
ATOM   211  C CA  . GLY A 1 29  ? -13.954 2.020   -6.989  1.00 23.89 ? 41  GLY A CA  1 
ATOM   212  C C   . GLY A 1 29  ? -15.222 1.508   -7.637  1.00 27.48 ? 41  GLY A C   1 
ATOM   213  O O   . GLY A 1 29  ? -16.302 1.708   -7.101  1.00 29.65 ? 41  GLY A O   1 
ATOM   214  N N   . ASN A 1 30  ? -15.073 0.873   -8.794  1.00 31.28 ? 42  ASN A N   1 
ATOM   215  C CA  . ASN A 1 30  ? -16.204 0.402   -9.607  1.00 33.01 ? 42  ASN A CA  1 
ATOM   216  C C   . ASN A 1 30  ? -16.500 -1.075  -9.386  1.00 34.83 ? 42  ASN A C   1 
ATOM   217  O O   . ASN A 1 30  ? -15.595 -1.881  -9.144  1.00 31.31 ? 42  ASN A O   1 
ATOM   218  C CB  . ASN A 1 30  ? -15.903 0.601   -11.085 1.00 37.29 ? 42  ASN A CB  1 
ATOM   219  C CG  . ASN A 1 30  ? -15.608 2.047   -11.421 1.00 40.60 ? 42  ASN A CG  1 
ATOM   220  O OD1 . ASN A 1 30  ? -16.387 2.945   -11.078 1.00 44.51 ? 42  ASN A OD1 1 
ATOM   221  N ND2 . ASN A 1 30  ? -14.476 2.285   -12.084 1.00 42.82 ? 42  ASN A ND2 1 
ATOM   222  N N   . GLY A 1 31  ? -17.784 -1.424  -9.462  1.00 33.39 ? 43  GLY A N   1 
ATOM   223  C CA  . GLY A 1 31  ? -18.219 -2.808  -9.318  1.00 33.43 ? 43  GLY A CA  1 
ATOM   224  C C   . GLY A 1 31  ? -17.778 -3.493  -8.040  1.00 32.25 ? 43  GLY A C   1 
ATOM   225  O O   . GLY A 1 31  ? -17.685 -2.876  -6.967  1.00 30.80 ? 43  GLY A O   1 
ATOM   226  N N   . GLU A 1 32  ? -17.490 -4.785  -8.160  1.00 29.68 ? 44  GLU A N   1 
ATOM   227  C CA  . GLU A 1 32  ? -17.193 -5.608  -6.983  1.00 28.62 ? 44  GLU A CA  1 
ATOM   228  C C   . GLU A 1 32  ? -15.839 -6.323  -7.079  1.00 24.98 ? 44  GLU A C   1 
ATOM   229  O O   . GLU A 1 32  ? -15.262 -6.685  -6.054  1.00 21.61 ? 44  GLU A O   1 
ATOM   230  C CB  . GLU A 1 32  ? -18.333 -6.618  -6.761  1.00 30.89 ? 44  GLU A CB  1 
ATOM   231  C CG  . GLU A 1 32  ? -19.705 -5.941  -6.608  1.00 34.21 ? 44  GLU A CG  1 
ATOM   232  C CD  . GLU A 1 32  ? -20.827 -6.856  -6.127  1.00 38.15 ? 44  GLU A CD  1 
ATOM   233  O OE1 . GLU A 1 32  ? -20.591 -8.069  -5.915  1.00 39.01 ? 44  GLU A OE1 1 
ATOM   234  O OE2 . GLU A 1 32  ? -21.970 -6.346  -5.968  1.00 42.65 ? 44  GLU A OE2 1 
ATOM   235  N N   . GLU A 1 33  ? -15.325 -6.501  -8.290  1.00 22.79 ? 45  GLU A N   1 
ATOM   236  C CA  . GLU A 1 33  ? -14.160 -7.364  -8.465  1.00 24.23 ? 45  GLU A CA  1 
ATOM   237  C C   . GLU A 1 33  ? -12.858 -6.787  -7.905  1.00 22.04 ? 45  GLU A C   1 
ATOM   238  O O   . GLU A 1 33  ? -12.608 -5.595  -7.961  1.00 20.73 ? 45  GLU A O   1 
ATOM   239  C CB  . GLU A 1 33  ? -14.001 -7.805  -9.915  1.00 27.18 ? 45  GLU A CB  1 
ATOM   240  C CG  . GLU A 1 33  ? -13.765 -6.691  -10.922 1.00 32.97 ? 45  GLU A CG  1 
ATOM   241  C CD  . GLU A 1 33  ? -13.591 -7.229  -12.331 1.00 36.71 ? 45  GLU A CD  1 
ATOM   242  O OE1 . GLU A 1 33  ? -13.677 -8.471  -12.497 1.00 41.69 ? 45  GLU A OE1 1 
ATOM   243  O OE2 . GLU A 1 33  ? -13.368 -6.413  -13.255 1.00 38.84 ? 45  GLU A OE2 1 
ATOM   244  N N   . THR A 1 34  ? -12.050 -7.671  -7.328  1.00 19.97 ? 46  THR A N   1 
ATOM   245  C CA  . THR A 1 34  ? -10.734 -7.342  -6.783  1.00 18.80 ? 46  THR A CA  1 
ATOM   246  C C   . THR A 1 34  ? -9.731  -8.317  -7.397  1.00 20.09 ? 46  THR A C   1 
ATOM   247  O O   . THR A 1 34  ? -10.122 -9.391  -7.892  1.00 18.58 ? 46  THR A O   1 
ATOM   248  C CB  . THR A 1 34  ? -10.742 -7.409  -5.247  1.00 19.06 ? 46  THR A CB  1 
ATOM   249  O OG1 . THR A 1 34  ? -11.131 -8.715  -4.778  1.00 16.88 ? 46  THR A OG1 1 
ATOM   250  C CG2 . THR A 1 34  ? -11.678 -6.398  -4.725  1.00 18.22 ? 46  THR A CG2 1 
ATOM   251  N N   . PRO A 1 35  ? -8.443  -7.930  -7.418  1.00 19.37 ? 47  PRO A N   1 
ATOM   252  C CA  . PRO A 1 35  ? -7.466  -8.709  -8.165  1.00 20.06 ? 47  PRO A CA  1 
ATOM   253  C C   . PRO A 1 35  ? -7.102  -10.068 -7.533  1.00 21.14 ? 47  PRO A C   1 
ATOM   254  O O   . PRO A 1 35  ? -7.141  -10.208 -6.310  1.00 19.76 ? 47  PRO A O   1 
ATOM   255  C CB  . PRO A 1 35  ? -6.234  -7.795  -8.213  1.00 20.75 ? 47  PRO A CB  1 
ATOM   256  C CG  . PRO A 1 35  ? -6.428  -6.711  -7.217  1.00 21.76 ? 47  PRO A CG  1 
ATOM   257  C CD  . PRO A 1 35  ? -7.926  -6.607  -6.992  1.00 19.72 ? 47  PRO A CD  1 
ATOM   258  N N   . MET A 1 36  ? -6.749  -11.039 -8.384  1.00 22.05 ? 48  MET A N   1 
ATOM   259  C CA  . MET A 1 36  ? -6.359  -12.375 -7.964  1.00 22.96 ? 48  MET A CA  1 
ATOM   260  C C   . MET A 1 36  ? -4.846  -12.443 -7.857  1.00 21.16 ? 48  MET A C   1 
ATOM   261  O O   . MET A 1 36  ? -4.139  -11.672 -8.506  1.00 20.23 ? 48  MET A O   1 
ATOM   262  C CB  . MET A 1 36  ? -6.769  -13.406 -9.027  1.00 25.75 ? 48  MET A CB  1 
ATOM   263  C CG  . MET A 1 36  ? -8.205  -13.310 -9.510  1.00 29.47 ? 48  MET A CG  1 
ATOM   264  S SD  . MET A 1 36  ? -9.151  -13.860 -8.106  1.00 34.67 ? 48  MET A SD  1 
ATOM   265  C CE  . MET A 1 36  ? -10.822 -14.019 -8.766  1.00 34.74 ? 48  MET A CE  1 
ATOM   266  N N   . ILE A 1 37  ? -4.355  -13.417 -7.104  1.00 21.77 ? 49  ILE A N   1 
ATOM   267  C CA  . ILE A 1 37  ? -2.922  -13.706 -7.071  1.00 21.93 ? 49  ILE A CA  1 
ATOM   268  C C   . ILE A 1 37  ? -2.385  -13.967 -8.478  1.00 22.43 ? 49  ILE A C   1 
ATOM   269  O O   . ILE A 1 37  ? -2.996  -14.675 -9.288  1.00 20.07 ? 49  ILE A O   1 
ATOM   270  C CB  . ILE A 1 37  ? -2.607  -14.866 -6.105  1.00 23.62 ? 49  ILE A CB  1 
ATOM   271  C CG1 . ILE A 1 37  ? -2.845  -14.399 -4.662  1.00 27.05 ? 49  ILE A CG1 1 
ATOM   272  C CG2 . ILE A 1 37  ? -1.163  -15.334 -6.258  1.00 23.23 ? 49  ILE A CG2 1 
ATOM   273  C CD1 . ILE A 1 37  ? -2.911  -15.514 -3.672  1.00 29.22 ? 49  ILE A CD1 1 
ATOM   274  N N   . GLY A 1 38  ? -1.234  -13.372 -8.767  1.00 19.79 ? 50  GLY A N   1 
ATOM   275  C CA  . GLY A 1 38  ? -0.666  -13.390 -10.088 1.00 21.14 ? 50  GLY A CA  1 
ATOM   276  C C   . GLY A 1 38  ? -1.152  -12.375 -11.107 1.00 22.00 ? 50  GLY A C   1 
ATOM   277  O O   . GLY A 1 38  ? -0.541  -12.234 -12.185 1.00 23.51 ? 50  GLY A O   1 
ATOM   278  N N   . ASP A 1 39  ? -2.220  -11.637 -10.793 1.00 22.77 ? 51  ASP A N   1 
ATOM   279  C CA  . ASP A 1 39  ? -2.726  -10.607 -11.690 1.00 22.63 ? 51  ASP A CA  1 
ATOM   280  C C   . ASP A 1 39  ? -1.661  -9.527  -11.775 1.00 21.71 ? 51  ASP A C   1 
ATOM   281  O O   . ASP A 1 39  ? -1.020  -9.215  -10.794 1.00 20.77 ? 51  ASP A O   1 
ATOM   282  C CB  . ASP A 1 39  ? -4.016  -9.941  -11.167 1.00 23.24 ? 51  ASP A CB  1 
ATOM   283  C CG  . ASP A 1 39  ? -5.271  -10.782 -11.384 1.00 26.58 ? 51  ASP A CG  1 
ATOM   284  O OD1 . ASP A 1 39  ? -5.187  -11.963 -11.813 1.00 25.38 ? 51  ASP A OD1 1 
ATOM   285  O OD2 . ASP A 1 39  ? -6.371  -10.227 -11.118 1.00 26.04 ? 51  ASP A OD2 1 
ATOM   286  N N   . LYS A 1 40  ? -1.508  -8.997  -12.970 1.00 23.59 ? 52  LYS A N   1 
ATOM   287  C CA  . LYS A 1 40  ? -0.710  -7.829  -13.253 1.00 25.01 ? 52  LYS A CA  1 
ATOM   288  C C   . LYS A 1 40  ? -1.539  -6.631  -12.798 1.00 23.03 ? 52  LYS A C   1 
ATOM   289  O O   . LYS A 1 40  ? -2.600  -6.376  -13.345 1.00 21.37 ? 52  LYS A O   1 
ATOM   290  C CB  . LYS A 1 40  ? -0.486  -7.761  -14.766 1.00 28.91 ? 52  LYS A CB  1 
ATOM   291  C CG  . LYS A 1 40  ? 0.708   -6.940  -15.208 1.00 33.18 ? 52  LYS A CG  1 
ATOM   292  C CD  . LYS A 1 40  ? 1.297   -7.507  -16.504 1.00 35.74 ? 52  LYS A CD  1 
ATOM   293  C CE  . LYS A 1 40  ? 1.868   -8.909  -16.286 1.00 38.98 ? 52  LYS A CE  1 
ATOM   294  N NZ  . LYS A 1 40  ? 2.560   -9.518  -17.459 1.00 43.12 ? 52  LYS A NZ  1 
ATOM   295  N N   . VAL A 1 41  ? -1.079  -5.928  -11.766 1.00 21.84 ? 53  VAL A N   1 
ATOM   296  C CA  . VAL A 1 41  ? -1.804  -4.739  -11.293 1.00 21.36 ? 53  VAL A CA  1 
ATOM   297  C C   . VAL A 1 41  ? -1.081  -3.448  -11.641 1.00 20.94 ? 53  VAL A C   1 
ATOM   298  O O   . VAL A 1 41  ? 0.122   -3.383  -11.535 1.00 21.52 ? 53  VAL A O   1 
ATOM   299  C CB  . VAL A 1 41  ? -2.114  -4.800  -9.789  1.00 21.89 ? 53  VAL A CB  1 
ATOM   300  C CG1 . VAL A 1 41  ? -2.790  -6.116  -9.483  1.00 20.37 ? 53  VAL A CG1 1 
ATOM   301  C CG2 . VAL A 1 41  ? -0.864  -4.675  -8.936  1.00 22.57 ? 53  VAL A CG2 1 
ATOM   302  N N   . TYR A 1 42  ? -1.858  -2.446  -12.038 1.00 19.24 ? 54  TYR A N   1 
ATOM   303  C CA  . TYR A 1 42  ? -1.363  -1.133  -12.420 1.00 18.47 ? 54  TYR A CA  1 
ATOM   304  C C   . TYR A 1 42  ? -1.859  -0.132  -11.419 1.00 18.27 ? 54  TYR A C   1 
ATOM   305  O O   . TYR A 1 42  ? -3.084  -0.030  -11.209 1.00 17.50 ? 54  TYR A O   1 
ATOM   306  C CB  . TYR A 1 42  ? -1.961  -0.739  -13.750 1.00 20.79 ? 54  TYR A CB  1 
ATOM   307  C CG  . TYR A 1 42  ? -1.616  -1.639  -14.891 1.00 23.89 ? 54  TYR A CG  1 
ATOM   308  C CD1 . TYR A 1 42  ? -0.660  -1.254  -15.830 1.00 26.44 ? 54  TYR A CD1 1 
ATOM   309  C CD2 . TYR A 1 42  ? -2.254  -2.874  -15.048 1.00 26.47 ? 54  TYR A CD2 1 
ATOM   310  C CE1 . TYR A 1 42  ? -0.346  -2.075  -16.899 1.00 28.59 ? 54  TYR A CE1 1 
ATOM   311  C CE2 . TYR A 1 42  ? -1.953  -3.692  -16.123 1.00 29.16 ? 54  TYR A CE2 1 
ATOM   312  C CZ  . TYR A 1 42  ? -1.002  -3.276  -17.036 1.00 29.16 ? 54  TYR A CZ  1 
ATOM   313  O OH  . TYR A 1 42  ? -0.712  -4.073  -18.087 1.00 31.81 ? 54  TYR A OH  1 
ATOM   314  N N   . VAL A 1 43  ? -0.931  0.586   -10.776 1.00 16.38 ? 55  VAL A N   1 
ATOM   315  C CA  . VAL A 1 43  ? -1.300  1.588   -9.803  1.00 16.79 ? 55  VAL A CA  1 
ATOM   316  C C   . VAL A 1 43  ? -0.579  2.912   -10.016 1.00 17.13 ? 55  VAL A C   1 
ATOM   317  O O   . VAL A 1 43  ? 0.471   2.974   -10.656 1.00 18.32 ? 55  VAL A O   1 
ATOM   318  C CB  . VAL A 1 43  ? -1.098  1.128   -8.330  1.00 16.87 ? 55  VAL A CB  1 
ATOM   319  C CG1 . VAL A 1 43  ? -1.659  -0.283  -8.095  1.00 18.03 ? 55  VAL A CG1 1 
ATOM   320  C CG2 . VAL A 1 43  ? 0.366   1.196   -7.936  1.00 16.90 ? 55  VAL A CG2 1 
ATOM   321  N N   . HIS A 1 44  ? -1.179  3.975   -9.508  1.00 17.97 ? 56  HIS A N   1 
ATOM   322  C CA  . HIS A 1 44  ? -0.415  5.151   -9.116  1.00 16.85 ? 56  HIS A CA  1 
ATOM   323  C C   . HIS A 1 44  ? -0.408  5.201   -7.600  1.00 17.21 ? 56  HIS A C   1 
ATOM   324  O O   . HIS A 1 44  ? -1.397  4.843   -6.959  1.00 16.39 ? 56  HIS A O   1 
ATOM   325  C CB  . HIS A 1 44  ? -1.042  6.434   -9.692  1.00 18.43 ? 56  HIS A CB  1 
ATOM   326  C CG  . HIS A 1 44  ? -0.499  6.817   -11.030 1.00 20.53 ? 56  HIS A CG  1 
ATOM   327  N ND1 . HIS A 1 44  ? -1.304  7.151   -12.103 1.00 23.75 ? 56  HIS A ND1 1 
ATOM   328  C CD2 . HIS A 1 44  ? 0.778   6.940   -11.468 1.00 21.23 ? 56  HIS A CD2 1 
ATOM   329  C CE1 . HIS A 1 44  ? -0.543  7.457   -13.140 1.00 22.20 ? 56  HIS A CE1 1 
ATOM   330  N NE2 . HIS A 1 44  ? 0.721   7.342   -12.780 1.00 23.75 ? 56  HIS A NE2 1 
ATOM   331  N N   . TYR A 1 45  ? 0.670   5.708   -7.026  1.00 15.19 ? 57  TYR A N   1 
ATOM   332  C CA  . TYR A 1 45  ? 0.784   5.790   -5.584  1.00 16.09 ? 57  TYR A CA  1 
ATOM   333  C C   . TYR A 1 45  ? 1.644   6.978   -5.155  1.00 16.31 ? 57  TYR A C   1 
ATOM   334  O O   . TYR A 1 45  ? 2.442   7.547   -5.934  1.00 17.50 ? 57  TYR A O   1 
ATOM   335  C CB  . TYR A 1 45  ? 1.380   4.495   -5.014  1.00 15.63 ? 57  TYR A CB  1 
ATOM   336  C CG  . TYR A 1 45  ? 2.871   4.381   -5.240  1.00 16.27 ? 57  TYR A CG  1 
ATOM   337  C CD1 . TYR A 1 45  ? 3.781   4.818   -4.295  1.00 17.49 ? 57  TYR A CD1 1 
ATOM   338  C CD2 . TYR A 1 45  ? 3.355   3.826   -6.397  1.00 16.58 ? 57  TYR A CD2 1 
ATOM   339  C CE1 . TYR A 1 45  ? 5.144   4.742   -4.519  1.00 18.59 ? 57  TYR A CE1 1 
ATOM   340  C CE2 . TYR A 1 45  ? 4.715   3.737   -6.640  1.00 17.46 ? 57  TYR A CE2 1 
ATOM   341  C CZ  . TYR A 1 45  ? 5.601   4.199   -5.712  1.00 18.19 ? 57  TYR A CZ  1 
ATOM   342  O OH  . TYR A 1 45  ? 6.951   4.093   -5.934  1.00 20.78 ? 57  TYR A OH  1 
ATOM   343  N N   . LYS A 1 46  ? 1.476   7.337   -3.903  1.00 15.60 ? 58  LYS A N   1 
ATOM   344  C CA  . LYS A 1 46  ? 2.393   8.224   -3.210  1.00 16.95 ? 58  LYS A CA  1 
ATOM   345  C C   . LYS A 1 46  ? 2.724   7.536   -1.885  1.00 18.68 ? 58  LYS A C   1 
ATOM   346  O O   . LYS A 1 46  ? 1.850   6.951   -1.236  1.00 18.80 ? 58  LYS A O   1 
ATOM   347  C CB  . LYS A 1 46  ? 1.737   9.567   -2.948  1.00 17.47 ? 58  LYS A CB  1 
ATOM   348  C CG  . LYS A 1 46  ? 1.440   10.392  -4.190  1.00 18.04 ? 58  LYS A CG  1 
ATOM   349  C CD  . LYS A 1 46  ? 0.733   11.716  -3.837  1.00 18.59 ? 58  LYS A CD  1 
ATOM   350  C CE  . LYS A 1 46  ? 0.392   12.456  -5.121  1.00 19.52 ? 58  LYS A CE  1 
ATOM   351  N NZ  . LYS A 1 46  ? 0.057   13.875  -4.841  1.00 20.20 ? 58  LYS A NZ  1 
ATOM   352  N N   . GLY A 1 47  ? 3.979   7.619   -1.482  1.00 18.00 ? 59  GLY A N   1 
ATOM   353  C CA  . GLY A 1 47  ? 4.431   6.952   -0.274  1.00 18.72 ? 59  GLY A CA  1 
ATOM   354  C C   . GLY A 1 47  ? 5.391   7.819   0.507   1.00 19.20 ? 59  GLY A C   1 
ATOM   355  O O   . GLY A 1 47  ? 6.110   8.671   -0.053  1.00 17.91 ? 59  GLY A O   1 
ATOM   356  N N   . LYS A 1 48  ? 5.390   7.625   1.820   1.00 19.52 ? 60  LYS A N   1 
ATOM   357  C CA  . LYS A 1 48  ? 6.312   8.344   2.675   1.00 21.38 ? 60  LYS A CA  1 
ATOM   358  C C   . LYS A 1 48  ? 6.567   7.622   3.987   1.00 22.41 ? 60  LYS A C   1 
ATOM   359  O O   . LYS A 1 48  ? 5.744   6.830   4.450   1.00 21.59 ? 60  LYS A O   1 
ATOM   360  C CB  . LYS A 1 48  ? 5.768   9.738   2.964   1.00 21.29 ? 60  LYS A CB  1 
ATOM   361  C CG  . LYS A 1 48  ? 4.433   9.743   3.674   1.00 23.31 ? 60  LYS A CG  1 
ATOM   362  C CD  . LYS A 1 48  ? 4.023   11.159  4.009   1.00 26.00 ? 60  LYS A CD  1 
ATOM   363  C CE  . LYS A 1 48  ? 2.838   11.168  4.967   1.00 28.76 ? 60  LYS A CE  1 
ATOM   364  N NZ  . LYS A 1 48  ? 2.446   12.582  5.242   1.00 29.55 ? 60  LYS A NZ  1 
ATOM   365  N N   . LEU A 1 49  ? 7.722   7.893   4.595   1.00 23.49 ? 61  LEU A N   1 
ATOM   366  C CA  . LEU A 1 49  ? 7.946   7.431   5.948   1.00 27.91 ? 61  LEU A CA  1 
ATOM   367  C C   . LEU A 1 49  ? 6.925   8.176   6.786   1.00 30.16 ? 61  LEU A C   1 
ATOM   368  O O   . LEU A 1 49  ? 6.616   9.332   6.489   1.00 28.81 ? 61  LEU A O   1 
ATOM   369  C CB  . LEU A 1 49  ? 9.375   7.735   6.415   1.00 26.79 ? 61  LEU A CB  1 
ATOM   370  C CG  . LEU A 1 49  ? 10.476  7.187   5.501   1.00 26.41 ? 61  LEU A CG  1 
ATOM   371  C CD1 . LEU A 1 49  ? 11.848  7.604   6.005   1.00 27.58 ? 61  LEU A CD1 1 
ATOM   372  C CD2 . LEU A 1 49  ? 10.357  5.673   5.396   1.00 25.78 ? 61  LEU A CD2 1 
ATOM   373  N N   . SER A 1 50  ? 6.406   7.536   7.826   1.00 33.90 ? 62  SER A N   1 
ATOM   374  C CA  . SER A 1 50  ? 5.319   8.136   8.603   1.00 40.11 ? 62  SER A CA  1 
ATOM   375  C C   . SER A 1 50  ? 5.737   9.489   9.178   1.00 45.14 ? 62  SER A C   1 
ATOM   376  O O   . SER A 1 50  ? 4.995   10.472  9.082   1.00 47.74 ? 62  SER A O   1 
ATOM   377  C CB  . SER A 1 50  ? 4.836   7.193   9.719   1.00 41.39 ? 62  SER A CB  1 
ATOM   378  O OG  . SER A 1 50  ? 5.914   6.791   10.545  1.00 43.09 ? 62  SER A OG  1 
ATOM   379  N N   . ASN A 1 51  ? 6.936   9.541   9.745   1.00 49.33 ? 63  ASN A N   1 
ATOM   380  C CA  . ASN A 1 51  ? 7.466   10.794  10.285  1.00 52.21 ? 63  ASN A CA  1 
ATOM   381  C C   . ASN A 1 51  ? 7.732   11.859  9.207   1.00 52.89 ? 63  ASN A C   1 
ATOM   382  O O   . ASN A 1 51  ? 7.719   13.052  9.509   1.00 55.01 ? 63  ASN A O   1 
ATOM   383  C CB  . ASN A 1 51  ? 8.729   10.534  11.109  1.00 51.76 ? 63  ASN A CB  1 
ATOM   384  C CG  . ASN A 1 51  ? 9.880   10.007  10.271  1.00 52.75 ? 63  ASN A CG  1 
ATOM   385  O OD1 . ASN A 1 51  ? 9.937   10.221  9.059   1.00 53.30 ? 63  ASN A OD1 1 
ATOM   386  N ND2 . ASN A 1 51  ? 10.809  9.311   10.919  1.00 54.85 ? 63  ASN A ND2 1 
ATOM   387  N N   . GLY A 1 52  ? 7.989   11.421  7.969   1.00 53.18 ? 64  GLY A N   1 
ATOM   388  C CA  . GLY A 1 52  ? 8.043   12.321  6.805   1.00 50.66 ? 64  GLY A CA  1 
ATOM   389  C C   . GLY A 1 52  ? 9.372   12.438  6.070   1.00 49.19 ? 64  GLY A C   1 
ATOM   390  O O   . GLY A 1 52  ? 9.454   13.119  5.039   1.00 47.65 ? 64  GLY A O   1 
ATOM   391  N N   . LYS A 1 53  ? 10.408  11.765  6.568   1.00 46.39 ? 65  LYS A N   1 
ATOM   392  C CA  . LYS A 1 53  ? 11.781  11.949  6.054   1.00 43.13 ? 65  LYS A CA  1 
ATOM   393  C C   . LYS A 1 53  ? 11.996  11.717  4.540   1.00 40.20 ? 65  LYS A C   1 
ATOM   394  O O   . LYS A 1 53  ? 12.922  12.286  3.950   1.00 40.05 ? 65  LYS A O   1 
ATOM   395  C CB  . LYS A 1 53  ? 12.755  11.061  6.840   1.00 45.97 ? 65  LYS A CB  1 
ATOM   396  N N   . LYS A 1 54  ? 11.159  10.881  3.925   1.00 32.92 ? 66  LYS A N   1 
ATOM   397  C CA  . LYS A 1 54  ? 11.313  10.502  2.524   1.00 30.23 ? 66  LYS A CA  1 
ATOM   398  C C   . LYS A 1 54  ? 9.927   10.438  1.909   1.00 26.72 ? 66  LYS A C   1 
ATOM   399  O O   . LYS A 1 54  ? 8.961   10.127  2.599   1.00 27.62 ? 66  LYS A O   1 
ATOM   400  C CB  . LYS A 1 54  ? 11.959  9.126   2.386   1.00 32.33 ? 66  LYS A CB  1 
ATOM   401  C CG  . LYS A 1 54  ? 13.161  8.864   3.282   1.00 37.31 ? 66  LYS A CG  1 
ATOM   402  C CD  . LYS A 1 54  ? 14.493  9.231   2.654   1.00 40.73 ? 66  LYS A CD  1 
ATOM   403  C CE  . LYS A 1 54  ? 15.659  8.624   3.441   1.00 43.76 ? 66  LYS A CE  1 
ATOM   404  N NZ  . LYS A 1 54  ? 15.485  8.614   4.927   1.00 45.42 ? 66  LYS A NZ  1 
ATOM   405  N N   . PHE A 1 55  ? 9.860   10.740  0.622   1.00 22.94 ? 67  PHE A N   1 
ATOM   406  C CA  . PHE A 1 55  ? 8.616   10.753  -0.149  1.00 21.85 ? 67  PHE A CA  1 
ATOM   407  C C   . PHE A 1 55  ? 8.886   10.142  -1.518  1.00 21.51 ? 67  PHE A C   1 
ATOM   408  O O   . PHE A 1 55  ? 9.958   10.365  -2.110  1.00 22.62 ? 67  PHE A O   1 
ATOM   409  C CB  . PHE A 1 55  ? 8.155   12.203  -0.300  1.00 20.35 ? 67  PHE A CB  1 
ATOM   410  C CG  . PHE A 1 55  ? 6.841   12.350  -0.988  1.00 21.82 ? 67  PHE A CG  1 
ATOM   411  C CD1 . PHE A 1 55  ? 6.786   12.531  -2.350  1.00 21.07 ? 67  PHE A CD1 1 
ATOM   412  C CD2 . PHE A 1 55  ? 5.663   12.299  -0.260  1.00 21.97 ? 67  PHE A CD2 1 
ATOM   413  C CE1 . PHE A 1 55  ? 5.580   12.648  -3.011  1.00 23.26 ? 67  PHE A CE1 1 
ATOM   414  C CE2 . PHE A 1 55  ? 4.436   12.413  -0.900  1.00 22.99 ? 67  PHE A CE2 1 
ATOM   415  C CZ  . PHE A 1 55  ? 4.396   12.587  -2.283  1.00 22.78 ? 67  PHE A CZ  1 
ATOM   416  N N   . ASP A 1 56  ? 7.921   9.409   -2.063  1.00 19.57 ? 68  ASP A N   1 
ATOM   417  C CA  . ASP A 1 56  ? 8.069   8.762   -3.335  1.00 20.48 ? 68  ASP A CA  1 
ATOM   418  C C   . ASP A 1 56  ? 6.710   8.795   -4.028  1.00 20.82 ? 68  ASP A C   1 
ATOM   419  O O   . ASP A 1 56  ? 5.671   8.628   -3.360  1.00 19.87 ? 68  ASP A O   1 
ATOM   420  C CB  . ASP A 1 56  ? 8.498   7.310   -3.075  1.00 21.53 ? 68  ASP A CB  1 
ATOM   421  C CG  . ASP A 1 56  ? 8.565   6.473   -4.322  1.00 22.29 ? 68  ASP A CG  1 
ATOM   422  O OD1 . ASP A 1 56  ? 8.915   6.978   -5.409  1.00 22.44 ? 68  ASP A OD1 1 
ATOM   423  O OD2 . ASP A 1 56  ? 8.279   5.262   -4.205  1.00 21.41 ? 68  ASP A OD2 1 
ATOM   424  N N   . SER A 1 57  ? 6.725   9.005   -5.347  1.00 19.86 ? 69  SER A N   1 
ATOM   425  C CA  . SER A 1 57  ? 5.490   9.173   -6.126  1.00 22.00 ? 69  SER A CA  1 
ATOM   426  C C   . SER A 1 57  ? 5.665   8.704   -7.574  1.00 21.26 ? 69  SER A C   1 
ATOM   427  O O   . SER A 1 57  ? 6.563   9.164   -8.301  1.00 22.21 ? 69  SER A O   1 
ATOM   428  C CB  . SER A 1 57  ? 5.060   10.650  -6.099  1.00 21.32 ? 69  SER A CB  1 
ATOM   429  O OG  . SER A 1 57  ? 4.071   10.937  -7.087  1.00 24.07 ? 69  SER A OG  1 
ATOM   430  N N   . SER A 1 58  ? 4.792   7.784   -7.999  1.00 19.93 ? 70  SER A N   1 
ATOM   431  C CA  . SER A 1 58  ? 4.810   7.295   -9.359  1.00 19.32 ? 70  SER A CA  1 
ATOM   432  C C   . SER A 1 58  ? 4.417   8.436   -10.351 1.00 21.29 ? 70  SER A C   1 
ATOM   433  O O   . SER A 1 58  ? 4.865   8.478   -11.499 1.00 19.08 ? 70  SER A O   1 
ATOM   434  C CB  . SER A 1 58  ? 3.867   6.106   -9.465  1.00 18.84 ? 70  SER A CB  1 
ATOM   435  O OG  . SER A 1 58  ? 2.515   6.467   -9.126  1.00 17.45 ? 70  SER A OG  1 
ATOM   436  N N   . HIS A 1 59  ? 3.569   9.347   -9.880  1.00 23.24 ? 71  HIS A N   1 
ATOM   437  C CA  . HIS A 1 59  ? 3.113   10.495  -10.678 1.00 24.44 ? 71  HIS A CA  1 
ATOM   438  C C   . HIS A 1 59  ? 4.300   11.360  -11.074 1.00 25.18 ? 71  HIS A C   1 
ATOM   439  O O   . HIS A 1 59  ? 4.389   11.823  -12.219 1.00 24.46 ? 71  HIS A O   1 
ATOM   440  C CB  . HIS A 1 59  ? 2.138   11.396  -9.899  1.00 24.75 ? 71  HIS A CB  1 
ATOM   441  C CG  . HIS A 1 59  ? 0.977   10.685  -9.272  1.00 27.48 ? 71  HIS A CG  1 
ATOM   442  N ND1 . HIS A 1 59  ? -0.229  10.514  -9.918  1.00 29.38 ? 71  HIS A ND1 1 
ATOM   443  C CD2 . HIS A 1 59  ? 0.823   10.142  -8.040  1.00 30.89 ? 71  HIS A CD2 1 
ATOM   444  C CE1 . HIS A 1 59  ? -1.072  9.884   -9.119  1.00 31.03 ? 71  HIS A CE1 1 
ATOM   445  N NE2 . HIS A 1 59  ? -0.460  9.646   -7.973  1.00 31.66 ? 71  HIS A NE2 1 
ATOM   446  N N   . ASP A 1 60  ? 5.241   11.549  -10.147 1.00 25.60 ? 72  ASP A N   1 
ATOM   447  C CA  . ASP A 1 60  ? 6.432   12.356  -10.445 1.00 25.35 ? 72  ASP A CA  1 
ATOM   448  C C   . ASP A 1 60  ? 7.279   11.719  -11.540 1.00 27.89 ? 72  ASP A C   1 
ATOM   449  O O   . ASP A 1 60  ? 8.006   12.427  -12.232 1.00 32.25 ? 72  ASP A O   1 
ATOM   450  C CB  . ASP A 1 60  ? 7.269   12.570  -9.197  1.00 24.52 ? 72  ASP A CB  1 
ATOM   451  N N   . ARG A 1 61  ? 7.188   10.393  -11.700 1.00 27.97 ? 73  ARG A N   1 
ATOM   452  C CA  . ARG A 1 61  ? 7.873   9.692   -12.803 1.00 27.34 ? 73  ARG A CA  1 
ATOM   453  C C   . ARG A 1 61  ? 7.051   9.612   -14.104 1.00 29.01 ? 73  ARG A C   1 
ATOM   454  O O   . ARG A 1 61  ? 7.550   9.120   -15.141 1.00 26.37 ? 73  ARG A O   1 
ATOM   455  C CB  . ARG A 1 61  ? 8.225   8.272   -12.380 1.00 27.02 ? 73  ARG A CB  1 
ATOM   456  C CG  . ARG A 1 61  ? 9.352   8.181   -11.368 1.00 26.84 ? 73  ARG A CG  1 
ATOM   457  C CD  . ARG A 1 61  ? 9.707   6.734   -11.097 1.00 26.37 ? 73  ARG A CD  1 
ATOM   458  N NE  . ARG A 1 61  ? 8.635   5.975   -10.447 1.00 24.29 ? 73  ARG A NE  1 
ATOM   459  C CZ  . ARG A 1 61  ? 8.419   5.894   -9.130  1.00 24.05 ? 73  ARG A CZ  1 
ATOM   460  N NH1 . ARG A 1 61  ? 9.181   6.541   -8.247  1.00 23.41 ? 73  ARG A NH1 1 
ATOM   461  N NH2 . ARG A 1 61  ? 7.398   5.154   -8.690  1.00 23.78 ? 73  ARG A NH2 1 
ATOM   462  N N   . ASN A 1 62  ? 5.793   10.058  -14.049 1.00 27.48 ? 74  ASN A N   1 
ATOM   463  C CA  . ASN A 1 62  ? 4.877   9.943   -15.168 1.00 28.26 ? 74  ASN A CA  1 
ATOM   464  C C   . ASN A 1 62  ? 4.727   8.491   -15.633 1.00 28.72 ? 74  ASN A C   1 
ATOM   465  O O   . ASN A 1 62  ? 4.557   8.244   -16.810 1.00 26.18 ? 74  ASN A O   1 
ATOM   466  C CB  . ASN A 1 62  ? 5.328   10.844  -16.334 1.00 29.58 ? 74  ASN A CB  1 
ATOM   467  N N   . GLU A 1 63  ? 4.800   7.532   -14.705 1.00 27.13 ? 75  GLU A N   1 
ATOM   468  C CA  . GLU A 1 63  ? 4.742   6.105   -15.082 1.00 26.46 ? 75  GLU A CA  1 
ATOM   469  C C   . GLU A 1 63  ? 3.957   5.349   -14.023 1.00 25.02 ? 75  GLU A C   1 
ATOM   470  O O   . GLU A 1 63  ? 4.312   5.430   -12.856 1.00 23.46 ? 75  GLU A O   1 
ATOM   471  C CB  . GLU A 1 63  ? 6.142   5.505   -15.210 1.00 27.91 ? 75  GLU A CB  1 
ATOM   472  C CG  . GLU A 1 63  ? 6.848   5.761   -16.549 1.00 29.65 ? 75  GLU A CG  1 
ATOM   473  C CD  . GLU A 1 63  ? 6.370   4.885   -17.714 1.00 32.07 ? 75  GLU A CD  1 
ATOM   474  O OE1 . GLU A 1 63  ? 5.512   3.980   -17.554 1.00 34.79 ? 75  GLU A OE1 1 
ATOM   475  O OE2 . GLU A 1 63  ? 6.900   5.082   -18.835 1.00 37.14 ? 75  GLU A OE2 1 
ATOM   476  N N   . PRO A 1 64  ? 2.881   4.643   -14.425 1.00 24.46 ? 76  PRO A N   1 
ATOM   477  C CA  . PRO A 1 64  ? 2.200   3.774   -13.449 1.00 23.45 ? 76  PRO A CA  1 
ATOM   478  C C   . PRO A 1 64  ? 3.143   2.711   -12.962 1.00 23.94 ? 76  PRO A C   1 
ATOM   479  O O   . PRO A 1 64  ? 4.011   2.246   -13.736 1.00 24.43 ? 76  PRO A O   1 
ATOM   480  C CB  . PRO A 1 64  ? 1.068   3.123   -14.269 1.00 24.31 ? 76  PRO A CB  1 
ATOM   481  C CG  . PRO A 1 64  ? 0.847   4.051   -15.417 1.00 25.18 ? 76  PRO A CG  1 
ATOM   482  C CD  . PRO A 1 64  ? 2.225   4.580   -15.744 1.00 26.61 ? 76  PRO A CD  1 
ATOM   483  N N   . PHE A 1 65  ? 2.991   2.348   -11.694 1.00 21.71 ? 77  PHE A N   1 
ATOM   484  C CA  . PHE A 1 65  ? 3.749   1.279   -11.093 1.00 19.88 ? 77  PHE A CA  1 
ATOM   485  C C   . PHE A 1 65  ? 3.012   -0.053  -11.327 1.00 22.20 ? 77  PHE A C   1 
ATOM   486  O O   . PHE A 1 65  ? 1.816   -0.167  -11.051 1.00 22.30 ? 77  PHE A O   1 
ATOM   487  C CB  . PHE A 1 65  ? 4.003   1.560   -9.607  1.00 20.28 ? 77  PHE A CB  1 
ATOM   488  C CG  . PHE A 1 65  ? 4.689   0.429   -8.897  1.00 20.38 ? 77  PHE A CG  1 
ATOM   489  C CD1 . PHE A 1 65  ? 5.975   0.036   -9.264  1.00 24.33 ? 77  PHE A CD1 1 
ATOM   490  C CD2 . PHE A 1 65  ? 4.046   -0.271  -7.899  1.00 21.38 ? 77  PHE A CD2 1 
ATOM   491  C CE1 . PHE A 1 65  ? 6.607   -1.021  -8.629  1.00 24.77 ? 77  PHE A CE1 1 
ATOM   492  C CE2 . PHE A 1 65  ? 4.674   -1.323  -7.240  1.00 22.97 ? 77  PHE A CE2 1 
ATOM   493  C CZ  . PHE A 1 65  ? 5.952   -1.709  -7.610  1.00 23.47 ? 77  PHE A CZ  1 
ATOM   494  N N   . VAL A 1 66  ? 3.720   -1.037  -11.882 1.00 21.05 ? 78  VAL A N   1 
ATOM   495  C CA  . VAL A 1 66  ? 3.126   -2.335  -12.205 1.00 22.12 ? 78  VAL A CA  1 
ATOM   496  C C   . VAL A 1 66  ? 3.781   -3.449  -11.383 1.00 20.10 ? 78  VAL A C   1 
ATOM   497  O O   . VAL A 1 66  ? 4.993   -3.445  -11.124 1.00 19.16 ? 78  VAL A O   1 
ATOM   498  C CB  . VAL A 1 66  ? 3.253   -2.624  -13.718 1.00 21.32 ? 78  VAL A CB  1 
ATOM   499  C CG1 . VAL A 1 66  ? 2.634   -3.955  -14.082 1.00 22.00 ? 78  VAL A CG1 1 
ATOM   500  C CG2 . VAL A 1 66  ? 2.641   -1.475  -14.528 1.00 21.39 ? 78  VAL A CG2 1 
ATOM   501  N N   . PHE A 1 67  ? 2.975   -4.390  -10.916 1.00 20.91 ? 79  PHE A N   1 
ATOM   502  C CA  . PHE A 1 67  ? 3.521   -5.584  -10.280 1.00 20.81 ? 79  PHE A CA  1 
ATOM   503  C C   . PHE A 1 67  ? 2.554   -6.757  -10.350 1.00 20.52 ? 79  PHE A C   1 
ATOM   504  O O   . PHE A 1 67  ? 1.396   -6.577  -10.719 1.00 21.06 ? 79  PHE A O   1 
ATOM   505  C CB  . PHE A 1 67  ? 3.946   -5.329  -8.835  1.00 20.81 ? 79  PHE A CB  1 
ATOM   506  C CG  . PHE A 1 67  ? 2.802   -5.114  -7.857  1.00 21.26 ? 79  PHE A CG  1 
ATOM   507  C CD1 . PHE A 1 67  ? 2.449   -6.108  -6.958  1.00 20.53 ? 79  PHE A CD1 1 
ATOM   508  C CD2 . PHE A 1 67  ? 2.118   -3.901  -7.811  1.00 20.58 ? 79  PHE A CD2 1 
ATOM   509  C CE1 . PHE A 1 67  ? 1.427   -5.915  -6.039  1.00 21.10 ? 79  PHE A CE1 1 
ATOM   510  C CE2 . PHE A 1 67  ? 1.110   -3.686  -6.874  1.00 19.89 ? 79  PHE A CE2 1 
ATOM   511  C CZ  . PHE A 1 67  ? 0.745   -4.700  -6.012  1.00 20.08 ? 79  PHE A CZ  1 
ATOM   512  N N   . SER A 1 68  ? 3.068   -7.948  -10.037 1.00 21.46 ? 80  SER A N   1 
ATOM   513  C CA  . SER A 1 68  ? 2.246   -9.162  -9.953  1.00 22.08 ? 80  SER A CA  1 
ATOM   514  C C   . SER A 1 68  ? 1.825   -9.423  -8.518  1.00 20.39 ? 80  SER A C   1 
ATOM   515  O O   . SER A 1 68  ? 2.671   -9.589  -7.613  1.00 19.17 ? 80  SER A O   1 
ATOM   516  C CB  . SER A 1 68  ? 2.968   -10.391 -10.515 1.00 23.56 ? 80  SER A CB  1 
ATOM   517  O OG  . SER A 1 68  ? 3.322   -10.209 -11.887 1.00 27.06 ? 80  SER A OG  1 
ATOM   518  N N   . LEU A 1 69  ? 0.510   -9.509  -8.318  1.00 19.46 ? 81  LEU A N   1 
ATOM   519  C CA  . LEU A 1 69  ? -0.035  -9.572  -6.985  1.00 19.28 ? 81  LEU A CA  1 
ATOM   520  C C   . LEU A 1 69  ? 0.264   -10.869 -6.265  1.00 20.66 ? 81  LEU A C   1 
ATOM   521  O O   . LEU A 1 69  ? 0.115   -11.938 -6.840  1.00 20.46 ? 81  LEU A O   1 
ATOM   522  C CB  . LEU A 1 69  ? -1.542  -9.407  -7.075  1.00 18.22 ? 81  LEU A CB  1 
ATOM   523  C CG  . LEU A 1 69  ? -2.248  -9.239  -5.743  1.00 18.30 ? 81  LEU A CG  1 
ATOM   524  C CD1 . LEU A 1 69  ? -1.986  -7.862  -5.205  1.00 18.37 ? 81  LEU A CD1 1 
ATOM   525  C CD2 . LEU A 1 69  ? -3.730  -9.469  -5.870  1.00 19.36 ? 81  LEU A CD2 1 
ATOM   526  N N   . GLY A 1 70  ? 0.664   -10.761 -5.006  1.00 21.80 ? 82  GLY A N   1 
ATOM   527  C CA  . GLY A 1 70  ? 0.688   -11.912 -4.117  1.00 23.71 ? 82  GLY A CA  1 
ATOM   528  C C   . GLY A 1 70  ? 1.900   -12.786 -4.357  1.00 25.40 ? 82  GLY A C   1 
ATOM   529  O O   . GLY A 1 70  ? 1.880   -13.992 -4.038  1.00 27.62 ? 82  GLY A O   1 
ATOM   530  N N   . LYS A 1 71  ? 2.942   -12.192 -4.931  1.00 25.12 ? 83  LYS A N   1 
ATOM   531  C CA  . LYS A 1 71  ? 4.159   -12.935 -5.268  1.00 27.48 ? 83  LYS A CA  1 
ATOM   532  C C   . LYS A 1 71  ? 5.382   -12.461 -4.494  1.00 27.52 ? 83  LYS A C   1 
ATOM   533  O O   . LYS A 1 71  ? 6.463   -12.967 -4.731  1.00 26.38 ? 83  LYS A O   1 
ATOM   534  C CB  . LYS A 1 71  ? 4.453   -12.833 -6.766  1.00 27.38 ? 83  LYS A CB  1 
ATOM   535  C CG  . LYS A 1 71  ? 3.391   -13.441 -7.683  1.00 29.93 ? 83  LYS A CG  1 
ATOM   536  C CD  . LYS A 1 71  ? 3.169   -14.936 -7.424  1.00 33.32 ? 83  LYS A CD  1 
ATOM   537  C CE  . LYS A 1 71  ? 2.512   -15.626 -8.616  1.00 35.41 ? 83  LYS A CE  1 
ATOM   538  N NZ  . LYS A 1 71  ? 2.026   -17.012 -8.320  1.00 37.28 ? 83  LYS A NZ  1 
ATOM   539  N N   . GLY A 1 72  ? 5.222   -11.503 -3.582  1.00 25.61 ? 84  GLY A N   1 
ATOM   540  C CA  . GLY A 1 72  ? 6.362   -10.963 -2.839  1.00 26.83 ? 84  GLY A CA  1 
ATOM   541  C C   . GLY A 1 72  ? 7.258   -10.032 -3.656  1.00 28.67 ? 84  GLY A C   1 
ATOM   542  O O   . GLY A 1 72  ? 8.401   -9.756  -3.242  1.00 29.18 ? 84  GLY A O   1 
ATOM   543  N N   . GLN A 1 73  ? 6.742   -9.543  -4.789  1.00 27.83 ? 85  GLN A N   1 
ATOM   544  C CA  . GLN A 1 73  ? 7.402   -8.524  -5.617  1.00 28.20 ? 85  GLN A CA  1 
ATOM   545  C C   . GLN A 1 73  ? 7.341   -7.144  -4.957  1.00 25.95 ? 85  GLN A C   1 
ATOM   546  O O   . GLN A 1 73  ? 8.021   -6.209  -5.403  1.00 26.86 ? 85  GLN A O   1 
ATOM   547  C CB  . GLN A 1 73  ? 6.741   -8.403  -6.997  1.00 31.59 ? 85  GLN A CB  1 
ATOM   548  C CG  . GLN A 1 73  ? 6.791   -9.652  -7.863  1.00 33.60 ? 85  GLN A CG  1 
ATOM   549  C CD  . GLN A 1 73  ? 6.330   -9.411  -9.295  1.00 35.29 ? 85  GLN A CD  1 
ATOM   550  O OE1 . GLN A 1 73  ? 5.888   -8.311  -9.670  1.00 31.59 ? 85  GLN A OE1 1 
ATOM   551  N NE2 . GLN A 1 73  ? 6.458   -10.450 -10.127 1.00 38.05 ? 85  GLN A NE2 1 
ATOM   552  N N   . VAL A 1 74  ? 6.497   -7.017  -3.934  1.00 22.81 ? 86  VAL A N   1 
ATOM   553  C CA  . VAL A 1 74  ? 6.314   -5.776  -3.154  1.00 21.30 ? 86  VAL A CA  1 
ATOM   554  C C   . VAL A 1 74  ? 6.242   -6.106  -1.672  1.00 20.14 ? 86  VAL A C   1 
ATOM   555  O O   . VAL A 1 74  ? 6.049   -7.277  -1.300  1.00 20.56 ? 86  VAL A O   1 
ATOM   556  C CB  . VAL A 1 74  ? 5.017   -5.041  -3.566  1.00 19.89 ? 86  VAL A CB  1 
ATOM   557  C CG1 . VAL A 1 74  ? 5.180   -4.468  -4.945  1.00 20.40 ? 86  VAL A CG1 1 
ATOM   558  C CG2 . VAL A 1 74  ? 3.819   -5.981  -3.538  1.00 19.89 ? 86  VAL A CG2 1 
ATOM   559  N N   . ILE A 1 75  ? 6.311   -5.087  -0.819  1.00 18.91 ? 87  ILE A N   1 
ATOM   560  C CA  . ILE A 1 75  ? 6.233   -5.285  0.624   1.00 19.30 ? 87  ILE A CA  1 
ATOM   561  C C   . ILE A 1 75  ? 4.909   -5.973  0.951   1.00 19.32 ? 87  ILE A C   1 
ATOM   562  O O   . ILE A 1 75  ? 3.942   -5.796  0.213   1.00 17.10 ? 87  ILE A O   1 
ATOM   563  C CB  . ILE A 1 75  ? 6.434   -3.996  1.444   1.00 19.18 ? 87  ILE A CB  1 
ATOM   564  C CG1 . ILE A 1 75  ? 5.440   -2.896  1.036   1.00 18.18 ? 87  ILE A CG1 1 
ATOM   565  C CG2 . ILE A 1 75  ? 7.861   -3.477  1.308   1.00 20.20 ? 87  ILE A CG2 1 
ATOM   566  C CD1 . ILE A 1 75  ? 5.356   -1.759  2.011   1.00 17.79 ? 87  ILE A CD1 1 
ATOM   567  N N   . LYS A 1 76  ? 4.890   -6.778  2.007   1.00 20.05 ? 88  LYS A N   1 
ATOM   568  C CA  . LYS A 1 76  ? 3.687   -7.557  2.379   1.00 20.87 ? 88  LYS A CA  1 
ATOM   569  C C   . LYS A 1 76  ? 2.410   -6.690  2.468   1.00 19.32 ? 88  LYS A C   1 
ATOM   570  O O   . LYS A 1 76  ? 1.346   -7.075  1.998   1.00 19.93 ? 88  LYS A O   1 
ATOM   571  C CB  . LYS A 1 76  ? 3.918   -8.327  3.685   1.00 23.60 ? 88  LYS A CB  1 
ATOM   572  C CG  . LYS A 1 76  ? 4.948   -9.446  3.562   1.00 27.21 ? 88  LYS A CG  1 
ATOM   573  C CD  . LYS A 1 76  ? 5.019   -10.300 4.826   1.00 30.65 ? 88  LYS A CD  1 
ATOM   574  C CE  . LYS A 1 76  ? 6.220   -11.245 4.764   1.00 33.04 ? 88  LYS A CE  1 
ATOM   575  N NZ  . LYS A 1 76  ? 6.728   -11.712 6.089   1.00 35.78 ? 88  LYS A NZ  1 
ATOM   576  N N   . ALA A 1 77  ? 2.529   -5.509  3.053   1.00 18.06 ? 89  ALA A N   1 
ATOM   577  C CA  . ALA A 1 77  ? 1.407   -4.583  3.200   1.00 18.03 ? 89  ALA A CA  1 
ATOM   578  C C   . ALA A 1 77  ? 0.682   -4.279  1.878   1.00 17.81 ? 89  ALA A C   1 
ATOM   579  O O   . ALA A 1 77  ? -0.544  -4.097  1.861   1.00 17.23 ? 89  ALA A O   1 
ATOM   580  C CB  . ALA A 1 77  ? 1.878   -3.300  3.846   1.00 17.87 ? 89  ALA A CB  1 
ATOM   581  N N   . TRP A 1 78  ? 1.436   -4.258  0.777   1.00 17.09 ? 90  TRP A N   1 
ATOM   582  C CA  . TRP A 1 78  ? 0.879   -4.006  -0.555  1.00 16.79 ? 90  TRP A CA  1 
ATOM   583  C C   . TRP A 1 78  ? 0.196   -5.256  -1.095  1.00 17.52 ? 90  TRP A C   1 
ATOM   584  O O   . TRP A 1 78  ? -0.907  -5.194  -1.685  1.00 17.50 ? 90  TRP A O   1 
ATOM   585  C CB  . TRP A 1 78  ? 1.985   -3.534  -1.517  1.00 16.32 ? 90  TRP A CB  1 
ATOM   586  C CG  . TRP A 1 78  ? 2.138   -2.067  -1.581  1.00 15.18 ? 90  TRP A CG  1 
ATOM   587  C CD1 . TRP A 1 78  ? 2.370   -1.233  -0.541  1.00 15.43 ? 90  TRP A CD1 1 
ATOM   588  C CD2 . TRP A 1 78  ? 2.087   -1.241  -2.756  1.00 14.04 ? 90  TRP A CD2 1 
ATOM   589  N NE1 . TRP A 1 78  ? 2.460   0.062   -0.976  1.00 15.71 ? 90  TRP A NE1 1 
ATOM   590  C CE2 . TRP A 1 78  ? 2.289   0.095   -2.332  1.00 14.13 ? 90  TRP A CE2 1 
ATOM   591  C CE3 . TRP A 1 78  ? 1.854   -1.488  -4.102  1.00 13.40 ? 90  TRP A CE3 1 
ATOM   592  C CZ2 . TRP A 1 78  ? 2.261   1.169   -3.203  1.00 13.35 ? 90  TRP A CZ2 1 
ATOM   593  C CZ3 . TRP A 1 78  ? 1.867   -0.442  -4.975  1.00 14.16 ? 90  TRP A CZ3 1 
ATOM   594  C CH2 . TRP A 1 78  ? 2.052   0.889   -4.530  1.00 13.21 ? 90  TRP A CH2 1 
ATOM   595  N N   . ASP A 1 79  ? 0.861   -6.399  -0.963  1.00 16.85 ? 91  ASP A N   1 
ATOM   596  C CA  . ASP A 1 79  ? 0.238   -7.654  -1.388  1.00 17.86 ? 91  ASP A CA  1 
ATOM   597  C C   . ASP A 1 79  ? -1.094  -7.845  -0.677  1.00 18.16 ? 91  ASP A C   1 
ATOM   598  O O   . ASP A 1 79  ? -2.088  -8.238  -1.305  1.00 19.95 ? 91  ASP A O   1 
ATOM   599  C CB  . ASP A 1 79  ? 1.152   -8.848  -1.124  1.00 18.98 ? 91  ASP A CB  1 
ATOM   600  C CG  . ASP A 1 79  ? 2.093   -9.147  -2.257  1.00 18.69 ? 91  ASP A CG  1 
ATOM   601  O OD1 . ASP A 1 79  ? 1.897   -8.663  -3.405  1.00 20.50 ? 91  ASP A OD1 1 
ATOM   602  O OD2 . ASP A 1 79  ? 3.029   -9.922  -1.998  1.00 22.16 ? 91  ASP A OD2 1 
ATOM   603  N N   . ILE A 1 80  ? -1.134  -7.551  0.619   1.00 17.65 ? 92  ILE A N   1 
ATOM   604  C CA  . ILE A 1 80  ? -2.370  -7.639  1.392   1.00 18.91 ? 92  ILE A CA  1 
ATOM   605  C C   . ILE A 1 80  ? -3.345  -6.549  0.945   1.00 17.59 ? 92  ILE A C   1 
ATOM   606  O O   . ILE A 1 80  ? -4.499  -6.819  0.658   1.00 18.52 ? 92  ILE A O   1 
ATOM   607  C CB  . ILE A 1 80  ? -2.111  -7.491  2.904   1.00 20.15 ? 92  ILE A CB  1 
ATOM   608  C CG1 . ILE A 1 80  ? -1.404  -8.735  3.466   1.00 23.01 ? 92  ILE A CG1 1 
ATOM   609  C CG2 . ILE A 1 80  ? -3.417  -7.261  3.667   1.00 21.72 ? 92  ILE A CG2 1 
ATOM   610  C CD1 . ILE A 1 80  ? -0.766  -8.453  4.805   1.00 23.34 ? 92  ILE A CD1 1 
ATOM   611  N N   . GLY A 1 81  ? -2.887  -5.308  0.919   1.00 17.49 ? 93  GLY A N   1 
ATOM   612  C CA  . GLY A 1 81  ? -3.745  -4.175  0.675   1.00 16.51 ? 93  GLY A CA  1 
ATOM   613  C C   . GLY A 1 81  ? -4.317  -4.021  -0.723  1.00 15.32 ? 93  GLY A C   1 
ATOM   614  O O   . GLY A 1 81  ? -5.527  -3.759  -0.874  1.00 15.80 ? 93  GLY A O   1 
ATOM   615  N N   . VAL A 1 82  ? -3.470  -4.187  -1.737  1.00 15.19 ? 94  VAL A N   1 
ATOM   616  C CA  . VAL A 1 82  ? -3.907  -4.052  -3.111  1.00 15.42 ? 94  VAL A CA  1 
ATOM   617  C C   . VAL A 1 82  ? -4.936  -5.145  -3.445  1.00 16.12 ? 94  VAL A C   1 
ATOM   618  O O   . VAL A 1 82  ? -5.853  -4.894  -4.228  1.00 14.98 ? 94  VAL A O   1 
ATOM   619  C CB  . VAL A 1 82  ? -2.736  -4.039  -4.119  1.00 15.57 ? 94  VAL A CB  1 
ATOM   620  C CG1 . VAL A 1 82  ? -3.264  -4.010  -5.553  1.00 17.11 ? 94  VAL A CG1 1 
ATOM   621  C CG2 . VAL A 1 82  ? -1.869  -2.809  -3.873  1.00 15.45 ? 94  VAL A CG2 1 
ATOM   622  N N   . ALA A 1 83  ? -4.797  -6.333  -2.836  1.00 16.88 ? 95  ALA A N   1 
ATOM   623  C CA  . ALA A 1 83  ? -5.773  -7.422  -3.067  1.00 16.77 ? 95  ALA A CA  1 
ATOM   624  C C   . ALA A 1 83  ? -7.212  -7.029  -2.715  1.00 16.79 ? 95  ALA A C   1 
ATOM   625  O O   . ALA A 1 83  ? -8.133  -7.720  -3.146  1.00 17.85 ? 95  ALA A O   1 
ATOM   626  C CB  . ALA A 1 83  ? -5.393  -8.675  -2.312  1.00 16.59 ? 95  ALA A CB  1 
ATOM   627  N N   . THR A 1 84  ? -7.369  -6.009  -1.870  1.00 16.68 ? 96  THR A N   1 
ATOM   628  C CA  . THR A 1 84  ? -8.665  -5.601  -1.340  1.00 17.57 ? 96  THR A CA  1 
ATOM   629  C C   . THR A 1 84  ? -9.273  -4.506  -2.176  1.00 17.96 ? 96  THR A C   1 
ATOM   630  O O   . THR A 1 84  ? -10.416 -4.108  -1.934  1.00 18.44 ? 96  THR A O   1 
ATOM   631  C CB  . THR A 1 84  ? -8.592  -5.093  0.132   1.00 17.15 ? 96  THR A CB  1 
ATOM   632  O OG1 . THR A 1 84  ? -7.974  -3.787  0.184   1.00 16.29 ? 96  THR A OG1 1 
ATOM   633  C CG2 . THR A 1 84  ? -7.874  -6.034  1.087   1.00 17.35 ? 96  THR A CG2 1 
ATOM   634  N N   . MET A 1 85  ? -8.533  -4.000  -3.177  1.00 17.11 ? 97  MET A N   1 
ATOM   635  C CA  . MET A 1 85  ? -9.016  -2.839  -3.936  1.00 17.02 ? 97  MET A CA  1 
ATOM   636  C C   . MET A 1 85  ? -9.814  -3.190  -5.185  1.00 17.76 ? 97  MET A C   1 
ATOM   637  O O   . MET A 1 85  ? -9.617  -4.213  -5.821  1.00 16.66 ? 97  MET A O   1 
ATOM   638  C CB  . MET A 1 85  ? -7.822  -1.956  -4.309  1.00 15.23 ? 97  MET A CB  1 
ATOM   639  C CG  . MET A 1 85  ? -7.121  -1.389  -3.097  1.00 15.83 ? 97  MET A CG  1 
ATOM   640  S SD  . MET A 1 85  ? -5.699  -0.410  -3.605  1.00 16.12 ? 97  MET A SD  1 
ATOM   641  C CE  . MET A 1 85  ? -6.593  1.084   -4.033  1.00 15.21 ? 97  MET A CE  1 
ATOM   642  N N   . LYS A 1 86  ? -10.768 -2.314  -5.497  1.00 19.55 ? 98  LYS A N   1 
ATOM   643  C CA  . LYS A 1 86  ? -11.559 -2.392  -6.710  1.00 21.50 ? 98  LYS A CA  1 
ATOM   644  C C   . LYS A 1 86  ? -10.929 -1.426  -7.694  1.00 21.39 ? 98  LYS A C   1 
ATOM   645  O O   . LYS A 1 86  ? -10.205 -0.505  -7.288  1.00 19.75 ? 98  LYS A O   1 
ATOM   646  C CB  . LYS A 1 86  ? -13.009 -1.992  -6.432  1.00 23.10 ? 98  LYS A CB  1 
ATOM   647  C CG  . LYS A 1 86  ? -13.728 -3.009  -5.563  1.00 25.67 ? 98  LYS A CG  1 
ATOM   648  C CD  . LYS A 1 86  ? -15.073 -2.514  -5.047  1.00 29.26 ? 98  LYS A CD  1 
ATOM   649  C CE  . LYS A 1 86  ? -15.652 -3.488  -4.028  1.00 30.02 ? 98  LYS A CE  1 
ATOM   650  N NZ  . LYS A 1 86  ? -15.023 -3.340  -2.681  1.00 31.28 ? 98  LYS A NZ  1 
ATOM   651  N N   . LYS A 1 87  ? -11.219 -1.635  -8.977  1.00 21.99 ? 99  LYS A N   1 
ATOM   652  C CA  . LYS A 1 87  ? -10.695 -0.783  -10.039 1.00 23.01 ? 99  LYS A CA  1 
ATOM   653  C C   . LYS A 1 87  ? -11.222 0.631   -9.851  1.00 20.60 ? 99  LYS A C   1 
ATOM   654  O O   . LYS A 1 87  ? -12.435 0.845   -9.670  1.00 19.74 ? 99  LYS A O   1 
ATOM   655  C CB  . LYS A 1 87  ? -11.107 -1.292  -11.433 1.00 25.13 ? 99  LYS A CB  1 
ATOM   656  C CG  . LYS A 1 87  ? -10.633 -2.686  -11.799 1.00 28.29 ? 99  LYS A CG  1 
ATOM   657  C CD  . LYS A 1 87  ? -10.603 -2.895  -13.314 1.00 31.64 ? 99  LYS A CD  1 
ATOM   658  C CE  . LYS A 1 87  ? -10.322 -4.342  -13.694 1.00 32.44 ? 99  LYS A CE  1 
ATOM   659  N NZ  . LYS A 1 87  ? -10.462 -4.538  -15.163 1.00 35.49 ? 99  LYS A NZ  1 
ATOM   660  N N   . GLY A 1 88  ? -10.307 1.601   -9.860  1.00 20.52 ? 100 GLY A N   1 
ATOM   661  C CA  . GLY A 1 88  ? -10.629 3.007   -9.634  1.00 19.26 ? 100 GLY A CA  1 
ATOM   662  C C   . GLY A 1 88  ? -10.638 3.453   -8.187  1.00 18.18 ? 100 GLY A C   1 
ATOM   663  O O   . GLY A 1 88  ? -10.770 4.651   -7.885  1.00 20.99 ? 100 GLY A O   1 
ATOM   664  N N   . GLU A 1 89  ? -10.494 2.506   -7.254  1.00 18.12 ? 101 GLU A N   1 
ATOM   665  C CA  . GLU A 1 89  ? -10.442 2.852   -5.863  1.00 16.79 ? 101 GLU A CA  1 
ATOM   666  C C   . GLU A 1 89  ? -9.163  3.570   -5.529  1.00 17.44 ? 101 GLU A C   1 
ATOM   667  O O   . GLU A 1 89  ? -8.104  3.303   -6.121  1.00 18.24 ? 101 GLU A O   1 
ATOM   668  C CB  . GLU A 1 89  ? -10.546 1.587   -5.023  1.00 15.74 ? 101 GLU A CB  1 
ATOM   669  C CG  . GLU A 1 89  ? -10.520 1.784   -3.531  1.00 16.15 ? 101 GLU A CG  1 
ATOM   670  C CD  . GLU A 1 89  ? -10.562 0.467   -2.808  1.00 16.57 ? 101 GLU A CD  1 
ATOM   671  O OE1 . GLU A 1 89  ? -11.365 -0.359  -3.241  1.00 19.46 ? 101 GLU A OE1 1 
ATOM   672  O OE2 . GLU A 1 89  ? -9.813  0.274   -1.817  1.00 18.39 ? 101 GLU A OE2 1 
ATOM   673  N N   . ILE A 1 90  ? -9.271  4.499   -4.595  1.00 17.81 ? 102 ILE A N   1 
ATOM   674  C CA  . ILE A 1 90  ? -8.104  5.071   -3.956  1.00 17.54 ? 102 ILE A CA  1 
ATOM   675  C C   . ILE A 1 90  ? -8.201  4.791   -2.486  1.00 18.26 ? 102 ILE A C   1 
ATOM   676  O O   . ILE A 1 90  ? -9.257  5.039   -1.889  1.00 19.55 ? 102 ILE A O   1 
ATOM   677  C CB  . ILE A 1 90  ? -7.960  6.593   -4.178  1.00 17.73 ? 102 ILE A CB  1 
ATOM   678  C CG1 . ILE A 1 90  ? -7.898  6.887   -5.680  1.00 18.04 ? 102 ILE A CG1 1 
ATOM   679  C CG2 . ILE A 1 90  ? -6.707  7.077   -3.453  1.00 18.19 ? 102 ILE A CG2 1 
ATOM   680  C CD1 . ILE A 1 90  ? -7.811  8.346   -6.064  1.00 19.24 ? 102 ILE A CD1 1 
ATOM   681  N N   . CYS A 1 91  ? -7.127  4.277   -1.892  1.00 17.35 ? 103 CYS A N   1 
ATOM   682  C CA  . CYS A 1 91  ? -7.117  4.023   -0.451  1.00 16.96 ? 103 CYS A CA  1 
ATOM   683  C C   . CYS A 1 91  ? -5.871  4.632   0.146   1.00 17.23 ? 103 CYS A C   1 
ATOM   684  O O   . CYS A 1 91  ? -4.909  4.975   -0.588  1.00 15.61 ? 103 CYS A O   1 
ATOM   685  C CB  . CYS A 1 91  ? -7.216  2.526   -0.134  1.00 17.74 ? 103 CYS A CB  1 
ATOM   686  S SG  . CYS A 1 91  ? -5.681  1.577   -0.337  1.00 19.54 ? 103 CYS A SG  1 
ATOM   687  N N   . HIS A 1 92  ? -5.904  4.780   1.465   1.00 16.81 ? 104 HIS A N   1 
ATOM   688  C CA  . HIS A 1 92  ? -4.721  5.082   2.271   1.00 17.48 ? 104 HIS A CA  1 
ATOM   689  C C   . HIS A 1 92  ? -4.394  3.862   3.107   1.00 18.43 ? 104 HIS A C   1 
ATOM   690  O O   . HIS A 1 92  ? -5.311  3.231   3.692   1.00 19.39 ? 104 HIS A O   1 
ATOM   691  C CB  . HIS A 1 92  ? -4.967  6.284   3.174   1.00 18.10 ? 104 HIS A CB  1 
ATOM   692  C CG  . HIS A 1 92  ? -4.952  7.585   2.444   1.00 18.66 ? 104 HIS A CG  1 
ATOM   693  N ND1 . HIS A 1 92  ? -5.309  8.783   3.024   1.00 19.88 ? 104 HIS A ND1 1 
ATOM   694  C CD2 . HIS A 1 92  ? -4.623  7.870   1.162   1.00 18.85 ? 104 HIS A CD2 1 
ATOM   695  C CE1 . HIS A 1 92  ? -5.172  9.751   2.145   1.00 18.69 ? 104 HIS A CE1 1 
ATOM   696  N NE2 . HIS A 1 92  ? -4.770  9.225   1.003   1.00 20.30 ? 104 HIS A NE2 1 
ATOM   697  N N   . LEU A 1 93  ? -3.099  3.533   3.173   1.00 18.32 ? 105 LEU A N   1 
ATOM   698  C CA  . LEU A 1 93  ? -2.589  2.388   3.920   1.00 19.22 ? 105 LEU A CA  1 
ATOM   699  C C   . LEU A 1 93  ? -1.491  2.815   4.889   1.00 20.22 ? 105 LEU A C   1 
ATOM   700  O O   . LEU A 1 93  ? -0.524  3.452   4.471   1.00 20.53 ? 105 LEU A O   1 
ATOM   701  C CB  . LEU A 1 93  ? -1.972  1.400   2.938   1.00 20.94 ? 105 LEU A CB  1 
ATOM   702  C CG  . LEU A 1 93  ? -2.404  -0.048  2.893   1.00 23.35 ? 105 LEU A CG  1 
ATOM   703  C CD1 . LEU A 1 93  ? -3.919  -0.219  2.793   1.00 21.93 ? 105 LEU A CD1 1 
ATOM   704  C CD2 . LEU A 1 93  ? -1.736  -0.690  1.688   1.00 23.08 ? 105 LEU A CD2 1 
ATOM   705  N N   . LEU A 1 94  ? -1.631  2.454   6.167   1.00 22.20 ? 106 LEU A N   1 
ATOM   706  C CA  . LEU A 1 94  ? -0.557  2.607   7.160   1.00 23.48 ? 106 LEU A CA  1 
ATOM   707  C C   . LEU A 1 94  ? 0.055   1.242   7.406   1.00 25.06 ? 106 LEU A C   1 
ATOM   708  O O   . LEU A 1 94  ? -0.675  0.285   7.683   1.00 28.30 ? 106 LEU A O   1 
ATOM   709  C CB  . LEU A 1 94  ? -1.113  3.175   8.460   1.00 26.60 ? 106 LEU A CB  1 
ATOM   710  C CG  . LEU A 1 94  ? -0.151  3.740   9.504   1.00 28.80 ? 106 LEU A CG  1 
ATOM   711  C CD1 . LEU A 1 94  ? 0.932   4.604   8.879   1.00 29.29 ? 106 LEU A CD1 1 
ATOM   712  C CD2 . LEU A 1 94  ? -0.967  4.533   10.525  1.00 28.56 ? 106 LEU A CD2 1 
ATOM   713  N N   . CYS A 1 95  ? 1.379   1.157   7.326   1.00 23.36 ? 107 CYS A N   1 
ATOM   714  C CA  . CYS A 1 95  ? 2.089   -0.127  7.259   1.00 23.54 ? 107 CYS A CA  1 
ATOM   715  C C   . CYS A 1 95  ? 3.154   -0.236  8.340   1.00 25.39 ? 107 CYS A C   1 
ATOM   716  O O   . CYS A 1 95  ? 4.194   0.422   8.267   1.00 23.71 ? 107 CYS A O   1 
ATOM   717  C CB  . CYS A 1 95  ? 2.752   -0.301  5.887   1.00 22.75 ? 107 CYS A CB  1 
ATOM   718  S SG  . CYS A 1 95  ? 1.611   0.032   4.508   1.00 23.13 ? 107 CYS A SG  1 
ATOM   719  N N   . LYS A 1 96  ? 2.892   -1.074  9.339   1.00 25.84 ? 108 LYS A N   1 
ATOM   720  C CA  . LYS A 1 96  ? 3.888   -1.342  10.383  1.00 25.45 ? 108 LYS A CA  1 
ATOM   721  C C   . LYS A 1 96  ? 5.142   -1.989  9.788   1.00 24.95 ? 108 LYS A C   1 
ATOM   722  O O   . LYS A 1 96  ? 5.074   -2.653  8.763   1.00 22.96 ? 108 LYS A O   1 
ATOM   723  C CB  . LYS A 1 96  ? 3.296   -2.258  11.460  1.00 26.68 ? 108 LYS A CB  1 
ATOM   724  C CG  . LYS A 1 96  ? 2.278   -1.596  12.372  1.00 31.84 ? 108 LYS A CG  1 
ATOM   725  C CD  . LYS A 1 96  ? 1.984   -2.459  13.603  1.00 34.43 ? 108 LYS A CD  1 
ATOM   726  C CE  . LYS A 1 96  ? 0.885   -1.876  14.482  1.00 36.34 ? 108 LYS A CE  1 
ATOM   727  N NZ  . LYS A 1 96  ? 1.239   -0.532  15.008  1.00 37.58 ? 108 LYS A NZ  1 
ATOM   728  N N   . PRO A 1 97  ? 6.301   -1.829  10.457  1.00 24.47 ? 109 PRO A N   1 
ATOM   729  C CA  . PRO A 1 97  ? 7.541   -2.415  9.951   1.00 24.10 ? 109 PRO A CA  1 
ATOM   730  C C   . PRO A 1 97  ? 7.513   -3.925  9.603   1.00 22.92 ? 109 PRO A C   1 
ATOM   731  O O   . PRO A 1 97  ? 8.180   -4.366  8.664   1.00 24.19 ? 109 PRO A O   1 
ATOM   732  C CB  . PRO A 1 97  ? 8.564   -2.105  11.071  1.00 24.16 ? 109 PRO A CB  1 
ATOM   733  C CG  . PRO A 1 97  ? 7.782   -1.602  12.231  1.00 26.14 ? 109 PRO A CG  1 
ATOM   734  C CD  . PRO A 1 97  ? 6.523   -1.015  11.662  1.00 27.04 ? 109 PRO A CD  1 
ATOM   735  N N   . GLU A 1 98  ? 6.723   -4.697  10.340  1.00 25.75 ? 110 GLU A N   1 
ATOM   736  C CA  . GLU A 1 98  ? 6.626   -6.146  10.152  1.00 27.04 ? 110 GLU A CA  1 
ATOM   737  C C   . GLU A 1 98  ? 5.931   -6.523  8.818   1.00 24.38 ? 110 GLU A C   1 
ATOM   738  O O   . GLU A 1 98  ? 6.099   -7.635  8.284   1.00 25.56 ? 110 GLU A O   1 
ATOM   739  C CB  . GLU A 1 98  ? 5.880   -6.763  11.353  1.00 29.37 ? 110 GLU A CB  1 
ATOM   740  C CG  . GLU A 1 98  ? 6.632   -6.644  12.685  1.00 31.53 ? 110 GLU A CG  1 
ATOM   741  C CD  . GLU A 1 98  ? 6.486   -5.290  13.400  1.00 34.96 ? 110 GLU A CD  1 
ATOM   742  O OE1 . GLU A 1 98  ? 5.533   -4.504  13.122  1.00 33.17 ? 110 GLU A OE1 1 
ATOM   743  O OE2 . GLU A 1 98  ? 7.324   -5.010  14.294  1.00 38.64 ? 110 GLU A OE2 1 
ATOM   744  N N   . TYR A 1 99  ? 5.188   -5.574  8.263   1.00 23.47 ? 111 TYR A N   1 
ATOM   745  C CA  . TYR A 1 99  ? 4.571   -5.736  6.944   1.00 22.23 ? 111 TYR A CA  1 
ATOM   746  C C   . TYR A 1 99  ? 5.275   -4.906  5.887   1.00 22.40 ? 111 TYR A C   1 
ATOM   747  O O   . TYR A 1 99  ? 4.774   -4.751  4.765   1.00 21.43 ? 111 TYR A O   1 
ATOM   748  C CB  . TYR A 1 99  ? 3.086   -5.397  7.023   1.00 22.17 ? 111 TYR A CB  1 
ATOM   749  C CG  . TYR A 1 99  ? 2.372   -6.381  7.923   1.00 23.04 ? 111 TYR A CG  1 
ATOM   750  C CD1 . TYR A 1 99  ? 1.874   -7.572  7.427   1.00 23.74 ? 111 TYR A CD1 1 
ATOM   751  C CD2 . TYR A 1 99  ? 2.304   -6.157  9.277   1.00 24.84 ? 111 TYR A CD2 1 
ATOM   752  C CE1 . TYR A 1 99  ? 1.262   -8.498  8.264   1.00 24.47 ? 111 TYR A CE1 1 
ATOM   753  C CE2 . TYR A 1 99  ? 1.686   -7.064  10.124  1.00 26.24 ? 111 TYR A CE2 1 
ATOM   754  C CZ  . TYR A 1 99  ? 1.171   -8.228  9.620   1.00 25.70 ? 111 TYR A CZ  1 
ATOM   755  O OH  . TYR A 1 99  ? 0.580   -9.121  10.499  1.00 28.79 ? 111 TYR A OH  1 
ATOM   756  N N   . ALA A 1 100 ? 6.454   -4.401  6.234   1.00 21.88 ? 112 ALA A N   1 
ATOM   757  C CA  . ALA A 1 100 ? 7.236   -3.595  5.322   1.00 21.55 ? 112 ALA A CA  1 
ATOM   758  C C   . ALA A 1 100 ? 8.695   -4.064  5.314   1.00 21.63 ? 112 ALA A C   1 
ATOM   759  O O   . ALA A 1 100 ? 8.985   -5.149  4.796   1.00 23.95 ? 112 ALA A O   1 
ATOM   760  C CB  . ALA A 1 100 ? 7.084   -2.133  5.668   1.00 22.15 ? 112 ALA A CB  1 
ATOM   761  N N   . TYR A 1 101 ? 9.602   -3.296  5.897   1.00 21.10 ? 113 TYR A N   1 
ATOM   762  C CA  . TYR A 1 101 ? 11.043  -3.609  5.804   1.00 22.42 ? 113 TYR A CA  1 
ATOM   763  C C   . TYR A 1 101 ? 11.661  -4.072  7.147   1.00 24.88 ? 113 TYR A C   1 
ATOM   764  O O   . TYR A 1 101 ? 12.866  -4.316  7.201   1.00 27.57 ? 113 TYR A O   1 
ATOM   765  C CB  . TYR A 1 101 ? 11.798  -2.410  5.248   1.00 21.62 ? 113 TYR A CB  1 
ATOM   766  C CG  . TYR A 1 101 ? 11.374  -2.051  3.837   1.00 20.32 ? 113 TYR A CG  1 
ATOM   767  C CD1 . TYR A 1 101 ? 11.951  -2.661  2.733   1.00 20.64 ? 113 TYR A CD1 1 
ATOM   768  C CD2 . TYR A 1 101 ? 10.370  -1.115  3.618   1.00 20.67 ? 113 TYR A CD2 1 
ATOM   769  C CE1 . TYR A 1 101 ? 11.545  -2.348  1.442   1.00 20.13 ? 113 TYR A CE1 1 
ATOM   770  C CE2 . TYR A 1 101 ? 9.975   -0.793  2.331   1.00 20.02 ? 113 TYR A CE2 1 
ATOM   771  C CZ  . TYR A 1 101 ? 10.549  -1.415  1.257   1.00 20.58 ? 113 TYR A CZ  1 
ATOM   772  O OH  . TYR A 1 101 ? 10.141  -1.088  -0.032  1.00 20.54 ? 113 TYR A OH  1 
ATOM   773  N N   . GLY A 1 102 ? 10.821  -4.178  8.183   1.00 27.20 ? 114 GLY A N   1 
ATOM   774  C CA  . GLY A 1 102 ? 11.172  -4.734  9.494   1.00 26.90 ? 114 GLY A CA  1 
ATOM   775  C C   . GLY A 1 102 ? 12.382  -4.075  10.138  1.00 28.61 ? 114 GLY A C   1 
ATOM   776  O O   . GLY A 1 102 ? 12.629  -2.881  9.960   1.00 28.49 ? 114 GLY A O   1 
ATOM   777  N N   . SER A 1 103 ? 13.172  -4.865  10.853  1.00 30.06 ? 115 SER A N   1 
ATOM   778  C CA  . SER A 1 103 ? 14.376  -4.331  11.501  1.00 31.15 ? 115 SER A CA  1 
ATOM   779  C C   . SER A 1 103 ? 15.492  -3.928  10.542  1.00 30.35 ? 115 SER A C   1 
ATOM   780  O O   . SER A 1 103 ? 16.134  -2.900  10.738  1.00 32.95 ? 115 SER A O   1 
ATOM   781  C CB  . SER A 1 103 ? 14.927  -5.331  12.528  1.00 30.75 ? 115 SER A CB  1 
ATOM   782  O OG  . SER A 1 103 ? 15.086  -6.624  11.959  1.00 31.64 ? 115 SER A OG  1 
ATOM   783  N N   . ALA A 1 104 ? 15.724  -4.720  9.504   1.00 31.38 ? 116 ALA A N   1 
ATOM   784  C CA  . ALA A 1 104 ? 16.816  -4.450  8.581   1.00 31.89 ? 116 ALA A CA  1 
ATOM   785  C C   . ALA A 1 104 ? 16.655  -3.097  7.884   1.00 32.66 ? 116 ALA A C   1 
ATOM   786  O O   . ALA A 1 104 ? 17.640  -2.377  7.686   1.00 31.88 ? 116 ALA A O   1 
ATOM   787  C CB  . ALA A 1 104 ? 16.944  -5.569  7.558   1.00 33.22 ? 116 ALA A CB  1 
ATOM   788  N N   . GLY A 1 105 ? 15.416  -2.741  7.543   1.00 29.32 ? 117 GLY A N   1 
ATOM   789  C CA  . GLY A 1 105 ? 15.166  -1.595  6.678   1.00 28.20 ? 117 GLY A CA  1 
ATOM   790  C C   . GLY A 1 105 ? 15.661  -1.852  5.276   1.00 28.54 ? 117 GLY A C   1 
ATOM   791  O O   . GLY A 1 105 ? 15.726  -2.987  4.808   1.00 30.57 ? 117 GLY A O   1 
ATOM   792  N N   . SER A 1 106 ? 16.040  -0.790  4.587   1.00 28.96 ? 118 SER A N   1 
ATOM   793  C CA  . SER A 1 106 ? 16.616  -0.955  3.284   1.00 28.50 ? 118 SER A CA  1 
ATOM   794  C C   . SER A 1 106 ? 17.443  0.290   3.042   1.00 29.52 ? 118 SER A C   1 
ATOM   795  O O   . SER A 1 106 ? 16.938  1.387   3.154   1.00 30.55 ? 118 SER A O   1 
ATOM   796  C CB  . SER A 1 106 ? 15.506  -1.107  2.238   1.00 27.05 ? 118 SER A CB  1 
ATOM   797  O OG  . SER A 1 106 ? 16.036  -1.177  0.929   1.00 27.30 ? 118 SER A OG  1 
ATOM   798  N N   . LEU A 1 107 ? 18.722  0.115   2.744   1.00 29.68 ? 119 LEU A N   1 
ATOM   799  C CA  . LEU A 1 107 ? 19.589  1.269   2.527   1.00 30.17 ? 119 LEU A CA  1 
ATOM   800  C C   . LEU A 1 107 ? 19.346  1.748   1.087   1.00 30.05 ? 119 LEU A C   1 
ATOM   801  O O   . LEU A 1 107 ? 19.173  0.927   0.189   1.00 30.62 ? 119 LEU A O   1 
ATOM   802  C CB  . LEU A 1 107 ? 21.054  0.868   2.770   1.00 31.63 ? 119 LEU A CB  1 
ATOM   803  C CG  . LEU A 1 107 ? 21.952  1.678   3.707   1.00 32.36 ? 119 LEU A CG  1 
ATOM   804  C CD1 . LEU A 1 107 ? 21.303  2.066   5.032   1.00 33.45 ? 119 LEU A CD1 1 
ATOM   805  C CD2 . LEU A 1 107 ? 23.206  0.857   3.946   1.00 32.08 ? 119 LEU A CD2 1 
ATOM   806  N N   . PRO A 1 108 ? 19.283  3.068   0.859   1.00 32.45 ? 120 PRO A N   1 
ATOM   807  C CA  . PRO A 1 108 ? 19.408  4.146   1.827   1.00 33.64 ? 120 PRO A CA  1 
ATOM   808  C C   . PRO A 1 108 ? 18.057  4.780   2.218   1.00 33.22 ? 120 PRO A C   1 
ATOM   809  O O   . PRO A 1 108 ? 18.051  5.674   3.049   1.00 34.24 ? 120 PRO A O   1 
ATOM   810  C CB  . PRO A 1 108 ? 20.258  5.156   1.062   1.00 33.64 ? 120 PRO A CB  1 
ATOM   811  C CG  . PRO A 1 108 ? 19.747  5.024   -0.341  1.00 35.01 ? 120 PRO A CG  1 
ATOM   812  C CD  . PRO A 1 108 ? 19.173  3.627   -0.499  1.00 34.28 ? 120 PRO A CD  1 
ATOM   813  N N   . LYS A 1 109 ? 16.935  4.307   1.654   1.00 31.99 ? 121 LYS A N   1 
ATOM   814  C CA  . LYS A 1 109 ? 15.636  5.001   1.820   1.00 29.36 ? 121 LYS A CA  1 
ATOM   815  C C   . LYS A 1 109 ? 14.913  4.694   3.122   1.00 29.44 ? 121 LYS A C   1 
ATOM   816  O O   . LYS A 1 109 ? 14.240  5.568   3.690   1.00 28.92 ? 121 LYS A O   1 
ATOM   817  C CB  . LYS A 1 109 ? 14.677  4.699   0.649   1.00 29.40 ? 121 LYS A CB  1 
ATOM   818  C CG  . LYS A 1 109 ? 14.824  5.606   -0.562  1.00 30.95 ? 121 LYS A CG  1 
ATOM   819  C CD  . LYS A 1 109 ? 14.432  4.895   -1.850  1.00 31.92 ? 121 LYS A CD  1 
ATOM   820  C CE  . LYS A 1 109 ? 13.947  5.840   -2.941  1.00 34.88 ? 121 LYS A CE  1 
ATOM   821  N NZ  . LYS A 1 109 ? 14.666  7.139   -3.046  1.00 32.33 ? 121 LYS A NZ  1 
ATOM   822  N N   . ILE A 1 110 ? 15.000  3.451   3.577   1.00 26.33 ? 122 ILE A N   1 
ATOM   823  C CA  . ILE A 1 110 ? 14.160  3.026   4.687   1.00 25.21 ? 122 ILE A CA  1 
ATOM   824  C C   . ILE A 1 110 ? 14.976  2.724   5.938   1.00 25.59 ? 122 ILE A C   1 
ATOM   825  O O   . ILE A 1 110 ? 15.741  1.750   5.971   1.00 27.25 ? 122 ILE A O   1 
ATOM   826  C CB  . ILE A 1 110 ? 13.308  1.796   4.343   1.00 23.63 ? 122 ILE A CB  1 
ATOM   827  C CG1 . ILE A 1 110 ? 12.749  1.882   2.934   1.00 24.91 ? 122 ILE A CG1 1 
ATOM   828  C CG2 . ILE A 1 110 ? 12.185  1.644   5.359   1.00 23.16 ? 122 ILE A CG2 1 
ATOM   829  C CD1 . ILE A 1 110 ? 11.796  3.026   2.710   1.00 26.12 ? 122 ILE A CD1 1 
ATOM   830  N N   . PRO A 1 111 ? 14.811  3.550   6.974   1.00 28.34 ? 123 PRO A N   1 
ATOM   831  C CA  . PRO A 1 111 ? 15.506  3.216   8.213   1.00 29.87 ? 123 PRO A CA  1 
ATOM   832  C C   . PRO A 1 111 ? 14.999  1.915   8.822   1.00 30.79 ? 123 PRO A C   1 
ATOM   833  O O   . PRO A 1 111 ? 13.978  1.367   8.386   1.00 27.74 ? 123 PRO A O   1 
ATOM   834  C CB  . PRO A 1 111 ? 15.160  4.381   9.142   1.00 29.76 ? 123 PRO A CB  1 
ATOM   835  C CG  . PRO A 1 111 ? 13.938  5.010   8.570   1.00 30.19 ? 123 PRO A CG  1 
ATOM   836  C CD  . PRO A 1 111 ? 14.015  4.788   7.094   1.00 28.19 ? 123 PRO A CD  1 
ATOM   837  N N   . SER A 1 112 ? 15.730  1.420   9.813   1.00 28.07 ? 124 SER A N   1 
ATOM   838  C CA  . SER A 1 112 ? 15.218  0.358   10.658  1.00 30.43 ? 124 SER A CA  1 
ATOM   839  C C   . SER A 1 112 ? 13.919  0.784   11.352  1.00 27.86 ? 124 SER A C   1 
ATOM   840  O O   . SER A 1 112 ? 13.741  1.937   11.704  1.00 29.02 ? 124 SER A O   1 
ATOM   841  C CB  . SER A 1 112 ? 16.258  -0.034  11.718  1.00 29.99 ? 124 SER A CB  1 
ATOM   842  O OG  . SER A 1 112 ? 15.726  -1.018  12.602  1.00 32.59 ? 124 SER A OG  1 
ATOM   843  N N   . ASN A 1 113 ? 13.014  -0.178  11.526  1.00 30.36 ? 125 ASN A N   1 
ATOM   844  C CA  . ASN A 1 113 ? 11.753  -0.009  12.287  1.00 29.44 ? 125 ASN A CA  1 
ATOM   845  C C   . ASN A 1 113 ? 10.835  1.134   11.807  1.00 28.40 ? 125 ASN A C   1 
ATOM   846  O O   . ASN A 1 113 ? 10.196  1.826   12.600  1.00 29.58 ? 125 ASN A O   1 
ATOM   847  C CB  . ASN A 1 113 ? 12.026  0.078   13.808  1.00 31.67 ? 125 ASN A CB  1 
ATOM   848  C CG  . ASN A 1 113 ? 11.421  -1.095  14.594  1.00 34.21 ? 125 ASN A CG  1 
ATOM   849  O OD1 . ASN A 1 113 ? 10.485  -1.762  14.142  1.00 34.13 ? 125 ASN A OD1 1 
ATOM   850  N ND2 . ASN A 1 113 ? 11.956  -1.338  15.803  1.00 37.99 ? 125 ASN A ND2 1 
ATOM   851  N N   . ALA A 1 114 ? 10.749  1.295   10.491  1.00 27.55 ? 126 ALA A N   1 
ATOM   852  C CA  . ALA A 1 114 ? 9.976   2.380   9.919   1.00 27.47 ? 126 ALA A CA  1 
ATOM   853  C C   . ALA A 1 114 ? 8.548   1.954   9.611   1.00 28.02 ? 126 ALA A C   1 
ATOM   854  O O   . ALA A 1 114 ? 8.326   0.907   9.017   1.00 28.66 ? 126 ALA A O   1 
ATOM   855  C CB  . ALA A 1 114 ? 10.646  2.871   8.656   1.00 27.35 ? 126 ALA A CB  1 
ATOM   856  N N   . THR A 1 115 ? 7.590   2.780   10.025  1.00 26.43 ? 127 THR A N   1 
ATOM   857  C CA  . THR A 1 115 ? 6.192   2.630   9.608   1.00 26.88 ? 127 THR A CA  1 
ATOM   858  C C   . THR A 1 115 ? 6.021   3.496   8.357   1.00 25.30 ? 127 THR A C   1 
ATOM   859  O O   . THR A 1 115 ? 6.483   4.626   8.333   1.00 26.00 ? 127 THR A O   1 
ATOM   860  C CB  . THR A 1 115 ? 5.227   3.070   10.727  1.00 29.02 ? 127 THR A CB  1 
ATOM   861  O OG1 . THR A 1 115 ? 5.318   2.149   11.822  1.00 30.83 ? 127 THR A OG1 1 
ATOM   862  C CG2 . THR A 1 115 ? 3.797   3.100   10.266  1.00 27.52 ? 127 THR A CG2 1 
ATOM   863  N N   . LEU A 1 116 ? 5.377   2.942   7.328   1.00 22.55 ? 128 LEU A N   1 
ATOM   864  C CA  . LEU A 1 116 ? 5.212   3.602   6.035   1.00 21.72 ? 128 LEU A CA  1 
ATOM   865  C C   . LEU A 1 116 ? 3.749   3.947   5.775   1.00 20.07 ? 128 LEU A C   1 
ATOM   866  O O   . LEU A 1 116 ? 2.826   3.189   6.151   1.00 21.86 ? 128 LEU A O   1 
ATOM   867  C CB  . LEU A 1 116 ? 5.694   2.703   4.893   1.00 22.10 ? 128 LEU A CB  1 
ATOM   868  C CG  . LEU A 1 116 ? 7.043   1.963   4.953   1.00 23.98 ? 128 LEU A CG  1 
ATOM   869  C CD1 . LEU A 1 116 ? 7.418   1.536   3.548   1.00 24.95 ? 128 LEU A CD1 1 
ATOM   870  C CD2 . LEU A 1 116 ? 8.141   2.811   5.552   1.00 24.53 ? 128 LEU A CD2 1 
ATOM   871  N N   . PHE A 1 117 ? 3.530   5.088   5.114   1.00 18.47 ? 129 PHE A N   1 
ATOM   872  C CA  . PHE A 1 117 ? 2.193   5.499   4.719   1.00 17.85 ? 129 PHE A CA  1 
ATOM   873  C C   . PHE A 1 117 ? 2.102   5.583   3.188   1.00 17.83 ? 129 PHE A C   1 
ATOM   874  O O   . PHE A 1 117 ? 2.980   6.119   2.527   1.00 19.38 ? 129 PHE A O   1 
ATOM   875  C CB  . PHE A 1 117 ? 1.807   6.847   5.326   1.00 19.64 ? 129 PHE A CB  1 
ATOM   876  C CG  . PHE A 1 117 ? 0.486   7.368   4.846   1.00 21.03 ? 129 PHE A CG  1 
ATOM   877  C CD1 . PHE A 1 117 ? -0.685  7.084   5.544   1.00 23.48 ? 129 PHE A CD1 1 
ATOM   878  C CD2 . PHE A 1 117 ? 0.407   8.145   3.696   1.00 23.56 ? 129 PHE A CD2 1 
ATOM   879  C CE1 . PHE A 1 117 ? -1.912  7.564   5.101   1.00 24.27 ? 129 PHE A CE1 1 
ATOM   880  C CE2 . PHE A 1 117 ? -0.813  8.635   3.249   1.00 23.74 ? 129 PHE A CE2 1 
ATOM   881  C CZ  . PHE A 1 117 ? -1.971  8.343   3.958   1.00 23.94 ? 129 PHE A CZ  1 
ATOM   882  N N   . PHE A 1 118 ? 1.016   5.068   2.642   1.00 16.61 ? 130 PHE A N   1 
ATOM   883  C CA  . PHE A 1 118 ? 0.779   5.124   1.192   1.00 15.25 ? 130 PHE A CA  1 
ATOM   884  C C   . PHE A 1 118 ? -0.625  5.561   0.809   1.00 16.05 ? 130 PHE A C   1 
ATOM   885  O O   . PHE A 1 118 ? -1.616  5.168   1.463   1.00 15.41 ? 130 PHE A O   1 
ATOM   886  C CB  . PHE A 1 118 ? 0.942   3.750   0.563   1.00 15.84 ? 130 PHE A CB  1 
ATOM   887  C CG  . PHE A 1 118 ? 2.332   3.189   0.637   1.00 15.57 ? 130 PHE A CG  1 
ATOM   888  C CD1 . PHE A 1 118 ? 3.241   3.484   -0.345  1.00 14.97 ? 130 PHE A CD1 1 
ATOM   889  C CD2 . PHE A 1 118 ? 2.684   2.296   1.645   1.00 15.35 ? 130 PHE A CD2 1 
ATOM   890  C CE1 . PHE A 1 118 ? 4.505   2.932   -0.319  1.00 15.87 ? 130 PHE A CE1 1 
ATOM   891  C CE2 . PHE A 1 118 ? 3.956   1.766   1.690   1.00 15.99 ? 130 PHE A CE2 1 
ATOM   892  C CZ  . PHE A 1 118 ? 4.870   2.093   0.693   1.00 15.81 ? 130 PHE A CZ  1 
ATOM   893  N N   . GLU A 1 119 ? -0.689  6.341   -0.269  1.00 14.39 ? 131 GLU A N   1 
ATOM   894  C CA  . GLU A 1 119 ? -1.894  6.550   -1.027  1.00 14.65 ? 131 GLU A CA  1 
ATOM   895  C C   . GLU A 1 119 ? -1.805  5.743   -2.318  1.00 14.66 ? 131 GLU A C   1 
ATOM   896  O O   . GLU A 1 119 ? -0.807  5.815   -3.017  1.00 16.38 ? 131 GLU A O   1 
ATOM   897  C CB  . GLU A 1 119 ? -2.070  8.057   -1.352  1.00 14.77 ? 131 GLU A CB  1 
ATOM   898  C CG  . GLU A 1 119 ? -3.205  8.328   -2.308  1.00 17.21 ? 131 GLU A CG  1 
ATOM   899  C CD  . GLU A 1 119 ? -3.443  9.807   -2.416  1.00 18.88 ? 131 GLU A CD  1 
ATOM   900  O OE1 . GLU A 1 119 ? -3.991  10.377  -1.452  1.00 20.12 ? 131 GLU A OE1 1 
ATOM   901  O OE2 . GLU A 1 119 ? -3.029  10.377  -3.453  1.00 20.61 ? 131 GLU A OE2 1 
ATOM   902  N N   . ILE A 1 120 ? -2.798  4.877   -2.605  1.00 14.31 ? 132 ILE A N   1 
ATOM   903  C CA  . ILE A 1 120 ? -2.729  4.001   -3.764  1.00 14.50 ? 132 ILE A CA  1 
ATOM   904  C C   . ILE A 1 120 ? -4.020  4.111   -4.577  1.00 15.11 ? 132 ILE A C   1 
ATOM   905  O O   . ILE A 1 120 ? -5.103  4.007   -4.032  1.00 17.09 ? 132 ILE A O   1 
ATOM   906  C CB  . ILE A 1 120 ? -2.565  2.506   -3.382  1.00 14.37 ? 132 ILE A CB  1 
ATOM   907  C CG1 . ILE A 1 120 ? -1.345  2.319   -2.479  1.00 14.94 ? 132 ILE A CG1 1 
ATOM   908  C CG2 . ILE A 1 120 ? -2.441  1.632   -4.621  1.00 14.19 ? 132 ILE A CG2 1 
ATOM   909  C CD1 . ILE A 1 120 ? -1.140  0.904   -1.975  1.00 15.23 ? 132 ILE A CD1 1 
ATOM   910  N N   . GLU A 1 121 ? -3.867  4.279   -5.884  1.00 15.89 ? 133 GLU A N   1 
ATOM   911  C CA  . GLU A 1 121 ? -4.980  4.305   -6.790  1.00 17.26 ? 133 GLU A CA  1 
ATOM   912  C C   . GLU A 1 121 ? -4.825  3.083   -7.681  1.00 17.60 ? 133 GLU A C   1 
ATOM   913  O O   . GLU A 1 121 ? -3.817  2.954   -8.363  1.00 18.59 ? 133 GLU A O   1 
ATOM   914  C CB  . GLU A 1 121 ? -4.965  5.591   -7.643  1.00 19.47 ? 133 GLU A CB  1 
ATOM   915  C CG  . GLU A 1 121 ? -6.088  5.600   -8.654  1.00 19.77 ? 133 GLU A CG  1 
ATOM   916  C CD  . GLU A 1 121 ? -6.039  6.810   -9.573  1.00 23.25 ? 133 GLU A CD  1 
ATOM   917  O OE1 . GLU A 1 121 ? -5.059  7.578   -9.514  1.00 27.62 ? 133 GLU A OE1 1 
ATOM   918  O OE2 . GLU A 1 121 ? -6.994  6.965   -10.352 1.00 26.48 ? 133 GLU A OE2 1 
ATOM   919  N N   . LEU A 1 122 ? -5.810  2.191   -7.669  1.00 17.54 ? 134 LEU A N   1 
ATOM   920  C CA  . LEU A 1 122 ? -5.800  1.007   -8.537  1.00 17.87 ? 134 LEU A CA  1 
ATOM   921  C C   . LEU A 1 122 ? -6.379  1.337   -9.903  1.00 19.23 ? 134 LEU A C   1 
ATOM   922  O O   . LEU A 1 122 ? -7.594  1.590   -10.040 1.00 20.48 ? 134 LEU A O   1 
ATOM   923  C CB  . LEU A 1 122 ? -6.566  -0.174  -7.886  1.00 17.87 ? 134 LEU A CB  1 
ATOM   924  C CG  . LEU A 1 122 ? -6.563  -1.519  -8.640  1.00 17.37 ? 134 LEU A CG  1 
ATOM   925  C CD1 . LEU A 1 122 ? -5.140  -1.930  -8.962  1.00 18.30 ? 134 LEU A CD1 1 
ATOM   926  C CD2 . LEU A 1 122 ? -7.315  -2.604  -7.849  1.00 18.50 ? 134 LEU A CD2 1 
ATOM   927  N N   . LEU A 1 123 ? -5.511  1.402   -10.906 1.00 19.88 ? 135 LEU A N   1 
ATOM   928  C CA  . LEU A 1 123 ? -5.922  1.856   -12.243 1.00 20.80 ? 135 LEU A CA  1 
ATOM   929  C C   . LEU A 1 123 ? -6.585  0.738   -13.024 1.00 22.11 ? 135 LEU A C   1 
ATOM   930  O O   . LEU A 1 123 ? -7.629  0.955   -13.664 1.00 24.13 ? 135 LEU A O   1 
ATOM   931  C CB  . LEU A 1 123 ? -4.738  2.397   -13.033 1.00 22.01 ? 135 LEU A CB  1 
ATOM   932  C CG  . LEU A 1 123 ? -3.869  3.416   -12.305 1.00 22.30 ? 135 LEU A CG  1 
ATOM   933  C CD1 . LEU A 1 123 ? -2.599  3.617   -13.112 1.00 23.47 ? 135 LEU A CD1 1 
ATOM   934  C CD2 . LEU A 1 123 ? -4.620  4.725   -12.084 1.00 23.49 ? 135 LEU A CD2 1 
ATOM   935  N N   . ASP A 1 124 ? -5.997  -0.448  -12.951 1.00 22.77 ? 136 ASP A N   1 
ATOM   936  C CA  . ASP A 1 124 ? -6.457  -1.630  -13.685 1.00 23.28 ? 136 ASP A CA  1 
ATOM   937  C C   . ASP A 1 124 ? -5.723  -2.882  -13.201 1.00 23.84 ? 136 ASP A C   1 
ATOM   938  O O   . ASP A 1 124 ? -4.726  -2.800  -12.504 1.00 20.08 ? 136 ASP A O   1 
ATOM   939  C CB  . ASP A 1 124 ? -6.226  -1.463  -15.196 1.00 26.04 ? 136 ASP A CB  1 
ATOM   940  C CG  . ASP A 1 124 ? -7.111  -2.386  -16.043 1.00 28.51 ? 136 ASP A CG  1 
ATOM   941  O OD1 . ASP A 1 124 ? -8.072  -2.998  -15.524 1.00 30.31 ? 136 ASP A OD1 1 
ATOM   942  O OD2 . ASP A 1 124 ? -6.845  -2.491  -17.257 1.00 33.78 ? 136 ASP A OD2 1 
ATOM   943  N N   . PHE A 1 125 ? -6.266  -4.046  -13.541 1.00 22.97 ? 137 PHE A N   1 
ATOM   944  C CA  . PHE A 1 125 ? -5.601  -5.313  -13.305 1.00 22.75 ? 137 PHE A CA  1 
ATOM   945  C C   . PHE A 1 125 ? -6.068  -6.330  -14.309 1.00 25.05 ? 137 PHE A C   1 
ATOM   946  O O   . PHE A 1 125 ? -7.171  -6.203  -14.872 1.00 23.31 ? 137 PHE A O   1 
ATOM   947  C CB  . PHE A 1 125 ? -5.811  -5.819  -11.864 1.00 22.80 ? 137 PHE A CB  1 
ATOM   948  C CG  . PHE A 1 125 ? -7.265  -6.005  -11.464 1.00 22.11 ? 137 PHE A CG  1 
ATOM   949  C CD1 . PHE A 1 125 ? -7.915  -7.216  -11.692 1.00 23.95 ? 137 PHE A CD1 1 
ATOM   950  C CD2 . PHE A 1 125 ? -7.954  -5.005  -10.802 1.00 21.49 ? 137 PHE A CD2 1 
ATOM   951  C CE1 . PHE A 1 125 ? -9.224  -7.408  -11.303 1.00 23.94 ? 137 PHE A CE1 1 
ATOM   952  C CE2 . PHE A 1 125 ? -9.280  -5.186  -10.417 1.00 22.54 ? 137 PHE A CE2 1 
ATOM   953  C CZ  . PHE A 1 125 ? -9.915  -6.393  -10.671 1.00 23.90 ? 137 PHE A CZ  1 
ATOM   954  N N   . LYS A 1 126 ? -5.229  -7.331  -14.532 1.00 28.70 ? 138 LYS A N   1 
ATOM   955  C CA  . LYS A 1 126 ? -5.573  -8.411  -15.439 1.00 33.14 ? 138 LYS A CA  1 
ATOM   956  C C   . LYS A 1 126 ? -4.794  -9.671  -15.125 1.00 34.96 ? 138 LYS A C   1 
ATOM   957  O O   . LYS A 1 126 ? -3.652  -9.606  -14.697 1.00 31.62 ? 138 LYS A O   1 
ATOM   958  C CB  . LYS A 1 126 ? -5.387  -7.981  -16.891 1.00 36.58 ? 138 LYS A CB  1 
ATOM   959  C CG  . LYS A 1 126 ? -4.078  -7.276  -17.206 1.00 40.48 ? 138 LYS A CG  1 
ATOM   960  C CD  . LYS A 1 126 ? -4.288  -6.361  -18.410 1.00 43.51 ? 138 LYS A CD  1 
ATOM   961  C CE  . LYS A 1 126 ? -3.000  -6.066  -19.143 1.00 46.70 ? 138 LYS A CE  1 
ATOM   962  N NZ  . LYS A 1 126 ? -3.139  -4.868  -20.024 1.00 49.59 ? 138 LYS A NZ  1 
ATOM   963  N N   . GLY A 1 127 ? -5.443  -10.819 -15.313 1.00 38.27 ? 139 GLY A N   1 
ATOM   964  C CA  . GLY A 1 127 ? -4.834  -12.110 -15.012 1.00 39.45 ? 139 GLY A CA  1 
ATOM   965  C C   . GLY A 1 127 ? -3.829  -12.505 -16.074 1.00 39.33 ? 139 GLY A C   1 
ATOM   966  O O   . GLY A 1 127 ? -3.645  -11.787 -17.045 1.00 40.41 ? 139 GLY A O   1 
HETATM 967  C CAU . 5BH B 2 .   ? 9.212   -2.919  -4.953  1.00 20.53 ? 201 5BH A CAU 1 
HETATM 968  C CAO . 5BH B 2 .   ? 9.430   -1.819  -5.931  1.00 21.96 ? 201 5BH A CAO 1 
HETATM 969  C CAP . 5BH B 2 .   ? 10.599  -0.972  -5.380  1.00 21.04 ? 201 5BH A CAP 1 
HETATM 970  C CAV . 5BH B 2 .   ? 11.179  -1.756  -4.193  1.00 21.17 ? 201 5BH A CAV 1 
HETATM 971  C CBL . 5BH B 2 .   ? 9.936   -2.428  -3.644  1.00 20.03 ? 201 5BH A CBL 1 
HETATM 972  C CBA . 5BH B 2 .   ? 10.298  -3.634  -2.783  1.00 20.49 ? 201 5BH A CBA 1 
HETATM 973  O OAE . 5BH B 2 .   ? 10.363  -4.738  -3.301  1.00 23.92 ? 201 5BH A OAE 1 
HETATM 974  N NAD . 5BH B 2 .   ? 10.368  -3.460  -1.490  1.00 20.26 ? 201 5BH A NAD 1 
HETATM 975  N NAW . 5BH B 2 .   ? 9.126   -1.410  -2.937  1.00 17.81 ? 201 5BH A NAW 1 
HETATM 976  C C   . 5BH B 2 .   ? 7.865   -1.652  -2.474  1.00 17.73 ? 201 5BH A C   1 
HETATM 977  O O   . 5BH B 2 .   ? 7.442   -2.823  -2.422  1.00 16.65 ? 201 5BH A O   1 
HETATM 978  C CA  . 5BH B 2 .   ? 7.134   -0.522  -1.917  1.00 17.02 ? 201 5BH A CA  1 
HETATM 979  C CB  . 5BH B 2 .   ? 5.659   -0.531  -2.417  1.00 16.03 ? 201 5BH A CB  1 
HETATM 980  C CAM . 5BH B 2 .   ? 5.590   -0.285  -3.839  1.00 15.06 ? 201 5BH A CAM 1 
HETATM 981  C CAN . 5BH B 2 .   ? 6.080   1.138   -4.052  1.00 15.23 ? 201 5BH A CAN 1 
HETATM 982  C CAT . 5BH B 2 .   ? 7.541   1.264   -3.652  1.00 15.46 ? 201 5BH A CAT 1 
HETATM 983  N N   . 5BH B 2 .   ? 7.702   0.817   -2.257  1.00 15.88 ? 201 5BH A N   1 
HETATM 984  C CBC . 5BH B 2 .   ? 8.354   1.537   -1.321  1.00 16.38 ? 201 5BH A CBC 1 
HETATM 985  O OAG . 5BH B 2 .   ? 8.451   1.207   -0.149  1.00 15.95 ? 201 5BH A OAG 1 
HETATM 986  C CBJ . 5BH B 2 .   ? 9.007   2.870   -1.752  1.00 16.89 ? 201 5BH A CBJ 1 
HETATM 987  C CBH . 5BH B 2 .   ? 9.298   3.765   -0.504  1.00 18.88 ? 201 5BH A CBH 1 
HETATM 988  C CAQ . 5BH B 2 .   ? 10.189  4.964   -0.850  1.00 18.76 ? 201 5BH A CAQ 1 
HETATM 989  C CAK . 5BH B 2 .   ? 10.477  5.793   0.362   1.00 19.82 ? 201 5BH A CAK 1 
HETATM 990  C CAJ . 5BH B 2 .   ? 9.117   6.362   0.806   1.00 19.33 ? 201 5BH A CAJ 1 
HETATM 991  C CAL . 5BH B 2 .   ? 8.233   5.201   1.232   1.00 20.08 ? 201 5BH A CAL 1 
HETATM 992  C CAR . 5BH B 2 .   ? 7.950   4.328   0.064   1.00 18.56 ? 201 5BH A CAR 1 
HETATM 993  C CBD . 5BH B 2 .   ? 10.245  2.587   -2.425  1.00 17.05 ? 201 5BH A CBD 1 
HETATM 994  C CAI . 5BH B 2 .   ? 11.184  1.695   -1.890  1.00 17.67 ? 201 5BH A CAI 1 
HETATM 995  C CAH . 5BH B 2 .   ? 10.559  3.275   -3.607  1.00 17.86 ? 201 5BH A CAH 1 
HETATM 996  C CBE . 5BH B 2 .   ? 11.777  3.050   -4.265  1.00 18.87 ? 201 5BH A CBE 1 
HETATM 997  O OAX . 5BH B 2 .   ? 12.188  3.669   -5.414  1.00 20.97 ? 201 5BH A OAX 1 
HETATM 998  C CAA . 5BH B 2 .   ? 11.415  4.767   -5.967  1.00 20.39 ? 201 5BH A CAA 1 
HETATM 999  C CBG . 5BH B 2 .   ? 12.681  2.162   -3.714  1.00 19.00 ? 201 5BH A CBG 1 
HETATM 1000 O OAZ . 5BH B 2 .   ? 13.893  1.937   -4.355  1.00 19.20 ? 201 5BH A OAZ 1 
HETATM 1001 C CAC . 5BH B 2 .   ? 13.849  0.987   -5.417  1.00 18.30 ? 201 5BH A CAC 1 
HETATM 1002 C CBF . 5BH B 2 .   ? 12.419  1.490   -2.533  1.00 20.09 ? 201 5BH A CBF 1 
HETATM 1003 O OAY . 5BH B 2 .   ? 13.398  0.597   -2.112  1.00 19.94 ? 201 5BH A OAY 1 
HETATM 1004 C CAB . 5BH B 2 .   ? 13.260  0.095   -0.778  1.00 21.10 ? 201 5BH A CAB 1 
HETATM 1005 O O   . HOH C 3 .   ? 5.369   1.789   -16.324 1.00 35.25 ? 301 HOH A O   1 
HETATM 1006 O O   . HOH C 3 .   ? 7.758   2.015   13.272  1.00 35.06 ? 302 HOH A O   1 
HETATM 1007 O O   . HOH C 3 .   ? -19.695 0.159   -9.997  1.00 36.71 ? 303 HOH A O   1 
HETATM 1008 O O   . HOH C 3 .   ? 5.023   -9.314  -0.180  1.00 23.93 ? 304 HOH A O   1 
HETATM 1009 O O   . HOH C 3 .   ? -2.368  -10.606 6.965   1.00 31.28 ? 305 HOH A O   1 
HETATM 1010 O O   . HOH C 3 .   ? -10.739 -10.783 -9.985  1.00 27.02 ? 306 HOH A O   1 
HETATM 1011 O O   . HOH C 3 .   ? -12.377 -2.416  -1.866  1.00 25.67 ? 307 HOH A O   1 
HETATM 1012 O O   . HOH C 3 .   ? 3.829   -9.362  -5.282  1.00 20.59 ? 308 HOH A O   1 
HETATM 1013 O O   . HOH C 3 .   ? -3.053  12.876  -4.217  1.00 18.44 ? 309 HOH A O   1 
HETATM 1014 O O   . HOH C 3 .   ? -3.794  8.882   -7.580  1.00 39.19 ? 310 HOH A O   1 
HETATM 1015 O O   . HOH C 3 .   ? -17.557 -0.528  -5.684  1.00 37.10 ? 311 HOH A O   1 
HETATM 1016 O O   . HOH C 3 .   ? 2.228   -16.643 -4.227  1.00 34.48 ? 312 HOH A O   1 
HETATM 1017 O O   . HOH C 3 .   ? -13.865 0.632   -3.726  1.00 20.69 ? 313 HOH A O   1 
HETATM 1018 O O   . HOH C 3 .   ? -1.128  -10.999 9.596   1.00 34.80 ? 314 HOH A O   1 
HETATM 1019 O O   . HOH C 3 .   ? 11.159  8.475   -5.370  1.00 33.32 ? 315 HOH A O   1 
HETATM 1020 O O   . HOH C 3 .   ? 3.699   13.546  -6.495  1.00 25.08 ? 316 HOH A O   1 
HETATM 1021 O O   . HOH C 3 .   ? 19.076  -0.493  9.015   1.00 26.38 ? 317 HOH A O   1 
HETATM 1022 O O   . HOH C 3 .   ? 12.212  -0.697  8.290   1.00 26.46 ? 318 HOH A O   1 
HETATM 1023 O O   . HOH C 3 .   ? -17.223 -6.089  -10.560 1.00 33.20 ? 319 HOH A O   1 
HETATM 1024 O O   . HOH C 3 .   ? -13.331 -3.507  -9.600  1.00 20.01 ? 320 HOH A O   1 
HETATM 1025 O O   . HOH C 3 .   ? 14.090  -6.939  9.285   1.00 34.40 ? 321 HOH A O   1 
HETATM 1026 O O   . HOH C 3 .   ? -13.246 5.723   -8.481  1.00 31.33 ? 322 HOH A O   1 
HETATM 1027 O O   . HOH C 3 .   ? -5.154  -10.432 5.171   1.00 38.10 ? 323 HOH A O   1 
HETATM 1028 O O   . HOH C 3 .   ? -6.023  -8.975  1.580   1.00 23.02 ? 324 HOH A O   1 
HETATM 1029 O O   . HOH C 3 .   ? 7.330   -6.957  3.445   1.00 22.74 ? 325 HOH A O   1 
HETATM 1030 O O   . HOH C 3 .   ? 9.578   -0.805  7.175   1.00 28.11 ? 326 HOH A O   1 
HETATM 1031 O O   . HOH C 3 .   ? 1.268   -10.465 -13.775 1.00 32.05 ? 327 HOH A O   1 
HETATM 1032 O O   . HOH C 3 .   ? -11.887 -1.919  1.807   1.00 25.63 ? 328 HOH A O   1 
HETATM 1033 O O   . HOH C 3 .   ? -0.564  0.141   10.808  1.00 28.08 ? 329 HOH A O   1 
HETATM 1034 O O   . HOH C 3 .   ? -9.774  6.934   -9.218  1.00 26.50 ? 330 HOH A O   1 
HETATM 1035 O O   . HOH C 3 .   ? -2.006  -10.865 -2.349  1.00 28.75 ? 331 HOH A O   1 
HETATM 1036 O O   . HOH C 3 .   ? -1.616  8.575   -5.606  1.00 34.21 ? 332 HOH A O   1 
HETATM 1037 O O   . HOH C 3 .   ? 6.306   4.258   -11.176 1.00 21.74 ? 333 HOH A O   1 
HETATM 1038 O O   . HOH C 3 .   ? 8.967   10.155  -7.098  1.00 32.54 ? 334 HOH A O   1 
HETATM 1039 O O   . HOH C 3 .   ? 15.833  2.144   0.124   1.00 26.64 ? 335 HOH A O   1 
HETATM 1040 O O   . HOH C 3 .   ? -16.308 7.028   -5.918  1.00 39.37 ? 336 HOH A O   1 
HETATM 1041 O O   . HOH C 3 .   ? 12.536  -7.716  10.948  1.00 36.83 ? 337 HOH A O   1 
HETATM 1042 O O   . HOH C 3 .   ? -6.770  9.303   5.505   1.00 37.07 ? 338 HOH A O   1 
HETATM 1043 O O   . HOH C 3 .   ? -10.130 -0.951  -16.003 1.00 43.16 ? 339 HOH A O   1 
HETATM 1044 O O   . HOH C 3 .   ? -10.696 4.440   17.083  1.00 51.61 ? 340 HOH A O   1 
HETATM 1045 O O   . HOH C 3 .   ? -11.261 -0.306  4.433   1.00 36.21 ? 341 HOH A O   1 
HETATM 1046 O O   . HOH C 3 .   ? 10.996  -6.239  2.854   1.00 35.72 ? 342 HOH A O   1 
HETATM 1047 O O   . HOH C 3 .   ? -10.558 13.092  4.330   1.00 42.16 ? 343 HOH A O   1 
HETATM 1048 O O   . HOH C 3 .   ? -2.080  -12.156 5.088   1.00 49.44 ? 344 HOH A O   1 
HETATM 1049 O O   . HOH C 3 .   ? -8.490  13.695  -8.210  1.00 26.27 ? 345 HOH A O   1 
HETATM 1050 O O   . HOH C 3 .   ? -12.781 3.182   4.794   1.00 31.67 ? 346 HOH A O   1 
HETATM 1051 O O   . HOH C 3 .   ? -15.895 7.907   -3.278  1.00 28.38 ? 347 HOH A O   1 
HETATM 1052 O O   . HOH C 3 .   ? 12.465  8.423   13.350  1.00 33.91 ? 348 HOH A O   1 
HETATM 1053 O O   . HOH C 3 .   ? -8.610  4.941   -12.056 1.00 45.35 ? 349 HOH A O   1 
HETATM 1054 O O   . HOH C 3 .   ? -2.228  -10.877 16.748  1.00 46.85 ? 350 HOH A O   1 
HETATM 1055 O O   . HOH C 3 .   ? -12.131 2.725   13.567  1.00 41.04 ? 351 HOH A O   1 
HETATM 1056 O O   . HOH C 3 .   ? -12.414 8.686   3.572   1.00 41.09 ? 352 HOH A O   1 
HETATM 1057 O O   . HOH C 3 .   ? -1.577  -0.156  17.369  1.00 40.14 ? 353 HOH A O   1 
HETATM 1058 O O   . HOH C 3 .   ? -8.393  -9.855  -0.727  1.00 25.62 ? 354 HOH A O   1 
HETATM 1059 O O   . HOH C 3 .   ? 9.141   6.509   10.043  1.00 39.93 ? 355 HOH A O   1 
HETATM 1060 O O   . HOH C 3 .   ? 1.692   10.648  -13.711 1.00 35.01 ? 356 HOH A O   1 
HETATM 1061 O O   . HOH C 3 .   ? 8.071   5.127   12.411  1.00 39.99 ? 357 HOH A O   1 
HETATM 1062 O O   . HOH C 3 .   ? 9.853   -7.354  7.148   1.00 37.50 ? 358 HOH A O   1 
HETATM 1063 O O   . HOH C 3 .   ? 16.800  8.632   -0.958  1.00 37.86 ? 359 HOH A O   1 
HETATM 1064 O O   . HOH C 3 .   ? 13.634  -5.700  4.142   1.00 42.12 ? 360 HOH A O   1 
HETATM 1065 O O   . HOH C 3 .   ? -17.984 -5.230  -2.731  1.00 43.83 ? 361 HOH A O   1 
HETATM 1066 O O   . HOH C 3 .   ? 7.495   2.569   -12.952 1.00 26.81 ? 362 HOH A O   1 
HETATM 1067 O O   . HOH C 3 .   ? 9.568   -7.265  -0.053  1.00 45.50 ? 363 HOH A O   1 
# 
